data_8D1L
#
_entry.id   8D1L
#
_cell.length_a   1.00
_cell.length_b   1.00
_cell.length_c   1.00
_cell.angle_alpha   90.00
_cell.angle_beta   90.00
_cell.angle_gamma   90.00
#
_symmetry.space_group_name_H-M   'P 1'
#
loop_
_entity.id
_entity.type
_entity.pdbx_description
1 polymer Bestrophin-1
2 non-polymer 'CALCIUM ION'
3 non-polymer 1,2-DIMYRISTOYL-RAC-GLYCERO-3-PHOSPHOCHOLINE
4 non-polymer 'CHLORIDE ION'
#
_entity_poly.entity_id   1
_entity_poly.type   'polypeptide(L)'
_entity_poly.pdbx_seq_one_letter_code
;MTITYTSQVANARLGSFSRLLLCWRGSIYKLLYGEFLIFLLCYYIIRFIYRLALTEEQQLMFEKLTLYCDSYIQLIPISF
VLGFYVTLVVTRWWNQYENLPWPDRLMSLVSGFVEGKDEQGRLLRRTLIRYANLGNVLILRSVSTAVYKRFPSAQHLVQA
GFMTPAEHKQLEKLSLPHNMFWVPWVWFANLSMKAWLGGRIRDPILLQSLLNEMNTLRTQCGHLYAYDWISIPLVYTQVV
TVAVYSFFLTCLVGRQFLNPAKAYPGHELDLVVPVFTFLQFFFYVGWLKVAEQLINPFGEDDDDFETNWIVDRNLQVSLL
AVDEMHQDLPRMEPDMYWNKPEPQPPYTAASAQFRRASFMGSTFNISLNKEEMEFQPNQEDEEDAHAGIIGRFLGLQSHD
HHPPRANSRTKLLWPKRESLLHEGLPKNHKAAKQNVRGQEDNKAWKLKAVDAFKSAPLYQRPGYYSAPQTPLSPTPMFFP
LEPSAPSKLHSVTGIDTKDKSLKTVSSGAKKSFELLSESDGALMEHPEVSQVRRKTVEFNLTDMPEIPENHLKEPLEQSP
TNIHTTLKDHMDPYWALENRDEAHS
;
_entity_poly.pdbx_strand_id   B,C,A,D,E
#
loop_
_chem_comp.id
_chem_comp.type
_chem_comp.name
_chem_comp.formula
CA non-polymer 'CALCIUM ION' 'Ca 2'
CL non-polymer 'CHLORIDE ION' 'Cl -1'
MC3 non-polymer 1,2-DIMYRISTOYL-RAC-GLYCERO-3-PHOSPHOCHOLINE 'C36 H72 N O8 P'
#
# COMPACT_ATOMS: atom_id res chain seq x y z
N THR A 2 18.99 -16.67 -4.70
CA THR A 2 19.08 -15.19 -4.85
C THR A 2 20.28 -14.79 -5.70
N ILE A 3 20.02 -14.07 -6.78
CA ILE A 3 21.04 -13.52 -7.64
C ILE A 3 21.17 -12.05 -7.31
N THR A 4 22.31 -11.66 -6.75
CA THR A 4 22.54 -10.27 -6.34
C THR A 4 23.36 -9.57 -7.41
N TYR A 5 22.82 -8.49 -7.97
CA TYR A 5 23.54 -7.63 -8.89
C TYR A 5 23.50 -6.17 -8.43
N THR A 6 23.34 -5.95 -7.12
CA THR A 6 23.21 -4.59 -6.60
C THR A 6 24.45 -3.76 -6.90
N SER A 7 25.64 -4.35 -6.72
CA SER A 7 26.86 -3.60 -6.94
C SER A 7 27.03 -3.20 -8.40
N GLN A 8 26.46 -3.99 -9.32
CA GLN A 8 26.60 -3.70 -10.74
C GLN A 8 25.72 -2.55 -11.18
N VAL A 9 24.70 -2.18 -10.41
CA VAL A 9 23.78 -1.12 -10.78
C VAL A 9 23.79 -0.02 -9.73
N ALA A 10 24.94 0.16 -9.08
CA ALA A 10 25.06 1.22 -8.08
C ALA A 10 24.84 2.59 -8.73
N ASN A 11 25.43 2.80 -9.90
CA ASN A 11 25.31 4.06 -10.63
C ASN A 11 24.63 3.80 -11.97
N ALA A 12 23.97 4.85 -12.48
CA ALA A 12 23.35 4.80 -13.80
C ALA A 12 24.40 5.13 -14.84
N ARG A 13 25.20 4.12 -15.17
CA ARG A 13 26.28 4.28 -16.13
C ARG A 13 25.80 3.94 -17.54
N LEU A 14 26.65 4.24 -18.52
CA LEU A 14 26.32 3.97 -19.91
C LEU A 14 26.04 2.48 -20.10
N GLY A 15 24.85 2.18 -20.60
CA GLY A 15 24.47 0.79 -20.78
C GLY A 15 24.45 0.00 -19.48
N SER A 16 23.94 0.61 -18.41
CA SER A 16 23.94 -0.05 -17.12
C SER A 16 23.14 -1.35 -17.16
N PHE A 17 21.90 -1.28 -17.65
CA PHE A 17 21.08 -2.48 -17.75
C PHE A 17 21.47 -3.33 -18.95
N SER A 18 22.21 -2.76 -19.90
CA SER A 18 22.70 -3.54 -21.04
C SER A 18 23.63 -4.66 -20.58
N ARG A 19 24.53 -4.35 -19.65
CA ARG A 19 25.48 -5.35 -19.20
C ARG A 19 24.78 -6.51 -18.50
N LEU A 20 23.61 -6.25 -17.89
CA LEU A 20 22.88 -7.31 -17.22
C LEU A 20 22.30 -8.32 -18.21
N LEU A 21 22.29 -7.99 -19.50
CA LEU A 21 21.86 -8.96 -20.51
C LEU A 21 22.92 -10.04 -20.75
N LEU A 22 24.12 -9.87 -20.25
CA LEU A 22 25.18 -10.87 -20.36
C LEU A 22 25.28 -11.74 -19.12
N CYS A 23 24.16 -12.00 -18.44
CA CYS A 23 24.12 -12.88 -17.28
C CYS A 23 23.30 -14.12 -17.60
N TRP A 24 23.76 -15.26 -17.09
CA TRP A 24 23.08 -16.54 -17.31
C TRP A 24 22.26 -16.99 -16.11
N ARG A 25 22.86 -17.04 -14.93
CA ARG A 25 22.13 -17.50 -13.76
C ARG A 25 21.02 -16.52 -13.40
N GLY A 26 19.82 -17.05 -13.20
CA GLY A 26 18.66 -16.21 -12.94
C GLY A 26 18.22 -15.37 -14.11
N SER A 27 18.60 -15.74 -15.32
CA SER A 27 18.36 -14.91 -16.49
C SER A 27 17.09 -15.33 -17.21
N ILE A 28 16.64 -14.46 -18.12
CA ILE A 28 15.49 -14.78 -18.96
C ILE A 28 15.81 -15.95 -19.87
N TYR A 29 17.02 -15.99 -20.42
CA TYR A 29 17.40 -17.08 -21.32
C TYR A 29 17.25 -18.42 -20.63
N LYS A 30 17.84 -18.55 -19.45
CA LYS A 30 17.76 -19.81 -18.71
C LYS A 30 16.32 -20.19 -18.43
N LEU A 31 15.45 -19.20 -18.19
CA LEU A 31 14.08 -19.49 -17.79
C LEU A 31 13.21 -19.91 -18.96
N LEU A 32 13.43 -19.37 -20.17
CA LEU A 32 12.52 -19.65 -21.27
C LEU A 32 13.17 -20.25 -22.50
N TYR A 33 14.39 -20.76 -22.43
CA TYR A 33 15.00 -21.32 -23.62
C TYR A 33 14.26 -22.56 -24.11
N GLY A 34 13.78 -23.40 -23.20
CA GLY A 34 13.04 -24.58 -23.62
C GLY A 34 11.73 -24.23 -24.31
N GLU A 35 10.97 -23.31 -23.73
CA GLU A 35 9.74 -22.86 -24.37
C GLU A 35 10.03 -22.22 -25.71
N PHE A 36 11.10 -21.43 -25.81
CA PHE A 36 11.43 -20.81 -27.08
C PHE A 36 11.80 -21.85 -28.13
N LEU A 37 12.55 -22.89 -27.72
CA LEU A 37 12.89 -23.94 -28.66
C LEU A 37 11.64 -24.66 -29.17
N ILE A 38 10.70 -24.95 -28.26
CA ILE A 38 9.46 -25.59 -28.68
C ILE A 38 8.70 -24.70 -29.66
N PHE A 39 8.60 -23.41 -29.33
CA PHE A 39 7.88 -22.48 -30.20
C PHE A 39 8.54 -22.38 -31.57
N LEU A 40 9.88 -22.32 -31.60
CA LEU A 40 10.61 -22.22 -32.86
C LEU A 40 10.40 -23.48 -33.70
N LEU A 41 10.47 -24.65 -33.08
CA LEU A 41 10.26 -25.89 -33.80
C LEU A 41 8.86 -25.94 -34.39
N CYS A 42 7.86 -25.56 -33.60
CA CYS A 42 6.49 -25.59 -34.11
C CYS A 42 6.31 -24.60 -35.25
N TYR A 43 6.89 -23.40 -35.11
CA TYR A 43 6.77 -22.39 -36.15
C TYR A 43 7.35 -22.90 -37.47
N TYR A 44 8.54 -23.49 -37.42
CA TYR A 44 9.16 -23.93 -38.66
C TYR A 44 8.56 -25.21 -39.20
N ILE A 45 7.99 -26.06 -38.34
CA ILE A 45 7.20 -27.19 -38.85
C ILE A 45 6.00 -26.70 -39.63
N ILE A 46 5.31 -25.69 -39.09
CA ILE A 46 4.17 -25.12 -39.80
C ILE A 46 4.63 -24.50 -41.12
N ARG A 47 5.78 -23.81 -41.09
CA ARG A 47 6.28 -23.19 -42.31
C ARG A 47 6.56 -24.23 -43.38
N PHE A 48 7.24 -25.32 -43.01
CA PHE A 48 7.55 -26.36 -43.98
C PHE A 48 6.29 -27.04 -44.50
N ILE A 49 5.33 -27.31 -43.62
CA ILE A 49 4.09 -27.92 -44.06
C ILE A 49 3.41 -27.01 -45.09
N TYR A 50 3.29 -25.72 -44.77
CA TYR A 50 2.64 -24.79 -45.68
C TYR A 50 3.38 -24.70 -47.01
N ARG A 51 4.70 -24.66 -46.97
CA ARG A 51 5.47 -24.44 -48.19
C ARG A 51 5.51 -25.66 -49.09
N LEU A 52 5.56 -26.86 -48.51
CA LEU A 52 5.74 -28.08 -49.30
C LEU A 52 4.46 -28.91 -49.40
N ALA A 53 3.84 -29.26 -48.28
CA ALA A 53 2.74 -30.22 -48.33
C ALA A 53 1.52 -29.64 -49.01
N LEU A 54 1.12 -28.42 -48.64
CA LEU A 54 -0.15 -27.89 -49.10
C LEU A 54 -0.15 -27.66 -50.60
N THR A 55 -1.29 -27.92 -51.23
CA THR A 55 -1.48 -27.66 -52.65
C THR A 55 -1.81 -26.18 -52.87
N GLU A 56 -2.09 -25.83 -54.13
CA GLU A 56 -2.34 -24.43 -54.47
C GLU A 56 -3.57 -23.91 -53.74
N GLU A 57 -4.70 -24.62 -53.83
CA GLU A 57 -5.90 -24.19 -53.14
C GLU A 57 -5.71 -24.27 -51.62
N GLN A 58 -5.03 -25.30 -51.15
CA GLN A 58 -4.72 -25.39 -49.73
C GLN A 58 -3.84 -24.24 -49.28
N GLN A 59 -2.86 -23.88 -50.11
CA GLN A 59 -1.99 -22.76 -49.77
C GLN A 59 -2.78 -21.45 -49.73
N LEU A 60 -3.72 -21.27 -50.66
CA LEU A 60 -4.55 -20.06 -50.62
C LEU A 60 -5.40 -20.02 -49.36
N MET A 61 -5.98 -21.16 -48.98
CA MET A 61 -6.74 -21.22 -47.75
C MET A 61 -5.87 -20.89 -46.54
N PHE A 62 -4.65 -21.43 -46.52
CA PHE A 62 -3.74 -21.16 -45.41
C PHE A 62 -3.35 -19.69 -45.38
N GLU A 63 -3.16 -19.07 -46.54
CA GLU A 63 -2.84 -17.65 -46.58
C GLU A 63 -3.99 -16.81 -46.04
N LYS A 64 -5.23 -17.13 -46.43
CA LYS A 64 -6.37 -16.41 -45.89
C LYS A 64 -6.44 -16.58 -44.37
N LEU A 65 -6.21 -17.80 -43.89
CA LEU A 65 -6.17 -18.03 -42.44
C LEU A 65 -5.08 -17.21 -41.78
N THR A 66 -3.91 -17.11 -42.43
CA THR A 66 -2.81 -16.37 -41.84
C THR A 66 -3.14 -14.89 -41.71
N LEU A 67 -3.73 -14.31 -42.76
CA LEU A 67 -4.17 -12.92 -42.64
C LEU A 67 -5.22 -12.76 -41.55
N TYR A 68 -6.19 -13.67 -41.49
CA TYR A 68 -7.23 -13.58 -40.48
C TYR A 68 -6.64 -13.64 -39.07
N CYS A 69 -5.68 -14.53 -38.86
CA CYS A 69 -5.05 -14.65 -37.55
C CYS A 69 -4.25 -13.40 -37.22
N ASP A 70 -3.38 -12.97 -38.14
CA ASP A 70 -2.57 -11.79 -37.88
C ASP A 70 -3.44 -10.58 -37.58
N SER A 71 -4.67 -10.55 -38.10
CA SER A 71 -5.58 -9.46 -37.76
C SER A 71 -6.09 -9.58 -36.32
N TYR A 72 -6.17 -10.79 -35.79
CA TYR A 72 -6.80 -11.06 -34.48
C TYR A 72 -5.79 -11.11 -33.35
N ILE A 73 -4.57 -10.61 -33.56
CA ILE A 73 -3.53 -10.61 -32.54
C ILE A 73 -3.53 -9.24 -31.87
N GLN A 74 -3.77 -9.22 -30.56
CA GLN A 74 -3.87 -7.99 -29.79
C GLN A 74 -2.94 -8.07 -28.59
N LEU A 75 -2.23 -6.96 -28.32
CA LEU A 75 -1.26 -6.92 -27.24
C LEU A 75 -1.69 -6.04 -26.07
N ILE A 76 -2.89 -5.46 -26.11
CA ILE A 76 -3.35 -4.61 -25.01
C ILE A 76 -3.80 -5.49 -23.85
N PRO A 77 -4.72 -6.44 -24.06
CA PRO A 77 -5.19 -7.24 -22.91
C PRO A 77 -4.09 -8.06 -22.27
N ILE A 78 -3.19 -8.62 -23.07
CA ILE A 78 -2.10 -9.43 -22.52
C ILE A 78 -1.21 -8.56 -21.65
N SER A 79 -0.88 -7.36 -22.12
CA SER A 79 -0.06 -6.45 -21.33
C SER A 79 -0.77 -6.06 -20.04
N PHE A 80 -2.07 -5.76 -20.12
CA PHE A 80 -2.83 -5.40 -18.92
C PHE A 80 -2.76 -6.52 -17.89
N VAL A 81 -3.14 -7.73 -18.31
CA VAL A 81 -3.26 -8.84 -17.36
C VAL A 81 -1.90 -9.22 -16.81
N LEU A 82 -0.87 -9.25 -17.68
CA LEU A 82 0.46 -9.57 -17.19
C LEU A 82 0.94 -8.53 -16.20
N GLY A 83 0.74 -7.25 -16.49
CA GLY A 83 1.17 -6.22 -15.57
C GLY A 83 0.53 -6.36 -14.21
N PHE A 84 -0.80 -6.52 -14.18
CA PHE A 84 -1.48 -6.61 -12.89
C PHE A 84 -1.09 -7.88 -12.15
N TYR A 85 -1.08 -9.02 -12.84
CA TYR A 85 -0.79 -10.29 -12.18
C TYR A 85 0.65 -10.33 -11.67
N VAL A 86 1.59 -9.86 -12.47
CA VAL A 86 3.00 -9.86 -12.05
C VAL A 86 3.21 -8.87 -10.92
N THR A 87 2.49 -7.74 -10.93
CA THR A 87 2.58 -6.83 -9.80
C THR A 87 2.11 -7.52 -8.52
N LEU A 88 1.00 -8.24 -8.59
CA LEU A 88 0.54 -8.99 -7.42
C LEU A 88 1.57 -10.00 -6.96
N VAL A 89 2.15 -10.74 -7.92
CA VAL A 89 3.12 -11.78 -7.57
C VAL A 89 4.34 -11.16 -6.90
N VAL A 90 4.82 -10.04 -7.42
CA VAL A 90 6.01 -9.39 -6.85
C VAL A 90 5.70 -8.84 -5.47
N THR A 91 4.51 -8.27 -5.29
CA THR A 91 4.12 -7.79 -3.97
C THR A 91 4.13 -8.92 -2.96
N ARG A 92 3.53 -10.06 -3.32
CA ARG A 92 3.52 -11.20 -2.42
C ARG A 92 4.92 -11.74 -2.18
N TRP A 93 5.78 -11.69 -3.19
CA TRP A 93 7.16 -12.14 -3.04
C TRP A 93 7.90 -11.32 -2.00
N TRP A 94 7.78 -10.00 -2.07
CA TRP A 94 8.46 -9.16 -1.09
C TRP A 94 7.81 -9.31 0.28
N ASN A 95 6.48 -9.46 0.35
CA ASN A 95 5.83 -9.70 1.62
C ASN A 95 6.32 -10.99 2.26
N GLN A 96 6.55 -12.02 1.46
CA GLN A 96 7.05 -13.28 1.98
C GLN A 96 8.48 -13.13 2.47
N TYR A 97 9.29 -12.31 1.80
CA TYR A 97 10.61 -12.04 2.36
C TYR A 97 10.48 -11.33 3.70
N GLU A 98 9.58 -10.35 3.80
CA GLU A 98 9.46 -9.56 5.02
C GLU A 98 9.00 -10.41 6.21
N ASN A 99 8.47 -11.60 5.96
CA ASN A 99 8.01 -12.47 7.02
C ASN A 99 9.00 -13.59 7.33
N LEU A 100 10.20 -13.51 6.79
CA LEU A 100 11.25 -14.44 7.21
C LEU A 100 11.72 -14.03 8.60
N PRO A 101 11.66 -14.90 9.60
CA PRO A 101 11.98 -14.48 10.97
C PRO A 101 13.48 -14.34 11.17
N TRP A 102 13.87 -13.27 11.87
CA TRP A 102 15.24 -13.04 12.29
C TRP A 102 15.27 -12.94 13.81
N PRO A 103 16.12 -13.71 14.49
CA PRO A 103 16.13 -13.68 15.96
C PRO A 103 16.95 -12.56 16.57
N ASP A 104 17.29 -11.52 15.81
CA ASP A 104 18.26 -10.53 16.29
C ASP A 104 17.71 -9.72 17.45
N ARG A 105 16.50 -9.18 17.31
CA ARG A 105 15.88 -8.47 18.42
C ARG A 105 15.72 -9.40 19.61
N LEU A 106 15.20 -10.60 19.36
CA LEU A 106 14.99 -11.57 20.42
C LEU A 106 16.31 -11.97 21.07
N MET A 107 17.36 -12.20 20.27
CA MET A 107 18.60 -12.65 20.87
C MET A 107 19.26 -11.54 21.67
N SER A 108 19.14 -10.28 21.23
CA SER A 108 19.63 -9.19 22.04
C SER A 108 18.91 -9.13 23.38
N LEU A 109 17.59 -9.27 23.36
CA LEU A 109 16.85 -9.25 24.63
C LEU A 109 17.22 -10.44 25.51
N VAL A 110 17.38 -11.63 24.92
CA VAL A 110 17.71 -12.80 25.71
C VAL A 110 19.10 -12.65 26.33
N SER A 111 20.05 -12.15 25.55
CA SER A 111 21.40 -11.94 26.06
C SER A 111 21.41 -10.92 27.20
N GLY A 112 20.66 -9.84 27.05
CA GLY A 112 20.67 -8.81 28.09
C GLY A 112 19.94 -9.22 29.35
N PHE A 113 18.72 -9.74 29.21
CA PHE A 113 17.80 -9.87 30.34
C PHE A 113 17.99 -11.14 31.15
N VAL A 114 18.28 -12.27 30.52
CA VAL A 114 18.40 -13.54 31.22
C VAL A 114 19.79 -13.57 31.84
N GLU A 115 19.84 -13.55 33.17
CA GLU A 115 21.08 -13.31 33.89
C GLU A 115 21.72 -14.62 34.35
N GLY A 116 23.03 -14.55 34.57
CA GLY A 116 23.78 -15.67 35.08
C GLY A 116 24.88 -16.16 34.15
N LYS A 117 26.13 -16.03 34.57
CA LYS A 117 27.26 -16.54 33.83
C LYS A 117 27.56 -18.00 34.14
N ASP A 118 26.83 -18.61 35.07
CA ASP A 118 27.05 -20.02 35.39
C ASP A 118 26.47 -20.91 34.29
N GLU A 119 26.57 -22.22 34.49
CA GLU A 119 26.11 -23.21 33.49
C GLU A 119 24.59 -23.22 33.40
N GLN A 120 23.87 -22.85 34.46
CA GLN A 120 22.42 -22.77 34.38
C GLN A 120 21.97 -21.60 33.53
N GLY A 121 22.61 -20.43 33.69
CA GLY A 121 22.26 -19.30 32.86
C GLY A 121 22.58 -19.52 31.40
N ARG A 122 23.75 -20.09 31.11
CA ARG A 122 24.09 -20.45 29.74
C ARG A 122 23.04 -21.37 29.15
N LEU A 123 22.68 -22.41 29.90
CA LEU A 123 21.72 -23.39 29.41
C LEU A 123 20.37 -22.74 29.16
N LEU A 124 19.93 -21.86 30.05
CA LEU A 124 18.64 -21.21 29.89
C LEU A 124 18.62 -20.31 28.66
N ARG A 125 19.64 -19.47 28.49
CA ARG A 125 19.69 -18.59 27.34
C ARG A 125 19.76 -19.38 26.04
N ARG A 126 20.63 -20.39 26.01
CA ARG A 126 20.77 -21.20 24.80
C ARG A 126 19.47 -21.92 24.48
N THR A 127 18.77 -22.43 25.50
CA THR A 127 17.52 -23.14 25.27
C THR A 127 16.45 -22.20 24.72
N LEU A 128 16.35 -20.98 25.26
CA LEU A 128 15.37 -20.04 24.74
C LEU A 128 15.63 -19.71 23.28
N ILE A 129 16.88 -19.35 22.96
CA ILE A 129 17.17 -18.97 21.58
C ILE A 129 17.06 -20.18 20.66
N ARG A 130 17.32 -21.39 21.20
CA ARG A 130 17.14 -22.61 20.41
C ARG A 130 15.68 -22.87 20.12
N TYR A 131 14.79 -22.56 21.08
CA TYR A 131 13.35 -22.68 20.80
C TYR A 131 12.95 -21.75 19.68
N ALA A 132 13.45 -20.51 19.71
CA ALA A 132 13.18 -19.59 18.60
C ALA A 132 13.64 -20.18 17.27
N ASN A 133 14.89 -20.63 17.21
CA ASN A 133 15.43 -21.18 15.98
C ASN A 133 14.68 -22.43 15.54
N LEU A 134 14.22 -23.24 16.50
CA LEU A 134 13.50 -24.46 16.15
C LEU A 134 12.14 -24.14 15.55
N GLY A 135 11.43 -23.16 16.11
CA GLY A 135 10.19 -22.75 15.48
C GLY A 135 10.41 -22.26 14.06
N ASN A 136 11.45 -21.44 13.87
CA ASN A 136 11.75 -20.94 12.54
C ASN A 136 12.00 -22.02 11.50
N VAL A 137 12.84 -23.01 11.83
CA VAL A 137 13.17 -24.04 10.86
C VAL A 137 12.02 -25.03 10.66
N LEU A 138 11.20 -25.18 11.72
CA LEU A 138 9.99 -26.03 11.65
C LEU A 138 9.10 -25.45 10.56
N ILE A 139 8.86 -24.13 10.57
CA ILE A 139 8.02 -23.50 9.55
C ILE A 139 8.74 -23.50 8.20
N LEU A 140 10.05 -23.24 8.21
CA LEU A 140 10.78 -23.16 6.94
C LEU A 140 10.81 -24.51 6.23
N ARG A 141 11.05 -25.59 6.96
CA ARG A 141 11.00 -26.90 6.33
C ARG A 141 9.60 -27.28 5.92
N SER A 142 8.57 -26.66 6.53
CA SER A 142 7.22 -26.84 6.03
C SER A 142 7.00 -26.14 4.70
N VAL A 143 7.62 -24.99 4.48
CA VAL A 143 7.32 -24.18 3.30
C VAL A 143 8.43 -24.16 2.25
N SER A 144 9.65 -24.57 2.57
CA SER A 144 10.78 -24.44 1.63
C SER A 144 11.26 -25.82 1.23
N THR A 145 11.42 -26.04 -0.08
CA THR A 145 11.82 -27.35 -0.58
C THR A 145 13.29 -27.63 -0.29
N ALA A 146 14.13 -26.59 -0.32
CA ALA A 146 15.54 -26.78 -0.01
C ALA A 146 15.74 -27.16 1.45
N VAL A 147 15.06 -26.45 2.35
CA VAL A 147 15.15 -26.77 3.77
C VAL A 147 14.57 -28.15 4.03
N TYR A 148 13.47 -28.49 3.36
CA TYR A 148 12.89 -29.82 3.52
C TYR A 148 13.87 -30.88 3.07
N LYS A 149 14.52 -30.67 1.93
CA LYS A 149 15.51 -31.63 1.46
C LYS A 149 16.68 -31.74 2.42
N ARG A 150 16.98 -30.66 3.14
CA ARG A 150 18.01 -30.75 4.18
C ARG A 150 17.51 -31.50 5.41
N PHE A 151 16.25 -31.29 5.78
CA PHE A 151 15.66 -31.90 6.98
C PHE A 151 14.37 -32.61 6.60
N PRO A 152 14.47 -33.73 5.88
CA PRO A 152 13.25 -34.42 5.43
C PRO A 152 12.47 -35.08 6.55
N SER A 153 12.99 -35.11 7.77
CA SER A 153 12.28 -35.68 8.90
C SER A 153 12.72 -34.97 10.17
N ALA A 154 11.94 -35.16 11.24
CA ALA A 154 12.29 -34.56 12.53
C ALA A 154 13.55 -35.19 13.10
N GLN A 155 13.79 -36.47 12.80
CA GLN A 155 15.04 -37.10 13.24
C GLN A 155 16.24 -36.42 12.59
N HIS A 156 16.07 -35.88 11.38
CA HIS A 156 17.15 -35.10 10.78
C HIS A 156 17.39 -33.81 11.57
N LEU A 157 16.32 -33.19 12.08
CA LEU A 157 16.48 -32.03 12.94
C LEU A 157 17.23 -32.41 14.21
N VAL A 158 16.95 -33.58 14.77
CA VAL A 158 17.69 -34.02 15.95
C VAL A 158 19.16 -34.24 15.62
N GLN A 159 19.43 -34.89 14.49
CA GLN A 159 20.81 -35.18 14.11
C GLN A 159 21.58 -33.90 13.79
N ALA A 160 20.88 -32.87 13.33
CA ALA A 160 21.52 -31.61 12.97
C ALA A 160 21.68 -30.67 14.15
N GLY A 161 21.18 -31.03 15.33
CA GLY A 161 21.34 -30.22 16.52
C GLY A 161 20.28 -29.16 16.74
N PHE A 162 19.32 -29.02 15.83
CA PHE A 162 18.25 -28.05 16.03
C PHE A 162 17.29 -28.47 17.13
N MET A 163 17.14 -29.78 17.35
CA MET A 163 16.23 -30.30 18.36
C MET A 163 16.96 -31.38 19.15
N THR A 164 16.66 -31.46 20.44
CA THR A 164 17.22 -32.52 21.26
C THR A 164 16.30 -33.74 21.24
N PRO A 165 16.82 -34.91 21.62
CA PRO A 165 15.93 -36.09 21.70
C PRO A 165 14.77 -35.89 22.66
N ALA A 166 15.00 -35.19 23.79
CA ALA A 166 13.90 -34.91 24.70
C ALA A 166 12.84 -34.04 24.05
N GLU A 167 13.26 -33.03 23.29
CA GLU A 167 12.32 -32.18 22.58
C GLU A 167 11.57 -32.97 21.52
N HIS A 168 12.26 -33.90 20.85
CA HIS A 168 11.60 -34.74 19.85
C HIS A 168 10.53 -35.62 20.50
N LYS A 169 10.87 -36.22 21.65
CA LYS A 169 9.88 -37.02 22.35
C LYS A 169 8.69 -36.18 22.78
N GLN A 170 8.95 -34.97 23.28
CA GLN A 170 7.86 -34.09 23.69
C GLN A 170 6.98 -33.73 22.51
N LEU A 171 7.58 -33.45 21.36
CA LEU A 171 6.81 -33.16 20.16
C LEU A 171 5.95 -34.35 19.76
N GLU A 172 6.52 -35.55 19.83
CA GLU A 172 5.75 -36.75 19.52
C GLU A 172 4.57 -36.92 20.47
N LYS A 173 4.78 -36.58 21.75
CA LYS A 173 3.70 -36.70 22.73
C LYS A 173 2.54 -35.77 22.38
N LEU A 174 2.84 -34.57 21.88
CA LEU A 174 1.84 -33.56 21.62
C LEU A 174 1.21 -33.68 20.25
N SER A 175 1.54 -34.71 19.48
CA SER A 175 1.17 -34.78 18.08
C SER A 175 -0.32 -34.55 17.87
N LEU A 176 -0.65 -33.55 17.08
CA LEU A 176 -1.99 -33.28 16.58
C LEU A 176 -1.98 -33.41 15.07
N PRO A 177 -3.15 -33.58 14.44
CA PRO A 177 -3.20 -33.73 12.98
C PRO A 177 -3.09 -32.40 12.23
N HIS A 178 -2.16 -31.56 12.65
CA HIS A 178 -1.80 -30.35 11.91
C HIS A 178 -0.33 -30.07 12.13
N ASN A 179 0.17 -29.06 11.43
CA ASN A 179 1.56 -28.66 11.56
C ASN A 179 1.85 -28.21 12.98
N MET A 180 2.93 -28.74 13.56
CA MET A 180 3.30 -28.48 14.94
C MET A 180 4.35 -27.38 15.07
N PHE A 181 4.46 -26.50 14.08
CA PHE A 181 5.49 -25.46 14.13
C PHE A 181 5.25 -24.47 15.26
N TRP A 182 4.05 -24.44 15.83
CA TRP A 182 3.70 -23.48 16.88
C TRP A 182 4.18 -23.91 18.27
N VAL A 183 4.56 -25.18 18.44
CA VAL A 183 4.85 -25.69 19.78
C VAL A 183 6.03 -24.95 20.43
N PRO A 184 7.14 -24.69 19.73
CA PRO A 184 8.27 -24.04 20.40
C PRO A 184 7.92 -22.70 20.98
N TRP A 185 6.88 -22.03 20.50
CA TRP A 185 6.48 -20.75 21.08
C TRP A 185 5.83 -20.94 22.44
N VAL A 186 4.98 -21.95 22.58
CA VAL A 186 4.45 -22.27 23.90
C VAL A 186 5.56 -22.69 24.84
N TRP A 187 6.51 -23.49 24.34
CA TRP A 187 7.66 -23.86 25.17
C TRP A 187 8.42 -22.64 25.62
N PHE A 188 8.67 -21.71 24.69
CA PHE A 188 9.43 -20.50 25.01
C PHE A 188 8.70 -19.68 26.07
N ALA A 189 7.39 -19.51 25.92
CA ALA A 189 6.63 -18.74 26.89
C ALA A 189 6.72 -19.37 28.27
N ASN A 190 6.55 -20.69 28.34
CA ASN A 190 6.57 -21.36 29.64
C ASN A 190 7.97 -21.32 30.26
N LEU A 191 9.00 -21.47 29.44
CA LEU A 191 10.37 -21.43 29.96
C LEU A 191 10.72 -20.03 30.44
N SER A 192 10.29 -18.99 29.71
CA SER A 192 10.53 -17.63 30.16
C SER A 192 9.80 -17.36 31.47
N MET A 193 8.57 -17.84 31.60
CA MET A 193 7.86 -17.67 32.87
C MET A 193 8.60 -18.37 34.00
N LYS A 194 9.10 -19.58 33.74
CA LYS A 194 9.88 -20.28 34.75
C LYS A 194 11.13 -19.50 35.13
N ALA A 195 11.81 -18.93 34.13
CA ALA A 195 13.01 -18.14 34.40
C ALA A 195 12.70 -16.93 35.26
N TRP A 196 11.58 -16.25 34.98
CA TRP A 196 11.19 -15.12 35.81
C TRP A 196 10.87 -15.57 37.24
N LEU A 197 10.07 -16.62 37.38
CA LEU A 197 9.75 -17.12 38.70
C LEU A 197 10.98 -17.63 39.43
N GLY A 198 11.96 -18.14 38.70
CA GLY A 198 13.19 -18.61 39.27
C GLY A 198 14.23 -17.56 39.56
N GLY A 199 13.94 -16.29 39.26
CA GLY A 199 14.84 -15.20 39.54
C GLY A 199 15.86 -14.91 38.46
N ARG A 200 15.88 -15.68 37.38
CA ARG A 200 16.84 -15.42 36.30
C ARG A 200 16.47 -14.18 35.51
N ILE A 201 15.18 -13.91 35.35
CA ILE A 201 14.69 -12.66 34.78
C ILE A 201 14.23 -11.80 35.94
N ARG A 202 14.76 -10.59 36.04
CA ARG A 202 14.64 -9.80 37.25
C ARG A 202 13.32 -9.08 37.38
N ASP A 203 12.69 -8.67 36.29
CA ASP A 203 11.47 -7.88 36.35
C ASP A 203 10.47 -8.38 35.32
N PRO A 204 9.17 -8.35 35.63
CA PRO A 204 8.19 -8.84 34.65
C PRO A 204 8.11 -8.02 33.37
N ILE A 205 8.56 -6.76 33.37
CA ILE A 205 8.52 -6.00 32.12
C ILE A 205 9.54 -6.55 31.13
N LEU A 206 10.67 -7.05 31.63
CA LEU A 206 11.62 -7.71 30.75
C LEU A 206 11.02 -8.99 30.17
N LEU A 207 10.26 -9.73 30.98
CA LEU A 207 9.56 -10.89 30.48
C LEU A 207 8.56 -10.50 29.39
N GLN A 208 7.85 -9.39 29.59
CA GLN A 208 6.89 -8.91 28.57
C GLN A 208 7.64 -8.55 27.28
N SER A 209 8.82 -7.94 27.38
CA SER A 209 9.60 -7.63 26.19
C SER A 209 10.01 -8.91 25.45
N LEU A 210 10.52 -9.89 26.20
CA LEU A 210 10.90 -11.16 25.59
C LEU A 210 9.73 -11.78 24.84
N LEU A 211 8.58 -11.84 25.50
CA LEU A 211 7.45 -12.51 24.87
C LEU A 211 6.88 -11.70 23.72
N ASN A 212 7.00 -10.37 23.75
CA ASN A 212 6.57 -9.57 22.62
C ASN A 212 7.44 -9.86 21.40
N GLU A 213 8.76 -9.93 21.57
CA GLU A 213 9.61 -10.27 20.45
C GLU A 213 9.32 -11.67 19.93
N MET A 214 9.14 -12.62 20.85
CA MET A 214 8.81 -13.98 20.45
C MET A 214 7.50 -14.03 19.67
N ASN A 215 6.49 -13.28 20.12
CA ASN A 215 5.20 -13.27 19.43
C ASN A 215 5.31 -12.60 18.06
N THR A 216 6.18 -11.60 17.92
CA THR A 216 6.44 -11.06 16.60
C THR A 216 6.99 -12.14 15.67
N LEU A 217 7.93 -12.93 16.16
CA LEU A 217 8.44 -14.04 15.36
C LEU A 217 7.32 -15.01 15.00
N ARG A 218 6.44 -15.30 15.96
CA ARG A 218 5.32 -16.20 15.70
C ARG A 218 4.42 -15.66 14.61
N THR A 219 4.12 -14.37 14.64
CA THR A 219 3.29 -13.77 13.61
C THR A 219 3.95 -13.89 12.24
N GLN A 220 5.26 -13.66 12.17
CA GLN A 220 5.95 -13.83 10.89
C GLN A 220 5.85 -15.26 10.39
N CYS A 221 6.06 -16.24 11.28
CA CYS A 221 5.99 -17.63 10.86
C CYS A 221 4.58 -18.01 10.42
N GLY A 222 3.57 -17.47 11.10
CA GLY A 222 2.20 -17.70 10.68
C GLY A 222 1.93 -17.13 9.30
N HIS A 223 2.49 -15.95 9.01
CA HIS A 223 2.35 -15.38 7.68
C HIS A 223 3.03 -16.25 6.63
N LEU A 224 4.19 -16.81 6.96
CA LEU A 224 4.83 -17.74 6.03
C LEU A 224 3.93 -18.94 5.77
N TYR A 225 3.33 -19.49 6.82
CA TYR A 225 2.40 -20.60 6.64
C TYR A 225 1.23 -20.20 5.76
N ALA A 226 0.68 -19.00 5.97
CA ALA A 226 -0.47 -18.54 5.20
C ALA A 226 -0.11 -18.41 3.72
N TYR A 227 1.05 -17.83 3.42
CA TYR A 227 1.46 -17.69 2.03
C TYR A 227 1.69 -19.06 1.39
N ASP A 228 2.23 -20.01 2.16
CA ASP A 228 2.39 -21.36 1.64
C ASP A 228 1.04 -22.01 1.37
N TRP A 229 0.05 -21.76 2.21
CA TRP A 229 -1.25 -22.42 2.13
C TRP A 229 -2.18 -21.75 1.14
N ILE A 230 -2.37 -20.43 1.26
CA ILE A 230 -3.33 -19.71 0.43
C ILE A 230 -2.56 -19.23 -0.81
N SER A 231 -2.62 -20.05 -1.86
CA SER A 231 -2.02 -19.69 -3.13
C SER A 231 -2.81 -18.58 -3.80
N ILE A 232 -2.15 -17.89 -4.73
CA ILE A 232 -2.90 -16.98 -5.59
C ILE A 232 -4.00 -17.79 -6.27
N PRO A 233 -5.22 -17.30 -6.37
CA PRO A 233 -6.31 -18.15 -6.91
C PRO A 233 -5.92 -18.79 -8.22
N LEU A 234 -6.16 -20.10 -8.32
CA LEU A 234 -5.77 -20.84 -9.51
C LEU A 234 -6.41 -20.25 -10.76
N VAL A 235 -7.63 -19.72 -10.63
CA VAL A 235 -8.33 -19.19 -11.79
C VAL A 235 -7.57 -18.02 -12.39
N TYR A 236 -7.02 -17.14 -11.55
CA TYR A 236 -6.26 -15.99 -12.05
C TYR A 236 -5.01 -16.45 -12.79
N THR A 237 -4.29 -17.41 -12.23
CA THR A 237 -3.09 -17.94 -12.88
C THR A 237 -3.43 -18.57 -14.21
N GLN A 238 -4.51 -19.35 -14.25
CA GLN A 238 -4.92 -19.98 -15.51
C GLN A 238 -5.34 -18.93 -16.52
N VAL A 239 -5.97 -17.84 -16.07
CA VAL A 239 -6.39 -16.79 -16.99
C VAL A 239 -5.16 -16.14 -17.65
N VAL A 240 -4.16 -15.79 -16.85
CA VAL A 240 -2.97 -15.15 -17.43
C VAL A 240 -2.23 -16.13 -18.35
N THR A 241 -2.15 -17.39 -17.94
CA THR A 241 -1.50 -18.40 -18.78
C THR A 241 -2.23 -18.55 -20.11
N VAL A 242 -3.56 -18.59 -20.06
CA VAL A 242 -4.35 -18.73 -21.28
C VAL A 242 -4.12 -17.54 -22.18
N ALA A 243 -4.10 -16.33 -21.61
CA ALA A 243 -3.84 -15.15 -22.42
C ALA A 243 -2.52 -15.27 -23.17
N VAL A 244 -1.45 -15.56 -22.44
CA VAL A 244 -0.13 -15.60 -23.06
C VAL A 244 -0.07 -16.69 -24.14
N TYR A 245 -0.51 -17.90 -23.77
CA TYR A 245 -0.33 -19.02 -24.69
C TYR A 245 -1.27 -18.94 -25.88
N SER A 246 -2.47 -18.37 -25.70
CA SER A 246 -3.34 -18.13 -26.84
C SER A 246 -2.72 -17.10 -27.79
N PHE A 247 -2.12 -16.03 -27.24
CA PHE A 247 -1.43 -15.06 -28.07
C PHE A 247 -0.39 -15.76 -28.96
N PHE A 248 0.44 -16.61 -28.36
CA PHE A 248 1.53 -17.16 -29.15
C PHE A 248 1.08 -18.34 -30.02
N LEU A 249 0.04 -19.07 -29.63
CA LEU A 249 -0.58 -20.04 -30.53
C LEU A 249 -1.11 -19.35 -31.77
N THR A 250 -1.77 -18.20 -31.59
CA THR A 250 -2.22 -17.43 -32.75
C THR A 250 -1.02 -16.98 -33.58
N CYS A 251 0.04 -16.53 -32.93
CA CYS A 251 1.23 -16.09 -33.67
C CYS A 251 1.81 -17.22 -34.50
N LEU A 252 1.69 -18.47 -34.04
CA LEU A 252 2.26 -19.58 -34.78
C LEU A 252 1.78 -19.62 -36.22
N VAL A 253 0.57 -19.14 -36.49
CA VAL A 253 0.01 -19.11 -37.84
C VAL A 253 0.00 -17.70 -38.41
N GLY A 254 -0.41 -16.73 -37.62
CA GLY A 254 -0.55 -15.36 -38.12
C GLY A 254 0.77 -14.67 -38.39
N ARG A 255 1.88 -15.25 -37.96
CA ARG A 255 3.20 -14.69 -38.19
C ARG A 255 4.01 -15.52 -39.19
N GLN A 256 3.37 -16.41 -39.93
CA GLN A 256 4.07 -17.16 -40.96
C GLN A 256 4.39 -16.25 -42.15
N PHE A 257 5.51 -16.51 -42.79
CA PHE A 257 5.91 -15.75 -43.97
C PHE A 257 5.25 -16.35 -45.20
N LEU A 258 4.24 -15.66 -45.72
CA LEU A 258 3.53 -16.16 -46.88
C LEU A 258 4.38 -16.03 -48.13
N ASN A 259 3.95 -16.71 -49.18
CA ASN A 259 4.72 -16.71 -50.43
C ASN A 259 4.70 -15.32 -51.03
N PRO A 260 5.86 -14.71 -51.31
CA PRO A 260 5.87 -13.34 -51.85
C PRO A 260 5.14 -13.20 -53.17
N ALA A 261 5.15 -14.23 -54.03
CA ALA A 261 4.57 -14.07 -55.36
C ALA A 261 3.13 -13.59 -55.28
N LYS A 262 2.39 -14.01 -54.26
CA LYS A 262 1.03 -13.52 -54.07
C LYS A 262 0.99 -12.04 -53.75
N ALA A 263 2.10 -11.47 -53.29
CA ALA A 263 2.20 -10.04 -53.03
C ALA A 263 1.08 -9.55 -52.11
N TYR A 264 0.85 -10.31 -51.04
CA TYR A 264 -0.13 -9.89 -50.05
C TYR A 264 0.37 -8.63 -49.35
N PRO A 265 -0.55 -7.78 -48.88
CA PRO A 265 -0.12 -6.59 -48.12
C PRO A 265 0.67 -6.99 -46.87
N GLY A 266 1.87 -6.45 -46.75
CA GLY A 266 2.71 -6.71 -45.60
C GLY A 266 3.56 -7.95 -45.69
N HIS A 267 3.41 -8.75 -46.75
CA HIS A 267 4.17 -9.97 -46.94
C HIS A 267 5.05 -9.89 -48.18
N GLU A 268 5.43 -8.67 -48.56
CA GLU A 268 6.19 -8.48 -49.80
C GLU A 268 7.53 -9.20 -49.74
N LEU A 269 8.22 -9.10 -48.61
CA LEU A 269 9.54 -9.68 -48.44
C LEU A 269 9.47 -10.84 -47.47
N ASP A 270 9.99 -11.99 -47.90
CA ASP A 270 9.93 -13.23 -47.14
C ASP A 270 11.29 -13.45 -46.48
N LEU A 271 11.49 -12.84 -45.32
CA LEU A 271 12.57 -13.24 -44.44
C LEU A 271 12.21 -14.56 -43.78
N VAL A 272 13.22 -15.36 -43.46
CA VAL A 272 12.94 -16.68 -42.92
C VAL A 272 12.69 -16.62 -41.42
N VAL A 273 13.31 -15.68 -40.72
CA VAL A 273 13.28 -15.63 -39.26
C VAL A 273 12.34 -14.51 -38.85
N PRO A 274 11.24 -14.80 -38.13
CA PRO A 274 10.37 -13.71 -37.63
C PRO A 274 10.96 -13.04 -36.40
N VAL A 275 11.87 -12.10 -36.62
CA VAL A 275 12.65 -11.55 -35.51
C VAL A 275 11.75 -10.84 -34.51
N PHE A 276 10.78 -10.06 -34.98
CA PHE A 276 9.94 -9.34 -34.03
C PHE A 276 9.07 -10.30 -33.23
N THR A 277 8.59 -11.37 -33.85
CA THR A 277 7.80 -12.35 -33.10
C THR A 277 8.65 -13.00 -32.02
N PHE A 278 9.91 -13.27 -32.31
CA PHE A 278 10.81 -13.83 -31.29
C PHE A 278 11.07 -12.81 -30.18
N LEU A 279 11.21 -11.54 -30.53
CA LEU A 279 11.36 -10.51 -29.51
C LEU A 279 10.12 -10.42 -28.63
N GLN A 280 8.93 -10.51 -29.23
CA GLN A 280 7.70 -10.51 -28.47
C GLN A 280 7.61 -11.74 -27.57
N PHE A 281 8.05 -12.89 -28.08
CA PHE A 281 8.10 -14.09 -27.25
C PHE A 281 9.00 -13.84 -26.04
N PHE A 282 10.21 -13.36 -26.28
CA PHE A 282 11.12 -13.10 -25.17
C PHE A 282 10.45 -12.17 -24.16
N PHE A 283 9.92 -11.04 -24.63
CA PHE A 283 9.31 -10.06 -23.75
C PHE A 283 8.18 -10.67 -22.92
N TYR A 284 7.15 -11.20 -23.58
CA TYR A 284 5.94 -11.60 -22.87
C TYR A 284 6.17 -12.87 -22.05
N VAL A 285 6.85 -13.86 -22.62
CA VAL A 285 7.07 -15.09 -21.89
C VAL A 285 8.04 -14.87 -20.74
N GLY A 286 9.01 -13.95 -20.88
CA GLY A 286 9.83 -13.61 -19.74
C GLY A 286 9.07 -12.85 -18.68
N TRP A 287 8.16 -11.99 -19.09
CA TRP A 287 7.29 -11.31 -18.14
C TRP A 287 6.48 -12.33 -17.33
N LEU A 288 5.97 -13.36 -18.02
CA LEU A 288 5.26 -14.43 -17.32
C LEU A 288 6.20 -15.24 -16.45
N LYS A 289 7.43 -15.46 -16.93
CA LYS A 289 8.39 -16.26 -16.17
C LYS A 289 8.82 -15.54 -14.89
N VAL A 290 8.74 -14.21 -14.87
CA VAL A 290 8.96 -13.49 -13.61
C VAL A 290 8.01 -14.00 -12.55
N ALA A 291 6.72 -14.07 -12.89
CA ALA A 291 5.73 -14.59 -11.96
C ALA A 291 5.96 -16.07 -11.68
N GLU A 292 6.30 -16.84 -12.71
CA GLU A 292 6.51 -18.27 -12.53
C GLU A 292 7.62 -18.54 -11.52
N GLN A 293 8.68 -17.75 -11.57
CA GLN A 293 9.77 -17.90 -10.62
C GLN A 293 9.40 -17.38 -9.24
N LEU A 294 8.73 -16.23 -9.18
CA LEU A 294 8.46 -15.58 -7.90
C LEU A 294 7.20 -16.07 -7.21
N ILE A 295 6.33 -16.82 -7.89
CA ILE A 295 5.05 -17.20 -7.29
C ILE A 295 5.28 -18.03 -6.04
N ASN A 296 6.29 -18.91 -6.06
CA ASN A 296 6.74 -19.64 -4.88
C ASN A 296 8.21 -19.29 -4.69
N PRO A 297 8.53 -18.34 -3.82
CA PRO A 297 9.93 -17.91 -3.67
C PRO A 297 10.79 -18.84 -2.82
N PHE A 298 10.22 -19.93 -2.32
CA PHE A 298 10.95 -20.88 -1.48
C PHE A 298 11.28 -22.17 -2.21
N GLY A 299 11.22 -22.17 -3.53
CA GLY A 299 11.64 -23.30 -4.34
C GLY A 299 13.14 -23.35 -4.44
N GLU A 300 13.63 -23.74 -5.63
CA GLU A 300 15.05 -23.86 -5.88
C GLU A 300 15.49 -23.08 -7.11
N ASP A 301 14.69 -22.12 -7.56
CA ASP A 301 15.12 -21.26 -8.64
C ASP A 301 16.36 -20.47 -8.22
N ASP A 302 17.06 -19.91 -9.21
CA ASP A 302 18.23 -19.10 -8.91
C ASP A 302 17.87 -17.91 -8.03
N ASP A 303 16.71 -17.30 -8.29
CA ASP A 303 16.30 -16.10 -7.58
C ASP A 303 15.45 -16.38 -6.35
N ASP A 304 15.24 -17.66 -6.01
CA ASP A 304 14.51 -17.98 -4.79
C ASP A 304 15.40 -17.74 -3.57
N PHE A 305 14.75 -17.54 -2.43
CA PHE A 305 15.46 -17.15 -1.21
C PHE A 305 16.40 -18.25 -0.75
N GLU A 306 17.53 -17.82 -0.17
CA GLU A 306 18.53 -18.74 0.38
C GLU A 306 18.15 -19.09 1.81
N THR A 307 17.16 -19.98 1.94
CA THR A 307 16.63 -20.31 3.25
C THR A 307 17.64 -21.08 4.09
N ASN A 308 18.39 -21.99 3.48
CA ASN A 308 19.37 -22.77 4.24
C ASN A 308 20.45 -21.89 4.83
N TRP A 309 20.95 -20.93 4.04
CA TRP A 309 21.92 -20.00 4.57
C TRP A 309 21.34 -19.19 5.71
N ILE A 310 20.08 -18.77 5.58
CA ILE A 310 19.45 -18.01 6.65
C ILE A 310 19.37 -18.83 7.92
N VAL A 311 18.99 -20.10 7.79
CA VAL A 311 18.90 -20.97 8.97
C VAL A 311 20.25 -21.10 9.65
N ASP A 312 21.30 -21.37 8.86
CA ASP A 312 22.63 -21.53 9.44
C ASP A 312 23.10 -20.26 10.12
N ARG A 313 22.96 -19.12 9.42
CA ARG A 313 23.41 -17.85 9.96
C ARG A 313 22.66 -17.51 11.24
N ASN A 314 21.34 -17.73 11.25
CA ASN A 314 20.55 -17.43 12.44
C ASN A 314 21.01 -18.28 13.62
N LEU A 315 21.21 -19.58 13.39
CA LEU A 315 21.67 -20.43 14.49
C LEU A 315 23.00 -19.92 15.04
N GLN A 316 23.99 -19.73 14.16
CA GLN A 316 25.31 -19.32 14.62
C GLN A 316 25.25 -17.99 15.36
N VAL A 317 24.62 -16.99 14.74
CA VAL A 317 24.61 -15.65 15.30
C VAL A 317 23.87 -15.62 16.63
N SER A 318 22.73 -16.30 16.71
CA SER A 318 21.92 -16.25 17.92
C SER A 318 22.63 -16.96 19.07
N LEU A 319 23.21 -18.13 18.81
CA LEU A 319 23.93 -18.82 19.87
C LEU A 319 25.12 -17.99 20.35
N LEU A 320 25.88 -17.39 19.42
CA LEU A 320 26.98 -16.54 19.82
C LEU A 320 26.49 -15.35 20.64
N ALA A 321 25.39 -14.72 20.23
CA ALA A 321 24.91 -13.53 20.90
C ALA A 321 24.47 -13.84 22.32
N VAL A 322 23.76 -14.95 22.52
CA VAL A 322 23.21 -15.23 23.84
C VAL A 322 24.19 -15.94 24.77
N ASP A 323 25.21 -16.60 24.24
CA ASP A 323 26.11 -17.37 25.08
C ASP A 323 27.46 -16.69 25.30
N GLU A 324 28.19 -16.41 24.23
CA GLU A 324 29.53 -15.83 24.40
C GLU A 324 29.49 -14.34 24.65
N MET A 325 28.49 -13.65 24.10
CA MET A 325 28.40 -12.21 24.20
C MET A 325 27.59 -11.75 25.40
N HIS A 326 27.11 -12.67 26.24
CA HIS A 326 26.35 -12.28 27.42
C HIS A 326 27.26 -11.59 28.42
N GLN A 327 26.97 -10.32 28.71
CA GLN A 327 27.74 -9.53 29.66
C GLN A 327 29.23 -9.59 29.35
N ASP A 328 29.55 -9.61 28.07
CA ASP A 328 30.93 -9.59 27.58
C ASP A 328 31.05 -8.37 26.68
N LEU A 329 31.47 -7.26 27.26
CA LEU A 329 31.48 -5.98 26.57
C LEU A 329 32.92 -5.54 26.32
N PRO A 330 33.16 -4.80 25.24
CA PRO A 330 34.47 -4.17 25.07
C PRO A 330 34.70 -3.13 26.14
N ARG A 331 35.96 -2.91 26.49
CA ARG A 331 36.29 -1.95 27.53
C ARG A 331 35.71 -0.59 27.19
N MET A 332 35.08 0.04 28.18
CA MET A 332 34.44 1.33 28.00
C MET A 332 35.44 2.43 28.33
N GLU A 333 35.90 3.14 27.31
CA GLU A 333 36.91 4.17 27.45
C GLU A 333 36.46 5.41 26.70
N PRO A 334 36.94 6.59 27.10
CA PRO A 334 36.57 7.82 26.39
C PRO A 334 36.93 7.72 24.92
N ASP A 335 36.04 8.21 24.07
CA ASP A 335 36.21 8.08 22.63
C ASP A 335 37.09 9.20 22.09
N MET A 336 37.34 9.15 20.78
CA MET A 336 38.24 10.10 20.14
C MET A 336 37.73 11.54 20.22
N TYR A 337 36.41 11.72 20.29
CA TYR A 337 35.81 13.04 20.35
C TYR A 337 35.33 13.37 21.76
N TRP A 338 36.09 12.96 22.77
CA TRP A 338 35.64 13.07 24.15
C TRP A 338 35.34 14.52 24.53
N ASN A 339 36.20 15.45 24.12
CA ASN A 339 36.00 16.87 24.37
C ASN A 339 36.00 17.65 23.05
N LYS A 340 35.33 17.11 22.04
CA LYS A 340 35.19 17.77 20.73
C LYS A 340 33.72 18.09 20.50
N PRO A 341 33.30 19.34 20.73
CA PRO A 341 31.87 19.65 20.58
C PRO A 341 31.30 19.39 19.20
N GLU A 342 32.12 19.48 18.15
CA GLU A 342 31.66 19.32 16.77
C GLU A 342 32.55 18.30 16.08
N PRO A 343 32.35 17.02 16.36
CA PRO A 343 33.20 15.99 15.73
C PRO A 343 33.08 16.00 14.22
N GLN A 344 34.21 15.86 13.54
CA GLN A 344 34.28 15.82 12.09
C GLN A 344 35.15 14.63 11.67
N PRO A 345 34.57 13.44 11.54
CA PRO A 345 35.36 12.30 11.09
C PRO A 345 35.96 12.57 9.72
N PRO A 346 37.18 12.10 9.47
CA PRO A 346 37.86 12.46 8.22
C PRO A 346 37.24 11.76 7.02
N TYR A 347 37.62 12.24 5.84
CA TYR A 347 37.27 11.64 4.57
C TYR A 347 38.54 11.14 3.89
N THR A 348 38.40 10.05 3.13
CA THR A 348 39.51 9.58 2.33
C THR A 348 39.57 10.35 1.00
N ALA A 349 40.65 10.12 0.26
CA ALA A 349 40.78 10.75 -1.04
C ALA A 349 39.65 10.31 -1.98
N ALA A 350 39.29 9.03 -1.93
CA ALA A 350 38.24 8.52 -2.80
C ALA A 350 36.85 9.00 -2.41
N SER A 351 36.68 9.50 -1.18
CA SER A 351 35.37 9.90 -0.68
C SER A 351 35.25 11.39 -0.39
N ALA A 352 36.32 12.16 -0.59
CA ALA A 352 36.27 13.59 -0.27
C ALA A 352 35.19 14.30 -1.09
N GLN A 353 34.90 13.80 -2.29
CA GLN A 353 33.88 14.39 -3.14
C GLN A 353 32.48 14.28 -2.55
N PHE A 354 32.26 13.38 -1.58
CA PHE A 354 30.95 13.18 -0.99
C PHE A 354 30.70 14.03 0.24
N ARG A 355 31.65 14.88 0.62
CA ARG A 355 31.41 15.81 1.72
C ARG A 355 30.43 16.89 1.25
N ARG A 356 29.34 17.04 1.99
CA ARG A 356 28.23 17.90 1.58
C ARG A 356 27.91 18.88 2.69
N ALA A 357 27.41 20.05 2.28
CA ALA A 357 26.81 20.98 3.23
C ALA A 357 25.41 20.51 3.60
N SER A 358 25.01 20.83 4.83
CA SER A 358 23.71 20.39 5.32
C SER A 358 22.59 21.05 4.52
N PHE A 359 21.55 20.28 4.24
CA PHE A 359 20.32 20.82 3.69
C PHE A 359 19.50 21.40 4.83
N MET A 360 19.25 22.70 4.79
CA MET A 360 18.60 23.41 5.87
C MET A 360 17.10 23.55 5.69
N GLY A 361 16.54 23.00 4.63
CA GLY A 361 15.13 23.16 4.34
C GLY A 361 14.92 23.95 3.06
N SER A 362 13.75 23.73 2.45
CA SER A 362 13.47 24.36 1.16
C SER A 362 13.16 25.84 1.29
N THR A 363 12.87 26.33 2.49
CA THR A 363 12.56 27.73 2.71
C THR A 363 13.77 28.56 3.12
N PHE A 364 14.96 27.95 3.18
CA PHE A 364 16.12 28.65 3.70
C PHE A 364 16.49 29.87 2.87
N ASN A 365 16.41 29.75 1.55
CA ASN A 365 16.92 30.79 0.65
C ASN A 365 15.84 31.78 0.21
N ILE A 366 14.65 31.72 0.79
CA ILE A 366 13.62 32.70 0.48
C ILE A 366 14.09 34.07 0.94
N SER A 367 13.86 35.09 0.12
CA SER A 367 14.30 36.44 0.39
C SER A 367 13.09 37.34 0.66
N LEU A 368 13.18 38.14 1.72
CA LEU A 368 12.11 39.06 2.09
C LEU A 368 12.71 40.41 2.44
N ASN A 369 11.97 41.47 2.15
CA ASN A 369 12.42 42.81 2.50
C ASN A 369 12.22 43.09 3.98
N LYS A 370 12.70 44.25 4.42
CA LYS A 370 12.51 44.65 5.81
C LYS A 370 11.04 44.87 6.12
N GLU A 371 10.30 45.48 5.19
CA GLU A 371 8.87 45.68 5.39
C GLU A 371 8.13 44.34 5.49
N GLU A 372 8.48 43.38 4.63
CA GLU A 372 7.76 42.13 4.60
C GLU A 372 7.88 41.36 5.91
N MET A 373 9.02 41.47 6.58
CA MET A 373 9.30 40.68 7.77
C MET A 373 8.78 41.30 9.05
N GLU A 374 8.13 42.46 8.97
CA GLU A 374 7.65 43.13 10.17
C GLU A 374 6.31 42.55 10.62
N PHE A 375 6.21 42.22 11.90
CA PHE A 375 4.95 41.74 12.45
C PHE A 375 3.93 42.86 12.44
N GLN A 376 2.70 42.52 12.08
CA GLN A 376 1.60 43.47 12.11
C GLN A 376 0.79 43.31 13.39
N PRO A 377 0.17 44.38 13.91
CA PRO A 377 -0.65 44.26 15.10
C PRO A 377 -2.00 43.59 14.84
N THR B 2 21.61 13.40 -3.77
CA THR B 2 20.24 13.96 -3.73
C THR B 2 20.20 15.36 -4.35
N ILE B 3 19.36 15.54 -5.36
CA ILE B 3 19.12 16.82 -5.99
C ILE B 3 17.79 17.33 -5.47
N THR B 4 17.83 18.41 -4.71
CA THR B 4 16.63 18.99 -4.12
C THR B 4 16.16 20.17 -4.95
N TYR B 5 14.94 20.09 -5.46
CA TYR B 5 14.29 21.20 -6.14
C TYR B 5 12.94 21.54 -5.53
N THR B 6 12.76 21.22 -4.24
CA THR B 6 11.47 21.43 -3.59
C THR B 6 11.08 22.90 -3.60
N SER B 7 12.03 23.79 -3.32
CA SER B 7 11.70 25.21 -3.26
C SER B 7 11.29 25.74 -4.62
N GLN B 8 11.79 25.14 -5.70
CA GLN B 8 11.47 25.60 -7.05
C GLN B 8 10.06 25.23 -7.47
N VAL B 9 9.44 24.24 -6.82
CA VAL B 9 8.11 23.78 -7.20
C VAL B 9 7.15 23.95 -6.03
N ALA B 10 7.39 24.96 -5.20
CA ALA B 10 6.49 25.22 -4.09
C ALA B 10 5.09 25.56 -4.58
N ASN B 11 5.01 26.39 -5.62
CA ASN B 11 3.74 26.79 -6.21
C ASN B 11 3.66 26.32 -7.65
N ALA B 12 2.44 26.12 -8.13
CA ALA B 12 2.20 25.75 -9.52
C ALA B 12 2.16 27.02 -10.36
N ARG B 13 3.35 27.52 -10.68
CA ARG B 13 3.50 28.75 -11.44
C ARG B 13 3.57 28.45 -12.93
N LEU B 14 3.48 29.50 -13.73
CA LEU B 14 3.55 29.36 -15.19
C LEU B 14 4.85 28.68 -15.58
N GLY B 15 4.72 27.55 -16.29
CA GLY B 15 5.89 26.80 -16.69
C GLY B 15 6.71 26.31 -15.52
N SER B 16 6.04 25.83 -14.47
CA SER B 16 6.75 25.39 -13.27
C SER B 16 7.71 24.25 -13.58
N PHE B 17 7.21 23.20 -14.24
CA PHE B 17 8.06 22.08 -14.60
C PHE B 17 8.92 22.39 -15.83
N SER B 18 8.56 23.44 -16.58
CA SER B 18 9.38 23.84 -17.71
C SER B 18 10.76 24.29 -17.26
N ARG B 19 10.83 25.06 -16.18
CA ARG B 19 12.12 25.55 -15.71
C ARG B 19 13.02 24.41 -15.27
N LEU B 20 12.44 23.30 -14.80
CA LEU B 20 13.24 22.16 -14.39
C LEU B 20 13.94 21.50 -15.56
N LEU B 21 13.55 21.81 -16.80
CA LEU B 21 14.26 21.29 -17.96
C LEU B 21 15.60 21.98 -18.17
N LEU B 22 15.87 23.08 -17.47
CA LEU B 22 17.15 23.77 -17.55
C LEU B 22 18.09 23.36 -16.42
N CYS B 23 18.01 22.12 -15.95
CA CYS B 23 18.89 21.61 -14.93
C CYS B 23 19.78 20.52 -15.50
N TRP B 24 21.04 20.49 -15.06
CA TRP B 24 22.00 19.51 -15.53
C TRP B 24 22.24 18.39 -14.55
N ARG B 25 22.56 18.72 -13.29
CA ARG B 25 22.84 17.68 -12.30
C ARG B 25 21.57 16.89 -12.00
N GLY B 26 21.69 15.57 -12.05
CA GLY B 26 20.54 14.70 -11.86
C GLY B 26 19.53 14.75 -12.97
N SER B 27 19.92 15.22 -14.16
CA SER B 27 18.99 15.45 -15.24
C SER B 27 18.91 14.26 -16.18
N ILE B 28 17.90 14.28 -17.04
CA ILE B 28 17.76 13.26 -18.07
C ILE B 28 18.91 13.35 -19.06
N TYR B 29 19.31 14.57 -19.43
CA TYR B 29 20.40 14.74 -20.39
C TYR B 29 21.67 14.07 -19.88
N LYS B 30 22.06 14.37 -18.65
CA LYS B 30 23.27 13.77 -18.09
C LYS B 30 23.17 12.26 -18.07
N LEU B 31 21.97 11.71 -17.84
CA LEU B 31 21.83 10.27 -17.69
C LEU B 31 21.86 9.53 -19.03
N LEU B 32 21.35 10.12 -20.10
CA LEU B 32 21.24 9.38 -21.36
C LEU B 32 21.94 10.02 -22.54
N TYR B 33 22.83 11.00 -22.34
CA TYR B 33 23.48 11.61 -23.50
C TYR B 33 24.37 10.61 -24.23
N GLY B 34 25.06 9.74 -23.50
CA GLY B 34 25.91 8.76 -24.17
C GLY B 34 25.12 7.77 -25.01
N GLU B 35 24.03 7.24 -24.44
CA GLU B 35 23.17 6.35 -25.19
C GLU B 35 22.57 7.04 -26.40
N PHE B 36 22.17 8.31 -26.23
CA PHE B 36 21.60 9.05 -27.36
C PHE B 36 22.64 9.25 -28.45
N LEU B 37 23.89 9.56 -28.08
CA LEU B 37 24.93 9.71 -29.08
C LEU B 37 25.17 8.42 -29.83
N ILE B 38 25.20 7.29 -29.12
CA ILE B 38 25.38 6.01 -29.79
C ILE B 38 24.22 5.75 -30.75
N PHE B 39 22.99 5.99 -30.31
CA PHE B 39 21.83 5.77 -31.15
C PHE B 39 21.86 6.66 -32.38
N LEU B 40 22.22 7.93 -32.21
CA LEU B 40 22.30 8.87 -33.32
C LEU B 40 23.36 8.43 -34.33
N LEU B 41 24.53 8.03 -33.84
CA LEU B 41 25.58 7.57 -34.73
C LEU B 41 25.14 6.35 -35.52
N CYS B 42 24.51 5.39 -34.85
CA CYS B 42 24.06 4.19 -35.56
C CYS B 42 22.98 4.55 -36.59
N TYR B 43 22.05 5.43 -36.22
CA TYR B 43 21.00 5.82 -37.14
C TYR B 43 21.58 6.44 -38.41
N TYR B 44 22.53 7.36 -38.26
CA TYR B 44 23.05 8.02 -39.44
C TYR B 44 24.04 7.15 -40.21
N ILE B 45 24.72 6.20 -39.56
CA ILE B 45 25.49 5.21 -40.29
C ILE B 45 24.57 4.38 -41.18
N ILE B 46 23.44 3.94 -40.63
CA ILE B 46 22.48 3.20 -41.44
C ILE B 46 21.97 4.06 -42.58
N ARG B 47 21.69 5.33 -42.31
CA ARG B 47 21.20 6.22 -43.36
C ARG B 47 22.20 6.33 -44.50
N PHE B 48 23.48 6.57 -44.16
CA PHE B 48 24.50 6.71 -45.20
C PHE B 48 24.69 5.42 -45.96
N ILE B 49 24.69 4.28 -45.27
CA ILE B 49 24.82 3.00 -45.97
C ILE B 49 23.68 2.83 -46.96
N TYR B 50 22.45 3.07 -46.51
CA TYR B 50 21.29 2.91 -47.39
C TYR B 50 21.36 3.86 -48.58
N ARG B 51 21.76 5.11 -48.34
CA ARG B 51 21.72 6.12 -49.39
C ARG B 51 22.83 5.93 -50.42
N LEU B 52 24.02 5.51 -50.00
CA LEU B 52 25.17 5.43 -50.88
C LEU B 52 25.54 4.00 -51.27
N ALA B 53 25.74 3.12 -50.30
CA ALA B 53 26.28 1.80 -50.62
C ALA B 53 25.29 0.95 -51.40
N LEU B 54 24.04 0.89 -50.96
CA LEU B 54 23.09 -0.04 -51.54
C LEU B 54 22.78 0.30 -52.99
N THR B 55 22.60 -0.74 -53.80
CA THR B 55 22.21 -0.58 -55.19
C THR B 55 20.69 -0.39 -55.28
N GLU B 56 20.20 -0.31 -56.51
CA GLU B 56 18.77 -0.07 -56.72
C GLU B 56 17.93 -1.18 -56.12
N GLU B 57 18.22 -2.43 -56.47
CA GLU B 57 17.46 -3.55 -55.91
C GLU B 57 17.70 -3.66 -54.41
N GLN B 58 18.93 -3.43 -53.96
CA GLN B 58 19.21 -3.43 -52.53
C GLN B 58 18.44 -2.32 -51.84
N GLN B 59 18.36 -1.14 -52.45
CA GLN B 59 17.60 -0.05 -51.86
C GLN B 59 16.13 -0.38 -51.78
N LEU B 60 15.58 -1.04 -52.81
CA LEU B 60 14.18 -1.44 -52.75
C LEU B 60 13.94 -2.45 -51.64
N MET B 61 14.85 -3.42 -51.48
CA MET B 61 14.75 -4.37 -50.39
C MET B 61 14.79 -3.66 -49.04
N PHE B 62 15.70 -2.71 -48.90
CA PHE B 62 15.81 -1.97 -47.65
C PHE B 62 14.55 -1.15 -47.38
N GLU B 63 13.96 -0.58 -48.43
CA GLU B 63 12.72 0.17 -48.25
C GLU B 63 11.59 -0.74 -47.78
N LYS B 64 11.47 -1.92 -48.40
CA LYS B 64 10.45 -2.87 -47.94
C LYS B 64 10.68 -3.24 -46.49
N LEU B 65 11.94 -3.50 -46.12
CA LEU B 65 12.26 -3.79 -44.73
C LEU B 65 11.89 -2.64 -43.81
N THR B 66 12.13 -1.40 -44.26
CA THR B 66 11.83 -0.24 -43.43
C THR B 66 10.33 -0.11 -43.19
N LEU B 67 9.52 -0.30 -44.23
CA LEU B 67 8.08 -0.29 -44.02
C LEU B 67 7.65 -1.41 -43.08
N TYR B 68 8.21 -2.62 -43.28
CA TYR B 68 7.84 -3.75 -42.43
C TYR B 68 8.18 -3.46 -40.97
N CYS B 69 9.35 -2.89 -40.72
CA CYS B 69 9.75 -2.57 -39.35
C CYS B 69 8.86 -1.48 -38.76
N ASP B 70 8.67 -0.38 -39.48
CA ASP B 70 7.84 0.70 -38.97
C ASP B 70 6.43 0.21 -38.66
N SER B 71 5.97 -0.84 -39.35
CA SER B 71 4.67 -1.41 -39.02
C SER B 71 4.71 -2.18 -37.70
N TYR B 72 5.87 -2.74 -37.33
CA TYR B 72 5.98 -3.62 -36.18
C TYR B 72 6.44 -2.90 -34.92
N ILE B 73 6.35 -1.58 -34.88
CA ILE B 73 6.75 -0.78 -33.73
C ILE B 73 5.50 -0.48 -32.91
N GLN B 74 5.49 -0.93 -31.66
CA GLN B 74 4.35 -0.78 -30.77
C GLN B 74 4.80 -0.15 -29.47
N LEU B 75 4.02 0.80 -28.97
CA LEU B 75 4.36 1.54 -27.76
C LEU B 75 3.47 1.20 -26.57
N ILE B 76 2.53 0.27 -26.71
CA ILE B 76 1.65 -0.10 -25.60
C ILE B 76 2.40 -1.00 -24.63
N PRO B 77 2.98 -2.11 -25.09
CA PRO B 77 3.66 -3.01 -24.14
C PRO B 77 4.83 -2.34 -23.43
N ILE B 78 5.61 -1.54 -24.15
CA ILE B 78 6.75 -0.87 -23.54
C ILE B 78 6.29 0.08 -22.45
N SER B 79 5.23 0.85 -22.72
CA SER B 79 4.69 1.74 -21.72
C SER B 79 4.17 0.97 -20.51
N PHE B 80 3.46 -0.13 -20.74
CA PHE B 80 2.96 -0.94 -19.64
C PHE B 80 4.09 -1.41 -18.75
N VAL B 81 5.09 -2.06 -19.36
CA VAL B 81 6.15 -2.69 -18.59
C VAL B 81 6.99 -1.63 -17.88
N LEU B 82 7.31 -0.53 -18.58
CA LEU B 82 8.07 0.54 -17.95
C LEU B 82 7.31 1.13 -16.78
N GLY B 83 6.02 1.38 -16.94
CA GLY B 83 5.25 1.94 -15.86
C GLY B 83 5.26 1.06 -14.63
N PHE B 84 4.97 -0.23 -14.81
CA PHE B 84 4.93 -1.13 -13.66
C PHE B 84 6.30 -1.30 -13.02
N TYR B 85 7.33 -1.52 -13.84
CA TYR B 85 8.67 -1.76 -13.30
C TYR B 85 9.20 -0.52 -12.59
N VAL B 86 9.02 0.66 -13.18
CA VAL B 86 9.50 1.89 -12.57
C VAL B 86 8.71 2.19 -11.29
N THR B 87 7.41 1.87 -11.28
CA THR B 87 6.65 2.03 -10.04
C THR B 87 7.23 1.17 -8.95
N LEU B 88 7.55 -0.09 -9.27
CA LEU B 88 8.17 -0.96 -8.27
C LEU B 88 9.50 -0.39 -7.80
N VAL B 89 10.32 0.09 -8.72
CA VAL B 89 11.64 0.61 -8.36
C VAL B 89 11.50 1.83 -7.45
N VAL B 90 10.56 2.72 -7.76
CA VAL B 90 10.38 3.92 -6.96
C VAL B 90 9.84 3.56 -5.58
N THR B 91 8.94 2.59 -5.51
CA THR B 91 8.43 2.14 -4.21
C THR B 91 9.57 1.61 -3.35
N ARG B 92 10.43 0.77 -3.94
CA ARG B 92 11.56 0.25 -3.18
C ARG B 92 12.53 1.35 -2.80
N TRP B 93 12.70 2.34 -3.66
CA TRP B 93 13.59 3.46 -3.36
C TRP B 93 13.12 4.22 -2.13
N TRP B 94 11.83 4.53 -2.08
CA TRP B 94 11.33 5.25 -0.90
C TRP B 94 11.34 4.35 0.33
N ASN B 95 11.06 3.06 0.17
CA ASN B 95 11.16 2.15 1.31
C ASN B 95 12.57 2.10 1.85
N GLN B 96 13.57 2.13 0.97
CA GLN B 96 14.95 2.12 1.42
C GLN B 96 15.32 3.41 2.13
N TYR B 97 14.76 4.54 1.69
CA TYR B 97 14.96 5.74 2.47
C TYR B 97 14.34 5.61 3.85
N GLU B 98 13.13 5.06 3.92
CA GLU B 98 12.43 4.97 5.20
C GLU B 98 13.14 4.08 6.19
N ASN B 99 14.08 3.25 5.73
CA ASN B 99 14.83 2.35 6.61
C ASN B 99 16.22 2.88 6.93
N LEU B 100 16.52 4.12 6.58
CA LEU B 100 17.74 4.74 7.03
C LEU B 100 17.60 5.06 8.52
N PRO B 101 18.48 4.55 9.39
CA PRO B 101 18.27 4.74 10.83
C PRO B 101 18.64 6.15 11.27
N TRP B 102 17.80 6.72 12.14
CA TRP B 102 18.07 7.99 12.78
C TRP B 102 18.08 7.78 14.29
N PRO B 103 19.12 8.21 14.99
CA PRO B 103 19.19 7.97 16.44
C PRO B 103 18.44 8.98 17.30
N ASP B 104 17.52 9.76 16.71
CA ASP B 104 16.94 10.88 17.45
C ASP B 104 16.06 10.41 18.61
N ARG B 105 15.15 9.47 18.34
CA ARG B 105 14.36 8.92 19.44
C ARG B 105 15.25 8.26 20.47
N LEU B 106 16.21 7.46 20.00
CA LEU B 106 17.12 6.77 20.90
C LEU B 106 17.97 7.75 21.68
N MET B 107 18.47 8.81 21.03
CA MET B 107 19.34 9.73 21.75
C MET B 107 18.56 10.54 22.77
N SER B 108 17.30 10.89 22.45
CA SER B 108 16.49 11.56 23.45
C SER B 108 16.28 10.66 24.67
N LEU B 109 15.99 9.38 24.45
CA LEU B 109 15.80 8.47 25.57
C LEU B 109 17.11 8.29 26.36
N VAL B 110 18.24 8.17 25.67
CA VAL B 110 19.51 7.99 26.35
C VAL B 110 19.85 9.21 27.17
N SER B 111 19.63 10.40 26.61
CA SER B 111 19.91 11.64 27.34
C SER B 111 19.04 11.76 28.57
N GLY B 112 17.76 11.41 28.46
CA GLY B 112 16.85 11.56 29.59
C GLY B 112 17.09 10.53 30.68
N PHE B 113 17.18 9.25 30.29
CA PHE B 113 17.07 8.16 31.25
C PHE B 113 18.38 7.79 31.94
N VAL B 114 19.50 7.82 31.21
CA VAL B 114 20.78 7.42 31.78
C VAL B 114 21.31 8.59 32.59
N GLU B 115 21.39 8.41 33.91
CA GLU B 115 21.61 9.51 34.83
C GLU B 115 23.09 9.63 35.22
N GLY B 116 23.46 10.83 35.64
CA GLY B 116 24.79 11.09 36.11
C GLY B 116 25.55 12.13 35.30
N LYS B 117 25.87 13.25 35.92
CA LYS B 117 26.67 14.29 35.29
C LYS B 117 28.16 14.07 35.47
N ASP B 118 28.57 13.03 36.19
CA ASP B 118 29.98 12.74 36.38
C ASP B 118 30.56 12.11 35.12
N GLU B 119 31.85 11.76 35.17
CA GLU B 119 32.56 11.21 34.00
C GLU B 119 32.06 9.80 33.69
N GLN B 120 31.56 9.05 34.67
CA GLN B 120 31.01 7.74 34.39
C GLN B 120 29.69 7.83 33.61
N GLY B 121 28.82 8.77 34.01
CA GLY B 121 27.57 8.94 33.28
C GLY B 121 27.79 9.43 31.86
N ARG B 122 28.70 10.40 31.69
CA ARG B 122 29.06 10.85 30.35
C ARG B 122 29.54 9.69 29.51
N LEU B 123 30.46 8.90 30.06
CA LEU B 123 31.04 7.78 29.33
C LEU B 123 29.96 6.77 28.94
N LEU B 124 29.05 6.47 29.88
CA LEU B 124 28.01 5.50 29.60
C LEU B 124 27.08 5.97 28.49
N ARG B 125 26.61 7.21 28.58
CA ARG B 125 25.70 7.75 27.56
C ARG B 125 26.39 7.80 26.20
N ARG B 126 27.63 8.30 26.18
CA ARG B 126 28.36 8.39 24.92
C ARG B 126 28.60 7.01 24.33
N THR B 127 28.93 6.02 25.16
CA THR B 127 29.17 4.67 24.67
C THR B 127 27.89 4.07 24.08
N LEU B 128 26.75 4.26 24.73
CA LEU B 128 25.51 3.72 24.19
C LEU B 128 25.18 4.34 22.83
N ILE B 129 25.24 5.67 22.75
CA ILE B 129 24.89 6.29 21.49
C ILE B 129 25.94 5.98 20.42
N ARG B 130 27.18 5.76 20.84
CA ARG B 130 28.22 5.36 19.90
C ARG B 130 27.98 3.95 19.37
N TYR B 131 27.45 3.05 20.21
CA TYR B 131 27.09 1.73 19.72
C TYR B 131 26.00 1.84 18.67
N ALA B 132 25.00 2.69 18.91
CA ALA B 132 23.97 2.90 17.89
C ALA B 132 24.59 3.40 16.58
N ASN B 133 25.42 4.44 16.67
CA ASN B 133 26.04 4.98 15.46
C ASN B 133 26.94 3.98 14.78
N LEU B 134 27.62 3.13 15.55
CA LEU B 134 28.51 2.14 14.96
C LEU B 134 27.73 1.07 14.21
N GLY B 135 26.61 0.61 14.77
CA GLY B 135 25.77 -0.31 14.02
C GLY B 135 25.29 0.30 12.71
N ASN B 136 24.85 1.56 12.78
CA ASN B 136 24.39 2.24 11.57
C ASN B 136 25.43 2.32 10.46
N VAL B 137 26.65 2.75 10.79
CA VAL B 137 27.68 2.90 9.77
C VAL B 137 28.21 1.55 9.29
N LEU B 138 28.15 0.56 10.19
CA LEU B 138 28.56 -0.82 9.84
C LEU B 138 27.64 -1.28 8.69
N ILE B 139 26.33 -1.11 8.84
CA ILE B 139 25.40 -1.50 7.78
C ILE B 139 25.55 -0.59 6.56
N LEU B 140 25.72 0.71 6.79
CA LEU B 140 25.80 1.64 5.67
C LEU B 140 27.04 1.39 4.81
N ARG B 141 28.19 1.13 5.44
CA ARG B 141 29.37 0.80 4.66
C ARG B 141 29.23 -0.56 4.01
N SER B 142 28.37 -1.43 4.53
CA SER B 142 28.06 -2.66 3.81
C SER B 142 27.24 -2.41 2.56
N VAL B 143 26.34 -1.43 2.57
CA VAL B 143 25.40 -1.25 1.46
C VAL B 143 25.68 -0.03 0.60
N SER B 144 26.49 0.93 1.03
CA SER B 144 26.68 2.18 0.31
C SER B 144 28.11 2.28 -0.18
N THR B 145 28.27 2.59 -1.47
CA THR B 145 29.61 2.65 -2.05
C THR B 145 30.37 3.88 -1.59
N ALA B 146 29.66 4.99 -1.37
CA ALA B 146 30.33 6.21 -0.88
C ALA B 146 30.84 6.01 0.54
N VAL B 147 30.01 5.43 1.40
CA VAL B 147 30.43 5.17 2.77
C VAL B 147 31.56 4.15 2.78
N TYR B 148 31.47 3.14 1.92
CA TYR B 148 32.56 2.16 1.84
C TYR B 148 33.86 2.82 1.41
N LYS B 149 33.78 3.70 0.42
CA LYS B 149 34.98 4.41 -0.02
C LYS B 149 35.53 5.29 1.09
N ARG B 150 34.66 5.79 1.97
CA ARG B 150 35.14 6.53 3.13
C ARG B 150 35.76 5.61 4.17
N PHE B 151 35.18 4.42 4.38
CA PHE B 151 35.64 3.47 5.40
C PHE B 151 35.86 2.12 4.75
N PRO B 152 36.91 1.99 3.92
CA PRO B 152 37.13 0.72 3.22
C PRO B 152 37.58 -0.41 4.12
N SER B 153 37.85 -0.16 5.40
CA SER B 153 38.23 -1.20 6.34
C SER B 153 37.79 -0.80 7.73
N ALA B 154 37.78 -1.77 8.64
CA ALA B 154 37.41 -1.48 10.03
C ALA B 154 38.46 -0.60 10.70
N GLN B 155 39.73 -0.72 10.30
CA GLN B 155 40.74 0.17 10.82
C GLN B 155 40.45 1.61 10.46
N HIS B 156 39.81 1.85 9.31
CA HIS B 156 39.39 3.20 8.97
C HIS B 156 38.30 3.67 9.94
N LEU B 157 37.40 2.78 10.35
CA LEU B 157 36.42 3.14 11.35
C LEU B 157 37.10 3.50 12.67
N VAL B 158 38.15 2.78 13.03
CA VAL B 158 38.88 3.11 14.26
C VAL B 158 39.55 4.47 14.12
N GLN B 159 40.18 4.73 12.98
CA GLN B 159 40.87 6.00 12.77
C GLN B 159 39.89 7.17 12.73
N ALA B 160 38.67 6.91 12.28
CA ALA B 160 37.66 7.96 12.18
C ALA B 160 36.91 8.20 13.48
N GLY B 161 37.16 7.40 14.52
CA GLY B 161 36.51 7.60 15.79
C GLY B 161 35.20 6.91 15.98
N PHE B 162 34.68 6.21 14.97
CA PHE B 162 33.43 5.48 15.12
C PHE B 162 33.59 4.25 16.01
N MET B 163 34.79 3.67 16.05
CA MET B 163 35.06 2.48 16.84
C MET B 163 36.36 2.68 17.60
N THR B 164 36.42 2.15 18.81
CA THR B 164 37.66 2.19 19.58
C THR B 164 38.50 0.95 19.28
N PRO B 165 39.80 1.02 19.58
CA PRO B 165 40.63 -0.19 19.40
C PRO B 165 40.12 -1.38 20.20
N ALA B 166 39.62 -1.16 21.41
CA ALA B 166 39.05 -2.27 22.18
C ALA B 166 37.84 -2.86 21.48
N GLU B 167 36.98 -2.01 20.93
CA GLU B 167 35.83 -2.51 20.19
C GLU B 167 36.26 -3.26 18.94
N HIS B 168 37.31 -2.78 18.28
CA HIS B 168 37.82 -3.49 17.10
C HIS B 168 38.35 -4.87 17.47
N LYS B 169 39.09 -4.95 18.58
CA LYS B 169 39.59 -6.25 19.03
C LYS B 169 38.42 -7.17 19.37
N GLN B 170 37.40 -6.64 20.05
CA GLN B 170 36.25 -7.46 20.39
C GLN B 170 35.54 -7.97 19.15
N LEU B 171 35.40 -7.10 18.13
CA LEU B 171 34.79 -7.53 16.88
C LEU B 171 35.62 -8.63 16.22
N GLU B 172 36.94 -8.49 16.23
CA GLU B 172 37.80 -9.51 15.67
C GLU B 172 37.62 -10.83 16.41
N LYS B 173 37.46 -10.77 17.73
CA LYS B 173 37.29 -11.99 18.52
C LYS B 173 36.01 -12.72 18.12
N LEU B 174 34.95 -11.97 17.81
CA LEU B 174 33.64 -12.56 17.53
C LEU B 174 33.46 -12.92 16.07
N SER B 175 34.50 -12.80 15.24
CA SER B 175 34.35 -12.93 13.80
C SER B 175 33.64 -14.21 13.41
N LEU B 176 32.53 -14.06 12.70
CA LEU B 176 31.81 -15.15 12.05
C LEU B 176 31.84 -14.90 10.55
N PRO B 177 31.59 -15.93 9.74
CA PRO B 177 31.61 -15.77 8.28
C PRO B 177 30.35 -15.12 7.71
N HIS B 178 29.88 -14.06 8.37
CA HIS B 178 28.81 -13.24 7.84
C HIS B 178 29.04 -11.80 8.30
N ASN B 179 28.19 -10.90 7.81
CA ASN B 179 28.29 -9.50 8.19
C ASN B 179 28.06 -9.34 9.68
N MET B 180 28.94 -8.59 10.34
CA MET B 180 28.90 -8.43 11.78
C MET B 180 28.22 -7.13 12.20
N PHE B 181 27.36 -6.56 11.35
CA PHE B 181 26.72 -5.31 11.67
C PHE B 181 25.78 -5.41 12.87
N TRP B 182 25.39 -6.63 13.25
CA TRP B 182 24.45 -6.83 14.34
C TRP B 182 25.09 -6.77 15.72
N VAL B 183 26.42 -6.85 15.80
CA VAL B 183 27.08 -6.97 17.10
C VAL B 183 26.82 -5.75 18.00
N PRO B 184 26.89 -4.52 17.51
CA PRO B 184 26.68 -3.38 18.41
C PRO B 184 25.33 -3.38 19.09
N TRP B 185 24.34 -4.07 18.54
CA TRP B 185 23.05 -4.15 19.20
C TRP B 185 23.10 -5.05 20.42
N VAL B 186 23.78 -6.18 20.31
CA VAL B 186 23.99 -7.02 21.49
C VAL B 186 24.81 -6.27 22.53
N TRP B 187 25.85 -5.55 22.08
CA TRP B 187 26.62 -4.74 23.02
C TRP B 187 25.74 -3.73 23.72
N PHE B 188 24.89 -3.04 22.96
CA PHE B 188 24.02 -2.01 23.52
C PHE B 188 23.08 -2.62 24.56
N ALA B 189 22.49 -3.78 24.23
CA ALA B 189 21.57 -4.42 25.16
C ALA B 189 22.28 -4.78 26.46
N ASN B 190 23.48 -5.36 26.35
CA ASN B 190 24.20 -5.77 27.55
C ASN B 190 24.66 -4.57 28.37
N LEU B 191 25.09 -3.50 27.70
CA LEU B 191 25.52 -2.31 28.42
C LEU B 191 24.34 -1.62 29.10
N SER B 192 23.18 -1.58 28.45
CA SER B 192 22.00 -1.02 29.09
C SER B 192 21.59 -1.84 30.30
N MET B 193 21.66 -3.17 30.19
CA MET B 193 21.35 -4.00 31.34
C MET B 193 22.32 -3.73 32.48
N LYS B 194 23.61 -3.59 32.16
CA LYS B 194 24.59 -3.26 33.19
C LYS B 194 24.29 -1.91 33.83
N ALA B 195 23.90 -0.92 33.03
CA ALA B 195 23.57 0.39 33.56
C ALA B 195 22.38 0.31 34.50
N TRP B 196 21.36 -0.47 34.14
CA TRP B 196 20.22 -0.63 35.03
C TRP B 196 20.63 -1.31 36.32
N LEU B 197 21.37 -2.41 36.23
CA LEU B 197 21.82 -3.11 37.42
C LEU B 197 22.74 -2.23 38.26
N GLY B 198 23.50 -1.35 37.62
CA GLY B 198 24.39 -0.45 38.31
C GLY B 198 23.75 0.79 38.86
N GLY B 199 22.44 0.97 38.68
CA GLY B 199 21.73 2.10 39.22
C GLY B 199 21.71 3.33 38.34
N ARG B 200 22.38 3.30 37.18
CA ARG B 200 22.38 4.46 36.31
C ARG B 200 21.03 4.64 35.62
N ILE B 201 20.35 3.55 35.31
CA ILE B 201 18.97 3.58 34.83
C ILE B 201 18.09 3.22 36.00
N ARG B 202 17.12 4.08 36.32
CA ARG B 202 16.42 4.00 37.59
C ARG B 202 15.32 2.94 37.60
N ASP B 203 14.66 2.69 36.47
CA ASP B 203 13.51 1.79 36.46
C ASP B 203 13.58 0.89 35.24
N PRO B 204 13.16 -0.38 35.35
CA PRO B 204 13.24 -1.27 34.19
C PRO B 204 12.36 -0.87 33.02
N ILE B 205 11.32 -0.06 33.22
CA ILE B 205 10.50 0.37 32.09
C ILE B 205 11.29 1.34 31.20
N LEU B 206 12.16 2.14 31.80
CA LEU B 206 13.05 2.98 31.00
C LEU B 206 14.02 2.13 30.19
N LEU B 207 14.51 1.04 30.79
CA LEU B 207 15.35 0.11 30.06
C LEU B 207 14.59 -0.50 28.88
N GLN B 208 13.32 -0.85 29.11
CA GLN B 208 12.50 -1.42 28.02
C GLN B 208 12.32 -0.38 26.90
N SER B 209 12.13 0.90 27.25
CA SER B 209 12.02 1.94 26.23
C SER B 209 13.31 2.05 25.42
N LEU B 210 14.45 2.08 26.11
CA LEU B 210 15.72 2.16 25.42
C LEU B 210 15.88 1.01 24.44
N LEU B 211 15.61 -0.21 24.90
CA LEU B 211 15.83 -1.36 24.05
C LEU B 211 14.81 -1.44 22.93
N ASN B 212 13.59 -0.91 23.13
CA ASN B 212 12.62 -0.86 22.04
C ASN B 212 13.10 0.07 20.93
N GLU B 213 13.60 1.25 21.30
CA GLU B 213 14.13 2.15 20.28
C GLU B 213 15.34 1.53 19.57
N MET B 214 16.23 0.90 20.33
CA MET B 214 17.38 0.24 19.73
C MET B 214 16.94 -0.86 18.77
N ASN B 215 15.93 -1.64 19.14
CA ASN B 215 15.46 -2.71 18.28
C ASN B 215 14.78 -2.16 17.03
N THR B 216 14.12 -1.02 17.14
CA THR B 216 13.59 -0.37 15.94
C THR B 216 14.73 -0.03 14.98
N LEU B 217 15.82 0.52 15.51
CA LEU B 217 16.98 0.79 14.66
C LEU B 217 17.52 -0.50 14.04
N ARG B 218 17.55 -1.57 14.82
CA ARG B 218 18.03 -2.86 14.29
C ARG B 218 17.15 -3.34 13.14
N THR B 219 15.83 -3.21 13.28
CA THR B 219 14.94 -3.63 12.22
C THR B 219 15.18 -2.81 10.95
N GLN B 220 15.39 -1.50 11.11
CA GLN B 220 15.69 -0.67 9.94
C GLN B 220 16.98 -1.12 9.26
N CYS B 221 18.02 -1.39 10.05
CA CYS B 221 19.29 -1.81 9.45
C CYS B 221 19.15 -3.17 8.78
N GLY B 222 18.36 -4.07 9.36
CA GLY B 222 18.10 -5.34 8.71
C GLY B 222 17.38 -5.17 7.39
N HIS B 223 16.44 -4.23 7.32
CA HIS B 223 15.77 -3.95 6.06
C HIS B 223 16.74 -3.40 5.03
N LEU B 224 17.67 -2.54 5.46
CA LEU B 224 18.70 -2.07 4.54
C LEU B 224 19.52 -3.23 4.00
N TYR B 225 19.92 -4.15 4.88
CA TYR B 225 20.65 -5.33 4.44
C TYR B 225 19.82 -6.15 3.45
N ALA B 226 18.53 -6.32 3.72
CA ALA B 226 17.67 -7.11 2.85
C ALA B 226 17.57 -6.48 1.46
N TYR B 227 17.38 -5.16 1.41
CA TYR B 227 17.30 -4.49 0.11
C TYR B 227 18.62 -4.59 -0.64
N ASP B 228 19.74 -4.51 0.08
CA ASP B 228 21.04 -4.69 -0.57
C ASP B 228 21.19 -6.10 -1.11
N TRP B 229 20.68 -7.10 -0.40
CA TRP B 229 20.87 -8.50 -0.74
C TRP B 229 19.87 -8.99 -1.78
N ILE B 230 18.58 -8.77 -1.53
CA ILE B 230 17.53 -9.30 -2.41
C ILE B 230 17.25 -8.22 -3.45
N SER B 231 17.94 -8.33 -4.59
CA SER B 231 17.72 -7.43 -5.70
C SER B 231 16.37 -7.70 -6.35
N ILE B 232 15.87 -6.71 -7.08
CA ILE B 232 14.70 -6.98 -7.94
C ILE B 232 15.07 -8.13 -8.86
N PRO B 233 14.21 -9.11 -9.08
CA PRO B 233 14.61 -10.28 -9.86
C PRO B 233 15.25 -9.89 -11.17
N LEU B 234 16.41 -10.50 -11.46
CA LEU B 234 17.16 -10.15 -12.65
C LEU B 234 16.33 -10.36 -13.91
N VAL B 235 15.43 -11.34 -13.90
CA VAL B 235 14.63 -11.63 -15.09
C VAL B 235 13.73 -10.44 -15.43
N TYR B 236 13.14 -9.81 -14.41
CA TYR B 236 12.27 -8.66 -14.65
C TYR B 236 13.05 -7.51 -15.26
N THR B 237 14.24 -7.23 -14.71
CA THR B 237 15.08 -6.16 -15.23
C THR B 237 15.48 -6.43 -16.66
N GLN B 238 15.87 -7.67 -16.96
CA GLN B 238 16.23 -8.04 -18.32
C GLN B 238 15.04 -7.91 -19.26
N VAL B 239 13.85 -8.24 -18.78
CA VAL B 239 12.66 -8.14 -19.61
C VAL B 239 12.41 -6.69 -20.01
N VAL B 240 12.45 -5.77 -19.03
CA VAL B 240 12.20 -4.38 -19.34
C VAL B 240 13.30 -3.82 -20.25
N THR B 241 14.55 -4.21 -19.99
CA THR B 241 15.65 -3.77 -20.83
C THR B 241 15.48 -4.25 -22.27
N VAL B 242 15.09 -5.52 -22.44
CA VAL B 242 14.88 -6.08 -23.75
C VAL B 242 13.77 -5.33 -24.47
N ALA B 243 12.67 -5.04 -23.75
CA ALA B 243 11.59 -4.30 -24.37
C ALA B 243 12.08 -2.97 -24.93
N VAL B 244 12.77 -2.18 -24.09
CA VAL B 244 13.19 -0.84 -24.52
C VAL B 244 14.17 -0.94 -25.68
N TYR B 245 15.18 -1.79 -25.55
CA TYR B 245 16.24 -1.81 -26.55
C TYR B 245 15.77 -2.45 -27.84
N SER B 246 14.86 -3.42 -27.78
CA SER B 246 14.28 -3.95 -29.00
C SER B 246 13.45 -2.89 -29.71
N PHE B 247 12.68 -2.10 -28.96
CA PHE B 247 11.93 -1.01 -29.57
C PHE B 247 12.87 -0.10 -30.36
N PHE B 248 13.98 0.31 -29.74
CA PHE B 248 14.82 1.29 -30.43
C PHE B 248 15.72 0.67 -31.49
N LEU B 249 16.08 -0.60 -31.34
CA LEU B 249 16.75 -1.30 -32.43
C LEU B 249 15.84 -1.39 -33.65
N THR B 250 14.56 -1.67 -33.44
CA THR B 250 13.61 -1.64 -34.54
C THR B 250 13.52 -0.23 -35.14
N CYS B 251 13.47 0.79 -34.28
CA CYS B 251 13.40 2.16 -34.78
C CYS B 251 14.61 2.51 -35.64
N LEU B 252 15.77 1.91 -35.36
CA LEU B 252 16.96 2.24 -36.13
C LEU B 252 16.75 2.04 -37.62
N VAL B 253 15.89 1.10 -38.01
CA VAL B 253 15.59 0.83 -39.41
C VAL B 253 14.22 1.35 -39.81
N GLY B 254 13.21 1.13 -38.98
CA GLY B 254 11.86 1.52 -39.33
C GLY B 254 11.62 3.00 -39.32
N ARG B 255 12.55 3.79 -38.80
CA ARG B 255 12.44 5.25 -38.77
C ARG B 255 13.42 5.92 -39.72
N GLN B 256 14.00 5.17 -40.66
CA GLN B 256 14.87 5.78 -41.65
C GLN B 256 14.04 6.56 -42.66
N PHE B 257 14.62 7.65 -43.16
CA PHE B 257 13.95 8.48 -44.16
C PHE B 257 14.22 7.88 -45.54
N LEU B 258 13.21 7.25 -46.11
CA LEU B 258 13.37 6.64 -47.42
C LEU B 258 13.45 7.70 -48.50
N ASN B 259 13.87 7.28 -49.68
CA ASN B 259 14.05 8.20 -50.80
C ASN B 259 12.68 8.74 -51.22
N PRO B 260 12.48 10.06 -51.25
CA PRO B 260 11.16 10.59 -51.62
C PRO B 260 10.69 10.19 -53.00
N ALA B 261 11.61 10.03 -53.97
CA ALA B 261 11.20 9.77 -55.34
C ALA B 261 10.28 8.56 -55.43
N LYS B 262 10.50 7.55 -54.58
CA LYS B 262 9.61 6.40 -54.54
C LYS B 262 8.21 6.77 -54.05
N ALA B 263 8.07 7.90 -53.37
CA ALA B 263 6.77 8.40 -52.93
C ALA B 263 6.01 7.35 -52.14
N TYR B 264 6.71 6.69 -51.22
CA TYR B 264 6.06 5.74 -50.33
C TYR B 264 5.07 6.46 -49.42
N PRO B 265 4.01 5.79 -48.99
CA PRO B 265 3.08 6.43 -48.05
C PRO B 265 3.79 6.81 -46.75
N GLY B 266 3.68 8.08 -46.39
CA GLY B 266 4.27 8.58 -45.17
C GLY B 266 5.72 9.01 -45.29
N HIS B 267 6.35 8.80 -46.44
CA HIS B 267 7.74 9.17 -46.65
C HIS B 267 7.87 10.24 -47.73
N GLU B 268 6.82 11.04 -47.91
CA GLU B 268 6.81 12.02 -48.99
C GLU B 268 7.93 13.04 -48.81
N LEU B 269 8.13 13.52 -47.59
CA LEU B 269 9.12 14.55 -47.29
C LEU B 269 10.26 13.94 -46.49
N ASP B 270 11.48 14.15 -46.97
CA ASP B 270 12.68 13.57 -46.38
C ASP B 270 13.37 14.66 -45.56
N LEU B 271 12.93 14.82 -44.31
CA LEU B 271 13.72 15.55 -43.35
C LEU B 271 14.89 14.68 -42.91
N VAL B 272 16.00 15.33 -42.54
CA VAL B 272 17.18 14.55 -42.20
C VAL B 272 17.14 14.07 -40.76
N VAL B 273 16.51 14.83 -39.86
CA VAL B 273 16.54 14.55 -38.43
C VAL B 273 15.20 13.94 -38.03
N PRO B 274 15.16 12.71 -37.53
CA PRO B 274 13.88 12.13 -37.03
C PRO B 274 13.53 12.67 -35.66
N VAL B 275 12.92 13.86 -35.63
CA VAL B 275 12.73 14.56 -34.36
C VAL B 275 11.84 13.76 -33.43
N PHE B 276 10.75 13.18 -33.94
CA PHE B 276 9.85 12.45 -33.05
C PHE B 276 10.52 11.19 -32.50
N THR B 277 11.36 10.52 -33.31
CA THR B 277 12.05 9.36 -32.80
C THR B 277 13.02 9.75 -31.69
N PHE B 278 13.66 10.90 -31.83
CA PHE B 278 14.54 11.37 -30.77
C PHE B 278 13.76 11.75 -29.51
N LEU B 279 12.56 12.33 -29.68
CA LEU B 279 11.72 12.61 -28.53
C LEU B 279 11.29 11.32 -27.84
N GLN B 280 10.94 10.29 -28.63
CA GLN B 280 10.59 9.01 -28.06
C GLN B 280 11.78 8.38 -27.34
N PHE B 281 12.97 8.52 -27.90
CA PHE B 281 14.17 8.06 -27.22
C PHE B 281 14.31 8.75 -25.87
N PHE B 282 14.23 10.08 -25.87
CA PHE B 282 14.36 10.80 -24.61
C PHE B 282 13.33 10.29 -23.61
N PHE B 283 12.06 10.23 -24.02
CA PHE B 283 11.00 9.81 -23.13
C PHE B 283 11.26 8.42 -22.56
N TYR B 284 11.37 7.41 -23.42
CA TYR B 284 11.41 6.03 -22.95
C TYR B 284 12.72 5.70 -22.27
N VAL B 285 13.85 6.13 -22.84
CA VAL B 285 15.13 5.82 -22.23
C VAL B 285 15.31 6.59 -20.94
N GLY B 286 14.75 7.80 -20.82
CA GLY B 286 14.77 8.48 -19.54
C GLY B 286 13.87 7.82 -18.52
N TRP B 287 12.73 7.30 -18.96
CA TRP B 287 11.87 6.53 -18.07
C TRP B 287 12.62 5.32 -17.52
N LEU B 288 13.37 4.64 -18.39
CA LEU B 288 14.20 3.52 -17.93
C LEU B 288 15.34 4.00 -17.04
N LYS B 289 15.92 5.16 -17.35
CA LYS B 289 17.03 5.68 -16.56
C LYS B 289 16.58 6.07 -15.16
N VAL B 290 15.30 6.41 -14.98
CA VAL B 290 14.77 6.62 -13.65
C VAL B 290 15.00 5.37 -12.80
N ALA B 291 14.63 4.21 -13.33
CA ALA B 291 14.86 2.95 -12.63
C ALA B 291 16.35 2.66 -12.49
N GLU B 292 17.12 2.93 -13.54
CA GLU B 292 18.55 2.64 -13.50
C GLU B 292 19.23 3.41 -12.39
N GLN B 293 18.82 4.66 -12.17
CA GLN B 293 19.39 5.47 -11.10
C GLN B 293 18.85 5.04 -9.74
N LEU B 294 17.56 4.75 -9.64
CA LEU B 294 16.94 4.47 -8.35
C LEU B 294 17.04 3.02 -7.91
N ILE B 295 17.42 2.10 -8.80
CA ILE B 295 17.39 0.68 -8.45
C ILE B 295 18.34 0.41 -7.28
N ASN B 296 19.49 1.08 -7.26
CA ASN B 296 20.40 1.08 -6.12
C ASN B 296 20.56 2.52 -5.67
N PRO B 297 19.83 2.96 -4.66
CA PRO B 297 19.89 4.37 -4.25
C PRO B 297 21.10 4.73 -3.41
N PHE B 298 21.99 3.78 -3.13
CA PHE B 298 23.17 4.01 -2.30
C PHE B 298 24.44 4.06 -3.13
N GLY B 299 24.33 4.22 -4.44
CA GLY B 299 25.49 4.41 -5.29
C GLY B 299 26.03 5.82 -5.18
N GLU B 300 26.48 6.36 -6.32
CA GLU B 300 27.03 7.70 -6.36
C GLU B 300 26.36 8.57 -7.42
N ASP B 301 25.16 8.20 -7.87
CA ASP B 301 24.42 9.07 -8.76
C ASP B 301 24.12 10.39 -8.07
N ASP B 302 23.75 11.39 -8.87
CA ASP B 302 23.38 12.69 -8.31
C ASP B 302 22.19 12.56 -7.37
N ASP B 303 21.23 11.71 -7.71
CA ASP B 303 20.01 11.58 -6.94
C ASP B 303 20.09 10.47 -5.88
N ASP B 304 21.24 9.83 -5.73
CA ASP B 304 21.38 8.83 -4.68
C ASP B 304 21.52 9.51 -3.32
N PHE B 305 21.20 8.76 -2.27
CA PHE B 305 21.14 9.33 -0.93
C PHE B 305 22.51 9.80 -0.47
N GLU B 306 22.51 10.87 0.32
CA GLU B 306 23.74 11.43 0.90
C GLU B 306 24.04 10.71 2.21
N THR B 307 24.56 9.49 2.08
CA THR B 307 24.78 8.65 3.25
C THR B 307 25.89 9.20 4.14
N ASN B 308 26.96 9.74 3.54
CA ASN B 308 28.06 10.25 4.34
C ASN B 308 27.62 11.44 5.18
N TRP B 309 26.83 12.34 4.60
CA TRP B 309 26.31 13.46 5.36
C TRP B 309 25.42 12.96 6.50
N ILE B 310 24.61 11.93 6.24
CA ILE B 310 23.75 11.39 7.28
C ILE B 310 24.58 10.83 8.41
N VAL B 311 25.65 10.10 8.09
CA VAL B 311 26.52 9.54 9.12
C VAL B 311 27.13 10.65 9.98
N ASP B 312 27.67 11.67 9.33
CA ASP B 312 28.29 12.77 10.07
C ASP B 312 27.28 13.48 10.95
N ARG B 313 26.13 13.83 10.39
CA ARG B 313 25.11 14.54 11.14
C ARG B 313 24.63 13.72 12.32
N ASN B 314 24.40 12.42 12.11
CA ASN B 314 23.94 11.57 13.20
C ASN B 314 24.96 11.52 14.32
N LEU B 315 26.24 11.35 13.98
CA LEU B 315 27.26 11.32 15.02
C LEU B 315 27.26 12.61 15.82
N GLN B 316 27.35 13.75 15.13
CA GLN B 316 27.41 15.04 15.82
C GLN B 316 26.20 15.25 16.69
N VAL B 317 25.01 15.09 16.11
CA VAL B 317 23.77 15.41 16.82
C VAL B 317 23.59 14.48 18.01
N SER B 318 23.86 13.18 17.84
CA SER B 318 23.63 12.24 18.92
C SER B 318 24.59 12.46 20.06
N LEU B 319 25.87 12.70 19.76
CA LEU B 319 26.83 12.97 20.83
C LEU B 319 26.46 14.25 21.57
N LEU B 320 26.08 15.30 20.84
CA LEU B 320 25.67 16.53 21.50
C LEU B 320 24.45 16.29 22.38
N ALA B 321 23.47 15.54 21.87
CA ALA B 321 22.23 15.34 22.60
C ALA B 321 22.47 14.57 23.90
N VAL B 322 23.30 13.54 23.86
CA VAL B 322 23.47 12.69 25.05
C VAL B 322 24.51 13.22 26.01
N ASP B 323 25.44 14.07 25.57
CA ASP B 323 26.52 14.52 26.44
C ASP B 323 26.32 15.95 26.93
N GLU B 324 26.23 16.92 26.02
CA GLU B 324 26.14 18.31 26.44
C GLU B 324 24.73 18.68 26.88
N MET B 325 23.71 18.08 26.26
CA MET B 325 22.33 18.42 26.52
C MET B 325 21.71 17.58 27.64
N HIS B 326 22.47 16.70 28.27
CA HIS B 326 21.95 15.91 29.37
C HIS B 326 21.65 16.79 30.57
N GLN B 327 20.37 16.87 30.96
CA GLN B 327 19.95 17.66 32.11
C GLN B 327 20.47 19.09 32.01
N ASP B 328 20.51 19.60 30.79
CA ASP B 328 20.91 20.99 30.51
C ASP B 328 19.73 21.64 29.80
N LEU B 329 18.86 22.27 30.57
CA LEU B 329 17.62 22.81 30.05
C LEU B 329 17.65 24.33 30.05
N PRO B 330 16.96 24.98 29.11
CA PRO B 330 16.78 26.43 29.22
C PRO B 330 15.95 26.77 30.44
N ARG B 331 16.18 27.96 30.98
CA ARG B 331 15.45 28.37 32.18
C ARG B 331 13.95 28.32 31.92
N MET B 332 13.22 27.75 32.87
CA MET B 332 11.77 27.59 32.76
C MET B 332 11.08 28.80 33.35
N GLU B 333 10.50 29.63 32.49
CA GLU B 333 9.86 30.87 32.91
C GLU B 333 8.49 30.97 32.26
N PRO B 334 7.57 31.71 32.87
CA PRO B 334 6.25 31.87 32.25
C PRO B 334 6.36 32.45 30.84
N ASP B 335 5.55 31.91 29.93
CA ASP B 335 5.64 32.28 28.53
C ASP B 335 4.83 33.56 28.27
N MET B 336 4.87 34.00 27.02
CA MET B 336 4.23 35.26 26.64
C MET B 336 2.72 35.20 26.81
N TYR B 337 2.11 34.03 26.70
CA TYR B 337 0.68 33.86 26.84
C TYR B 337 0.30 33.26 28.18
N TRP B 338 1.01 33.67 29.24
CA TRP B 338 0.85 33.02 30.54
C TRP B 338 -0.59 33.13 31.03
N ASN B 339 -1.21 34.29 30.87
CA ASN B 339 -2.61 34.50 31.24
C ASN B 339 -3.42 35.00 30.06
N LYS B 340 -3.21 34.38 28.89
CA LYS B 340 -3.95 34.69 27.67
C LYS B 340 -4.75 33.46 27.27
N PRO B 341 -6.05 33.41 27.56
CA PRO B 341 -6.82 32.19 27.26
C PRO B 341 -6.84 31.83 25.78
N GLU B 342 -6.73 32.81 24.88
CA GLU B 342 -6.83 32.58 23.44
C GLU B 342 -5.62 33.22 22.76
N PRO B 343 -4.44 32.58 22.85
CA PRO B 343 -3.24 33.17 22.26
C PRO B 343 -3.40 33.32 20.75
N GLN B 344 -2.93 34.46 20.24
CA GLN B 344 -2.97 34.77 18.81
C GLN B 344 -1.59 35.29 18.40
N PRO B 345 -0.68 34.40 18.04
CA PRO B 345 0.64 34.86 17.57
C PRO B 345 0.49 35.74 16.35
N PRO B 346 1.31 36.79 16.23
CA PRO B 346 1.12 37.75 15.14
C PRO B 346 1.50 37.18 13.79
N TYR B 347 1.09 37.89 12.75
CA TYR B 347 1.46 37.60 11.38
C TYR B 347 2.30 38.75 10.84
N THR B 348 3.23 38.43 9.95
CA THR B 348 3.99 39.46 9.26
C THR B 348 3.21 39.98 8.07
N ALA B 349 3.72 41.05 7.47
CA ALA B 349 3.08 41.60 6.28
C ALA B 349 3.08 40.58 5.15
N ALA B 350 4.17 39.84 4.98
CA ALA B 350 4.24 38.85 3.92
C ALA B 350 3.35 37.64 4.16
N SER B 351 2.92 37.41 5.40
CA SER B 351 2.15 36.23 5.74
C SER B 351 0.72 36.53 6.18
N ALA B 352 0.32 37.80 6.23
CA ALA B 352 -1.01 38.13 6.71
C ALA B 352 -2.08 37.49 5.84
N GLN B 353 -1.79 37.29 4.56
CA GLN B 353 -2.74 36.67 3.65
C GLN B 353 -3.04 35.22 3.99
N PHE B 354 -2.21 34.57 4.81
CA PHE B 354 -2.40 33.17 5.16
C PHE B 354 -3.21 32.98 6.43
N ARG B 355 -3.68 34.07 7.06
CA ARG B 355 -4.57 33.93 8.20
C ARG B 355 -5.93 33.44 7.73
N ARG B 356 -6.38 32.33 8.30
CA ARG B 356 -7.58 31.65 7.84
C ARG B 356 -8.55 31.44 9.00
N ALA B 357 -9.83 31.41 8.68
CA ALA B 357 -10.85 30.98 9.62
C ALA B 357 -10.83 29.46 9.73
N SER B 358 -11.17 28.96 10.91
CA SER B 358 -11.16 27.53 11.14
C SER B 358 -12.20 26.83 10.28
N PHE B 359 -11.83 25.67 9.75
CA PHE B 359 -12.78 24.79 9.09
C PHE B 359 -13.52 24.00 10.17
N MET B 360 -14.84 24.17 10.23
CA MET B 360 -15.64 23.59 11.29
C MET B 360 -16.28 22.26 10.91
N GLY B 361 -16.01 21.76 9.72
CA GLY B 361 -16.63 20.54 9.24
C GLY B 361 -17.53 20.82 8.04
N SER B 362 -17.74 19.78 7.24
CA SER B 362 -18.51 19.93 6.01
C SER B 362 -20.00 20.08 6.27
N THR B 363 -20.47 19.76 7.47
CA THR B 363 -21.89 19.86 7.80
C THR B 363 -22.25 21.17 8.48
N PHE B 364 -21.28 22.08 8.63
CA PHE B 364 -21.52 23.29 9.41
C PHE B 364 -22.61 24.16 8.79
N ASN B 365 -22.62 24.30 7.46
CA ASN B 365 -23.48 25.24 6.78
C ASN B 365 -24.79 24.63 6.30
N ILE B 366 -25.09 23.39 6.69
CA ILE B 366 -26.38 22.79 6.35
C ILE B 366 -27.48 23.57 7.04
N SER B 367 -28.57 23.81 6.31
CA SER B 367 -29.69 24.60 6.82
C SER B 367 -30.91 23.71 7.00
N LEU B 368 -31.56 23.84 8.15
CA LEU B 368 -32.75 23.06 8.46
C LEU B 368 -33.81 23.98 9.07
N ASN B 369 -35.08 23.67 8.80
CA ASN B 369 -36.17 24.45 9.35
C ASN B 369 -36.40 24.08 10.81
N LYS B 370 -37.31 24.81 11.45
CA LYS B 370 -37.66 24.51 12.83
C LYS B 370 -38.33 23.15 12.94
N GLU B 371 -39.21 22.81 12.00
CA GLU B 371 -39.85 21.50 12.01
C GLU B 371 -38.82 20.38 11.84
N GLU B 372 -37.86 20.57 10.93
CA GLU B 372 -36.90 19.51 10.64
C GLU B 372 -36.07 19.15 11.86
N MET B 373 -35.74 20.13 12.70
CA MET B 373 -34.83 19.94 13.81
C MET B 373 -35.50 19.41 15.07
N GLU B 374 -36.81 19.18 15.04
CA GLU B 374 -37.53 18.73 16.23
C GLU B 374 -37.39 17.22 16.39
N PHE B 375 -37.03 16.79 17.60
CA PHE B 375 -36.96 15.37 17.89
C PHE B 375 -38.35 14.76 17.86
N GLN B 376 -38.45 13.57 17.29
CA GLN B 376 -39.70 12.83 17.27
C GLN B 376 -39.71 11.80 18.38
N PRO B 377 -40.90 11.47 18.92
CA PRO B 377 -40.99 10.45 19.97
C PRO B 377 -40.81 9.03 19.43
N THR C 2 -10.07 -23.65 -0.42
CA THR C 2 -8.69 -23.29 -0.82
C THR C 2 -8.05 -24.40 -1.65
N ILE C 3 -7.62 -24.05 -2.86
CA ILE C 3 -6.90 -24.96 -3.74
C ILE C 3 -5.43 -24.57 -3.66
N THR C 4 -4.61 -25.46 -3.11
CA THR C 4 -3.19 -25.20 -2.94
C THR C 4 -2.42 -25.90 -4.06
N TYR C 5 -1.68 -25.11 -4.84
CA TYR C 5 -0.76 -25.64 -5.85
C TYR C 5 0.64 -25.09 -5.66
N THR C 6 1.00 -24.71 -4.42
CA THR C 6 2.30 -24.11 -4.17
C THR C 6 3.43 -25.07 -4.53
N SER C 7 3.30 -26.34 -4.17
CA SER C 7 4.37 -27.29 -4.44
C SER C 7 4.57 -27.50 -5.93
N GLN C 8 3.52 -27.31 -6.73
CA GLN C 8 3.62 -27.51 -8.17
C GLN C 8 4.35 -26.38 -8.87
N VAL C 9 4.47 -25.22 -8.24
CA VAL C 9 5.11 -24.06 -8.85
C VAL C 9 6.29 -23.62 -8.02
N ALA C 10 6.94 -24.56 -7.33
CA ALA C 10 8.11 -24.22 -6.54
C ALA C 10 9.21 -23.67 -7.43
N ASN C 11 9.44 -24.30 -8.58
CA ASN C 11 10.46 -23.89 -9.53
C ASN C 11 9.81 -23.48 -10.84
N ALA C 12 10.49 -22.60 -11.58
CA ALA C 12 10.05 -22.17 -12.90
C ALA C 12 10.54 -23.20 -13.91
N ARG C 13 9.81 -24.30 -14.01
CA ARG C 13 10.16 -25.39 -14.90
C ARG C 13 9.48 -25.20 -16.26
N LEU C 14 9.90 -26.01 -17.22
CA LEU C 14 9.33 -25.96 -18.55
C LEU C 14 7.83 -26.18 -18.50
N GLY C 15 7.08 -25.22 -19.02
CA GLY C 15 5.63 -25.31 -18.96
C GLY C 15 5.08 -25.38 -17.55
N SER C 16 5.64 -24.58 -16.64
CA SER C 16 5.21 -24.63 -15.25
C SER C 16 3.74 -24.29 -15.11
N PHE C 17 3.32 -23.16 -15.69
CA PHE C 17 1.93 -22.76 -15.63
C PHE C 17 1.08 -23.53 -16.63
N SER C 18 1.72 -24.17 -17.62
CA SER C 18 0.97 -25.00 -18.56
C SER C 18 0.30 -26.17 -17.86
N ARG C 19 1.01 -26.82 -16.94
CA ARG C 19 0.46 -27.97 -16.25
C ARG C 19 -0.75 -27.58 -15.40
N LEU C 20 -0.79 -26.34 -14.93
CA LEU C 20 -1.93 -25.89 -14.13
C LEU C 20 -3.20 -25.79 -14.96
N LEU C 21 -3.09 -25.82 -16.28
CA LEU C 21 -4.28 -25.84 -17.13
C LEU C 21 -4.98 -27.18 -17.11
N LEU C 22 -4.35 -28.22 -16.56
CA LEU C 22 -4.96 -29.53 -16.42
C LEU C 22 -5.57 -29.76 -15.05
N CYS C 23 -6.06 -28.70 -14.41
CA CYS C 23 -6.72 -28.80 -13.11
C CYS C 23 -8.20 -28.45 -13.26
N TRP C 24 -9.04 -29.17 -12.52
CA TRP C 24 -10.48 -28.95 -12.56
C TRP C 24 -11.00 -28.18 -11.37
N ARG C 25 -10.68 -28.62 -10.15
CA ARG C 25 -11.17 -27.94 -8.96
C ARG C 25 -10.57 -26.54 -8.86
N GLY C 26 -11.43 -25.55 -8.65
CA GLY C 26 -10.98 -24.18 -8.61
C GLY C 26 -10.51 -23.62 -9.93
N SER C 27 -10.91 -24.24 -11.04
CA SER C 27 -10.38 -23.90 -12.35
C SER C 27 -11.30 -22.91 -13.06
N ILE C 28 -10.77 -22.33 -14.14
CA ILE C 28 -11.55 -21.45 -14.98
C ILE C 28 -12.69 -22.21 -15.65
N TYR C 29 -12.41 -23.44 -16.11
CA TYR C 29 -13.43 -24.23 -16.77
C TYR C 29 -14.63 -24.43 -15.85
N LYS C 30 -14.39 -24.89 -14.64
CA LYS C 30 -15.48 -25.11 -13.69
C LYS C 30 -16.26 -23.83 -13.44
N LEU C 31 -15.59 -22.69 -13.44
CA LEU C 31 -16.25 -21.44 -13.08
C LEU C 31 -17.10 -20.89 -14.22
N LEU C 32 -16.70 -21.07 -15.48
CA LEU C 32 -17.42 -20.41 -16.57
C LEU C 32 -17.95 -21.37 -17.64
N TYR C 33 -18.02 -22.68 -17.39
CA TYR C 33 -18.52 -23.57 -18.42
C TYR C 33 -19.99 -23.30 -18.73
N GLY C 34 -20.79 -23.00 -17.71
CA GLY C 34 -22.21 -22.72 -17.97
C GLY C 34 -22.40 -21.47 -18.80
N GLU C 35 -21.70 -20.39 -18.44
CA GLU C 35 -21.79 -19.16 -19.22
C GLU C 35 -21.30 -19.40 -20.65
N PHE C 36 -20.22 -20.17 -20.80
CA PHE C 36 -19.72 -20.44 -22.14
C PHE C 36 -20.72 -21.24 -22.96
N LEU C 37 -21.39 -22.22 -22.34
CA LEU C 37 -22.41 -22.98 -23.05
C LEU C 37 -23.55 -22.09 -23.49
N ILE C 38 -23.99 -21.19 -22.61
CA ILE C 38 -25.06 -20.27 -22.99
C ILE C 38 -24.62 -19.39 -24.15
N PHE C 39 -23.40 -18.85 -24.08
CA PHE C 39 -22.89 -17.99 -25.14
C PHE C 39 -22.79 -18.74 -26.46
N LEU C 40 -22.29 -19.98 -26.41
CA LEU C 40 -22.16 -20.80 -27.62
C LEU C 40 -23.52 -21.08 -28.23
N LEU C 41 -24.50 -21.44 -27.41
CA LEU C 41 -25.84 -21.71 -27.91
C LEU C 41 -26.43 -20.48 -28.57
N CYS C 42 -26.30 -19.32 -27.93
CA CYS C 42 -26.84 -18.10 -28.52
C CYS C 42 -26.13 -17.75 -29.82
N TYR C 43 -24.80 -17.92 -29.86
CA TYR C 43 -24.06 -17.62 -31.08
C TYR C 43 -24.54 -18.48 -32.23
N TYR C 44 -24.68 -19.77 -32.01
CA TYR C 44 -25.08 -20.64 -33.12
C TYR C 44 -26.56 -20.53 -33.45
N ILE C 45 -27.41 -20.15 -32.49
CA ILE C 45 -28.80 -19.83 -32.83
C ILE C 45 -28.84 -18.64 -33.76
N ILE C 46 -28.04 -17.60 -33.45
CA ILE C 46 -27.99 -16.44 -34.34
C ILE C 46 -27.46 -16.84 -35.70
N ARG C 47 -26.44 -17.70 -35.73
CA ARG C 47 -25.87 -18.14 -37.00
C ARG C 47 -26.92 -18.84 -37.85
N PHE C 48 -27.66 -19.77 -37.25
CA PHE C 48 -28.67 -20.51 -38.01
C PHE C 48 -29.79 -19.59 -38.48
N ILE C 49 -30.22 -18.66 -37.62
CA ILE C 49 -31.26 -17.73 -38.03
C ILE C 49 -30.78 -16.93 -39.23
N TYR C 50 -29.57 -16.38 -39.16
CA TYR C 50 -29.04 -15.58 -40.26
C TYR C 50 -28.93 -16.41 -41.53
N ARG C 51 -28.45 -17.64 -41.42
CA ARG C 51 -28.17 -18.45 -42.60
C ARG C 51 -29.43 -18.97 -43.27
N LEU C 52 -30.46 -19.32 -42.49
CA LEU C 52 -31.65 -19.96 -43.03
C LEU C 52 -32.85 -19.02 -43.07
N ALA C 53 -33.23 -18.42 -41.94
CA ALA C 53 -34.48 -17.68 -41.89
C ALA C 53 -34.43 -16.42 -42.74
N LEU C 54 -33.38 -15.63 -42.62
CA LEU C 54 -33.35 -14.32 -43.25
C LEU C 54 -33.37 -14.43 -44.77
N THR C 55 -34.07 -13.49 -45.41
CA THR C 55 -34.10 -13.41 -46.86
C THR C 55 -32.87 -12.67 -47.36
N GLU C 56 -32.81 -12.46 -48.68
CA GLU C 56 -31.65 -11.81 -49.28
C GLU C 56 -31.44 -10.40 -48.73
N GLU C 57 -32.49 -9.58 -48.78
CA GLU C 57 -32.37 -8.23 -48.24
C GLU C 57 -32.15 -8.25 -46.74
N GLN C 58 -32.84 -9.16 -46.03
CA GLN C 58 -32.62 -9.30 -44.60
C GLN C 58 -31.18 -9.74 -44.32
N GLN C 59 -30.64 -10.65 -45.13
CA GLN C 59 -29.27 -11.08 -44.94
C GLN C 59 -28.29 -9.92 -45.18
N LEU C 60 -28.57 -9.09 -46.19
CA LEU C 60 -27.70 -7.93 -46.42
C LEU C 60 -27.76 -6.96 -45.25
N MET C 61 -28.96 -6.72 -44.71
CA MET C 61 -29.08 -5.88 -43.53
C MET C 61 -28.31 -6.45 -42.35
N PHE C 62 -28.41 -7.77 -42.15
CA PHE C 62 -27.69 -8.41 -41.06
C PHE C 62 -26.19 -8.32 -41.26
N GLU C 63 -25.74 -8.44 -42.50
CA GLU C 63 -24.30 -8.31 -42.77
C GLU C 63 -23.81 -6.89 -42.46
N LYS C 64 -24.58 -5.88 -42.87
CA LYS C 64 -24.19 -4.52 -42.54
C LYS C 64 -24.14 -4.32 -41.03
N LEU C 65 -25.14 -4.86 -40.32
CA LEU C 65 -25.13 -4.80 -38.87
C LEU C 65 -23.90 -5.50 -38.28
N THR C 66 -23.52 -6.64 -38.86
CA THR C 66 -22.39 -7.38 -38.34
C THR C 66 -21.10 -6.60 -38.51
N LEU C 67 -20.90 -5.98 -39.67
CA LEU C 67 -19.72 -5.13 -39.84
C LEU C 67 -19.75 -3.96 -38.86
N TYR C 68 -20.92 -3.32 -38.71
CA TYR C 68 -21.02 -2.19 -37.80
C TYR C 68 -20.67 -2.60 -36.37
N CYS C 69 -21.17 -3.75 -35.93
CA CYS C 69 -20.88 -4.23 -34.58
C CYS C 69 -19.40 -4.56 -34.43
N ASP C 70 -18.85 -5.35 -35.36
CA ASP C 70 -17.45 -5.71 -35.26
C ASP C 70 -16.55 -4.48 -35.23
N SER C 71 -17.00 -3.38 -35.83
CA SER C 71 -16.23 -2.15 -35.75
C SER C 71 -16.30 -1.53 -34.35
N TYR C 72 -17.38 -1.77 -33.61
CA TYR C 72 -17.63 -1.10 -32.34
C TYR C 72 -17.20 -1.94 -31.14
N ILE C 73 -16.35 -2.95 -31.36
CA ILE C 73 -15.87 -3.81 -30.29
C ILE C 73 -14.49 -3.31 -29.87
N GLN C 74 -14.36 -2.92 -28.61
CA GLN C 74 -13.13 -2.36 -28.08
C GLN C 74 -12.72 -3.11 -26.82
N LEU C 75 -11.42 -3.41 -26.71
CA LEU C 75 -10.90 -4.18 -25.60
C LEU C 75 -10.04 -3.37 -24.64
N ILE C 76 -9.90 -2.07 -24.85
CA ILE C 76 -9.10 -1.24 -23.96
C ILE C 76 -9.89 -0.94 -22.68
N PRO C 77 -11.11 -0.39 -22.78
CA PRO C 77 -11.83 -0.07 -21.54
C PRO C 77 -12.15 -1.28 -20.70
N ILE C 78 -12.49 -2.41 -21.32
CA ILE C 78 -12.81 -3.61 -20.57
C ILE C 78 -11.58 -4.09 -19.81
N SER C 79 -10.42 -4.08 -20.47
CA SER C 79 -9.20 -4.47 -19.80
C SER C 79 -8.87 -3.53 -18.65
N PHE C 80 -9.02 -2.22 -18.86
CA PHE C 80 -8.77 -1.25 -17.81
C PHE C 80 -9.64 -1.54 -16.59
N VAL C 81 -10.95 -1.62 -16.80
CA VAL C 81 -11.87 -1.73 -15.68
C VAL C 81 -11.71 -3.07 -14.99
N LEU C 82 -11.53 -4.15 -15.77
CA LEU C 82 -11.33 -5.45 -15.16
C LEU C 82 -10.05 -5.46 -14.32
N GLY C 83 -8.97 -4.89 -14.86
CA GLY C 83 -7.72 -4.89 -14.11
C GLY C 83 -7.87 -4.16 -12.79
N PHE C 84 -8.44 -2.96 -12.82
CA PHE C 84 -8.56 -2.19 -11.58
C PHE C 84 -9.51 -2.86 -10.59
N TYR C 85 -10.67 -3.30 -11.07
CA TYR C 85 -11.66 -3.89 -10.18
C TYR C 85 -11.16 -5.20 -9.58
N VAL C 86 -10.52 -6.05 -10.39
CA VAL C 86 -10.01 -7.31 -9.88
C VAL C 86 -8.85 -7.08 -8.93
N THR C 87 -8.03 -6.05 -9.19
CA THR C 87 -6.98 -5.72 -8.23
C THR C 87 -7.59 -5.34 -6.89
N LEU C 88 -8.64 -4.53 -6.90
CA LEU C 88 -9.31 -4.17 -5.65
C LEU C 88 -9.85 -5.42 -4.95
N VAL C 89 -10.50 -6.30 -5.72
CA VAL C 89 -11.09 -7.50 -5.13
C VAL C 89 -10.03 -8.38 -4.51
N VAL C 90 -8.89 -8.55 -5.19
CA VAL C 90 -7.82 -9.40 -4.67
C VAL C 90 -7.20 -8.78 -3.43
N THR C 91 -7.03 -7.45 -3.43
CA THR C 91 -6.51 -6.78 -2.25
C THR C 91 -7.42 -7.01 -1.05
N ARG C 92 -8.73 -6.84 -1.25
CA ARG C 92 -9.66 -7.08 -0.15
C ARG C 92 -9.67 -8.55 0.27
N TRP C 93 -9.49 -9.46 -0.68
CA TRP C 93 -9.45 -10.88 -0.36
C TRP C 93 -8.28 -11.21 0.56
N TRP C 94 -7.10 -10.69 0.25
CA TRP C 94 -5.96 -10.95 1.11
C TRP C 94 -6.10 -10.23 2.44
N ASN C 95 -6.66 -9.01 2.44
CA ASN C 95 -6.91 -8.32 3.70
C ASN C 95 -7.86 -9.12 4.58
N GLN C 96 -8.87 -9.74 3.98
CA GLN C 96 -9.80 -10.54 4.77
C GLN C 96 -9.12 -11.79 5.31
N TYR C 97 -8.20 -12.38 4.56
CA TYR C 97 -7.43 -13.47 5.15
C TYR C 97 -6.61 -12.96 6.33
N GLU C 98 -5.97 -11.80 6.19
CA GLU C 98 -5.10 -11.30 7.24
C GLU C 98 -5.86 -10.99 8.53
N ASN C 99 -7.18 -10.88 8.46
CA ASN C 99 -8.00 -10.60 9.64
C ASN C 99 -8.67 -11.84 10.20
N LEU C 100 -8.29 -13.02 9.74
CA LEU C 100 -8.75 -14.24 10.37
C LEU C 100 -8.01 -14.39 11.70
N PRO C 101 -8.70 -14.50 12.84
CA PRO C 101 -7.99 -14.51 14.12
C PRO C 101 -7.33 -15.85 14.39
N TRP C 102 -6.11 -15.79 14.91
CA TRP C 102 -5.40 -16.97 15.38
C TRP C 102 -5.06 -16.79 16.85
N PRO C 103 -5.41 -17.75 17.71
CA PRO C 103 -5.16 -17.58 19.15
C PRO C 103 -3.74 -17.93 19.60
N ASP C 104 -2.78 -18.02 18.69
CA ASP C 104 -1.47 -18.57 19.05
C ASP C 104 -0.71 -17.66 20.01
N ARG C 105 -0.63 -16.37 19.70
CA ARG C 105 0.00 -15.43 20.62
C ARG C 105 -0.75 -15.42 21.95
N LEU C 106 -2.08 -15.35 21.88
CA LEU C 106 -2.89 -15.32 23.08
C LEU C 106 -2.75 -16.61 23.87
N MET C 107 -2.73 -17.76 23.20
CA MET C 107 -2.66 -19.01 23.94
C MET C 107 -1.29 -19.19 24.58
N SER C 108 -0.23 -18.73 23.91
CA SER C 108 1.08 -18.77 24.55
C SER C 108 1.10 -17.92 25.80
N LEU C 109 0.54 -16.71 25.73
CA LEU C 109 0.50 -15.85 26.91
C LEU C 109 -0.36 -16.47 28.02
N VAL C 110 -1.50 -17.05 27.67
CA VAL C 110 -2.38 -17.64 28.67
C VAL C 110 -1.69 -18.83 29.34
N SER C 111 -1.02 -19.66 28.55
CA SER C 111 -0.31 -20.81 29.10
C SER C 111 0.81 -20.37 30.03
N GLY C 112 1.55 -19.34 29.65
CA GLY C 112 2.67 -18.91 30.47
C GLY C 112 2.24 -18.19 31.75
N PHE C 113 1.33 -17.23 31.62
CA PHE C 113 1.08 -16.27 32.70
C PHE C 113 0.08 -16.74 33.74
N VAL C 114 -0.98 -17.44 33.33
CA VAL C 114 -2.02 -17.87 34.26
C VAL C 114 -1.52 -19.12 34.97
N GLU C 115 -1.27 -19.00 36.27
CA GLU C 115 -0.55 -20.01 37.01
C GLU C 115 -1.48 -20.96 37.74
N GLY C 116 -0.95 -22.15 38.02
CA GLY C 116 -1.69 -23.15 38.77
C GLY C 116 -1.92 -24.43 38.02
N LYS C 117 -1.34 -25.52 38.49
CA LYS C 117 -1.55 -26.84 37.92
C LYS C 117 -2.77 -27.55 38.51
N ASP C 118 -3.45 -26.94 39.47
CA ASP C 118 -4.63 -27.54 40.06
C ASP C 118 -5.83 -27.40 39.11
N GLU C 119 -6.99 -27.88 39.54
CA GLU C 119 -8.21 -27.88 38.70
C GLU C 119 -8.71 -26.45 38.52
N GLN C 120 -8.45 -25.53 39.45
CA GLN C 120 -8.87 -24.14 39.27
C GLN C 120 -8.04 -23.46 38.18
N GLY C 121 -6.73 -23.69 38.18
CA GLY C 121 -5.89 -23.09 37.14
C GLY C 121 -6.22 -23.64 35.76
N ARG C 122 -6.41 -24.96 35.66
CA ARG C 122 -6.84 -25.56 34.41
C ARG C 122 -8.14 -24.92 33.92
N LEU C 123 -9.11 -24.81 34.82
CA LEU C 123 -10.40 -24.27 34.45
C LEU C 123 -10.28 -22.82 33.99
N LEU C 124 -9.47 -22.03 34.69
CA LEU C 124 -9.30 -20.63 34.34
C LEU C 124 -8.65 -20.48 32.96
N ARG C 125 -7.56 -21.20 32.72
CA ARG C 125 -6.89 -21.10 31.43
C ARG C 125 -7.79 -21.57 30.29
N ARG C 126 -8.47 -22.70 30.50
CA ARG C 126 -9.35 -23.23 29.47
C ARG C 126 -10.50 -22.27 29.20
N THR C 127 -11.05 -21.65 30.25
CA THR C 127 -12.15 -20.71 30.07
C THR C 127 -11.70 -19.48 29.29
N LEU C 128 -10.52 -18.95 29.59
CA LEU C 128 -10.04 -17.79 28.85
C LEU C 128 -9.85 -18.11 27.37
N ILE C 129 -9.17 -19.21 27.08
CA ILE C 129 -8.93 -19.53 25.68
C ILE C 129 -10.23 -19.92 24.99
N ARG C 130 -11.18 -20.47 25.73
CA ARG C 130 -12.49 -20.77 25.17
C ARG C 130 -13.26 -19.50 24.85
N TYR C 131 -13.12 -18.46 25.66
CA TYR C 131 -13.74 -17.18 25.33
C TYR C 131 -13.17 -16.63 24.04
N ALA C 132 -11.85 -16.72 23.87
CA ALA C 132 -11.24 -16.31 22.60
C ALA C 132 -11.84 -17.08 21.43
N ASN C 133 -11.85 -18.42 21.54
CA ASN C 133 -12.38 -19.23 20.45
C ASN C 133 -13.85 -18.96 20.20
N LEU C 134 -14.63 -18.67 21.26
CA LEU C 134 -16.04 -18.41 21.09
C LEU C 134 -16.29 -17.10 20.35
N GLY C 135 -15.52 -16.06 20.68
CA GLY C 135 -15.62 -14.84 19.91
C GLY C 135 -15.31 -15.06 18.45
N ASN C 136 -14.23 -15.81 18.18
CA ASN C 136 -13.86 -16.10 16.80
C ASN C 136 -14.95 -16.79 15.99
N VAL C 137 -15.54 -17.86 16.55
CA VAL C 137 -16.55 -18.60 15.80
C VAL C 137 -17.87 -17.84 15.71
N LEU C 138 -18.12 -17.00 16.72
CA LEU C 138 -19.32 -16.13 16.72
C LEU C 138 -19.23 -15.23 15.48
N ILE C 139 -18.08 -14.58 15.25
CA ILE C 139 -17.92 -13.73 14.08
C ILE C 139 -17.89 -14.57 12.81
N LEU C 140 -17.21 -15.72 12.84
CA LEU C 140 -17.08 -16.53 11.64
C LEU C 140 -18.43 -17.06 11.18
N ARG C 141 -19.26 -17.53 12.11
CA ARG C 141 -20.59 -17.98 11.72
C ARG C 141 -21.47 -16.80 11.29
N SER C 142 -21.13 -15.59 11.72
CA SER C 142 -21.82 -14.43 11.16
C SER C 142 -21.43 -14.16 9.72
N VAL C 143 -20.18 -14.42 9.34
CA VAL C 143 -19.69 -14.02 8.02
C VAL C 143 -19.48 -15.18 7.06
N SER C 144 -19.42 -16.43 7.51
CA SER C 144 -19.06 -17.56 6.66
C SER C 144 -20.26 -18.50 6.54
N THR C 145 -20.61 -18.86 5.30
CA THR C 145 -21.78 -19.70 5.07
C THR C 145 -21.51 -21.14 5.50
N ALA C 146 -20.27 -21.62 5.34
CA ALA C 146 -19.94 -22.96 5.75
C ALA C 146 -20.01 -23.10 7.27
N VAL C 147 -19.44 -22.13 7.99
CA VAL C 147 -19.51 -22.15 9.44
C VAL C 147 -20.94 -22.00 9.92
N TYR C 148 -21.71 -21.13 9.25
CA TYR C 148 -23.12 -20.99 9.61
C TYR C 148 -23.87 -22.30 9.41
N LYS C 149 -23.62 -22.98 8.30
CA LYS C 149 -24.26 -24.27 8.07
C LYS C 149 -23.84 -25.29 9.11
N ARG C 150 -22.63 -25.16 9.65
CA ARG C 150 -22.23 -26.03 10.74
C ARG C 150 -22.91 -25.64 12.05
N PHE C 151 -23.07 -24.35 12.31
CA PHE C 151 -23.65 -23.84 13.55
C PHE C 151 -24.79 -22.89 13.21
N PRO C 152 -25.91 -23.41 12.72
CA PRO C 152 -27.02 -22.54 12.32
C PRO C 152 -27.73 -21.87 13.49
N SER C 153 -27.40 -22.23 14.73
CA SER C 153 -28.00 -21.59 15.89
C SER C 153 -27.00 -21.64 17.04
N ALA C 154 -27.27 -20.84 18.07
CA ALA C 154 -26.41 -20.84 19.25
C ALA C 154 -26.50 -22.15 20.00
N GLN C 155 -27.67 -22.81 19.96
CA GLN C 155 -27.79 -24.13 20.57
C GLN C 155 -26.85 -25.13 19.90
N HIS C 156 -26.58 -24.95 18.61
CA HIS C 156 -25.58 -25.79 17.95
C HIS C 156 -24.20 -25.52 18.51
N LEU C 157 -23.89 -24.26 18.83
CA LEU C 157 -22.63 -23.95 19.48
C LEU C 157 -22.54 -24.63 20.83
N VAL C 158 -23.64 -24.66 21.58
CA VAL C 158 -23.64 -25.35 22.87
C VAL C 158 -23.42 -26.85 22.68
N GLN C 159 -24.11 -27.45 21.71
CA GLN C 159 -23.98 -28.88 21.47
C GLN C 159 -22.59 -29.23 20.98
N ALA C 160 -21.92 -28.31 20.29
CA ALA C 160 -20.59 -28.57 19.76
C ALA C 160 -19.48 -28.29 20.77
N GLY C 161 -19.81 -27.79 21.95
CA GLY C 161 -18.82 -27.55 22.98
C GLY C 161 -18.14 -26.20 22.94
N PHE C 162 -18.45 -25.36 21.96
CA PHE C 162 -17.87 -24.02 21.92
C PHE C 162 -18.42 -23.11 23.00
N MET C 163 -19.65 -23.35 23.45
CA MET C 163 -20.29 -22.54 24.46
C MET C 163 -20.94 -23.47 25.49
N THR C 164 -20.92 -23.05 26.75
CA THR C 164 -21.60 -23.81 27.78
C THR C 164 -23.04 -23.32 27.92
N PRO C 165 -23.92 -24.13 28.52
CA PRO C 165 -25.28 -23.66 28.77
C PRO C 165 -25.34 -22.38 29.61
N ALA C 166 -24.45 -22.25 30.60
CA ALA C 166 -24.41 -21.01 31.38
C ALA C 166 -24.04 -19.82 30.50
N GLU C 167 -23.07 -20.00 29.61
CA GLU C 167 -22.69 -18.93 28.70
C GLU C 167 -23.83 -18.59 27.74
N HIS C 168 -24.57 -19.61 27.30
CA HIS C 168 -25.71 -19.36 26.42
C HIS C 168 -26.79 -18.57 27.15
N LYS C 169 -27.08 -18.92 28.40
CA LYS C 169 -28.05 -18.16 29.19
C LYS C 169 -27.57 -16.73 29.38
N GLN C 170 -26.28 -16.53 29.67
CA GLN C 170 -25.76 -15.19 29.85
C GLN C 170 -25.88 -14.38 28.56
N LEU C 171 -25.60 -15.01 27.42
CA LEU C 171 -25.75 -14.32 26.14
C LEU C 171 -27.21 -13.93 25.91
N GLU C 172 -28.13 -14.83 26.23
CA GLU C 172 -29.55 -14.52 26.08
C GLU C 172 -29.94 -13.34 26.98
N LYS C 173 -29.38 -13.28 28.18
CA LYS C 173 -29.69 -12.18 29.09
C LYS C 173 -29.25 -10.84 28.52
N LEU C 174 -28.12 -10.82 27.83
CA LEU C 174 -27.53 -9.58 27.33
C LEU C 174 -28.04 -9.19 25.95
N SER C 175 -29.02 -9.91 25.41
CA SER C 175 -29.41 -9.75 24.02
C SER C 175 -29.72 -8.29 23.69
N LEU C 176 -29.00 -7.77 22.71
CA LEU C 176 -29.26 -6.48 22.09
C LEU C 176 -29.60 -6.71 20.62
N PRO C 177 -30.23 -5.74 19.96
CA PRO C 177 -30.61 -5.91 18.56
C PRO C 177 -29.45 -5.69 17.57
N HIS C 178 -28.29 -6.25 17.91
CA HIS C 178 -27.16 -6.30 16.99
C HIS C 178 -26.38 -7.58 17.25
N ASN C 179 -25.37 -7.82 16.42
CA ASN C 179 -24.54 -8.99 16.56
C ASN C 179 -23.81 -8.97 17.89
N MET C 180 -23.87 -10.08 18.62
CA MET C 180 -23.31 -10.18 19.96
C MET C 180 -21.92 -10.81 19.96
N PHE C 181 -21.20 -10.76 18.84
CA PHE C 181 -19.89 -11.40 18.77
C PHE C 181 -18.88 -10.74 19.69
N TRP C 182 -19.16 -9.53 20.16
CA TRP C 182 -18.22 -8.78 21.00
C TRP C 182 -18.25 -9.20 22.47
N VAL C 183 -19.29 -9.92 22.89
CA VAL C 183 -19.46 -10.21 24.31
C VAL C 183 -18.30 -11.01 24.90
N PRO C 184 -17.80 -12.06 24.23
CA PRO C 184 -16.73 -12.84 24.85
C PRO C 184 -15.50 -12.03 25.16
N TRP C 185 -15.29 -10.90 24.50
CA TRP C 185 -14.14 -10.06 24.81
C TRP C 185 -14.32 -9.34 26.15
N VAL C 186 -15.52 -8.84 26.41
CA VAL C 186 -15.80 -8.27 27.72
C VAL C 186 -15.68 -9.35 28.79
N TRP C 187 -16.20 -10.55 28.51
CA TRP C 187 -16.06 -11.64 29.45
C TRP C 187 -14.59 -11.94 29.72
N PHE C 188 -13.78 -12.00 28.67
CA PHE C 188 -12.36 -12.29 28.82
C PHE C 188 -11.68 -11.23 29.66
N ALA C 189 -11.97 -9.96 29.40
CA ALA C 189 -11.35 -8.89 30.17
C ALA C 189 -11.71 -9.00 31.65
N ASN C 190 -12.98 -9.25 31.94
CA ASN C 190 -13.40 -9.32 33.34
C ASN C 190 -12.82 -10.55 34.02
N LEU C 191 -12.75 -11.68 33.31
CA LEU C 191 -12.19 -12.88 33.91
C LEU C 191 -10.68 -12.73 34.15
N SER C 192 -9.97 -12.08 33.22
CA SER C 192 -8.55 -11.83 33.43
C SER C 192 -8.34 -10.91 34.63
N MET C 193 -9.18 -9.88 34.76
CA MET C 193 -9.07 -9.01 35.92
C MET C 193 -9.31 -9.79 37.21
N LYS C 194 -10.31 -10.67 37.21
CA LYS C 194 -10.57 -11.50 38.38
C LYS C 194 -9.37 -12.40 38.69
N ALA C 195 -8.76 -12.98 37.65
CA ALA C 195 -7.60 -13.83 37.86
C ALA C 195 -6.44 -13.06 38.46
N TRP C 196 -6.22 -11.83 37.99
CA TRP C 196 -5.17 -11.01 38.58
C TRP C 196 -5.47 -10.69 40.03
N LEU C 197 -6.69 -10.24 40.31
CA LEU C 197 -7.07 -9.92 41.68
C LEU C 197 -7.03 -11.16 42.56
N GLY C 198 -7.30 -12.34 42.00
CA GLY C 198 -7.26 -13.57 42.73
C GLY C 198 -5.89 -14.19 42.88
N GLY C 199 -4.86 -13.56 42.35
CA GLY C 199 -3.50 -14.04 42.49
C GLY C 199 -3.05 -15.04 41.44
N ARG C 200 -3.93 -15.42 40.51
CA ARG C 200 -3.54 -16.37 39.48
C ARG C 200 -2.61 -15.73 38.45
N ILE C 201 -2.81 -14.45 38.16
CA ILE C 201 -1.88 -13.67 37.35
C ILE C 201 -1.06 -12.83 38.31
N ARG C 202 0.27 -12.95 38.22
CA ARG C 202 1.14 -12.46 39.27
C ARG C 202 1.40 -10.96 39.19
N ASP C 203 1.41 -10.38 37.99
CA ASP C 203 1.77 -8.97 37.84
C ASP C 203 0.83 -8.30 36.85
N PRO C 204 0.47 -7.03 37.06
CA PRO C 204 -0.44 -6.37 36.12
C PRO C 204 0.10 -6.19 34.72
N ILE C 205 1.42 -6.23 34.52
CA ILE C 205 1.95 -6.10 33.15
C ILE C 205 1.61 -7.35 32.34
N LEU C 206 1.58 -8.51 33.00
CA LEU C 206 1.14 -9.73 32.32
C LEU C 206 -0.33 -9.62 31.94
N LEU C 207 -1.14 -9.04 32.81
CA LEU C 207 -2.54 -8.79 32.49
C LEU C 207 -2.66 -7.86 31.28
N GLN C 208 -1.82 -6.82 31.23
CA GLN C 208 -1.84 -5.89 30.08
C GLN C 208 -1.45 -6.64 28.80
N SER C 209 -0.48 -7.55 28.87
CA SER C 209 -0.11 -8.33 27.69
C SER C 209 -1.28 -9.20 27.22
N LEU C 210 -1.92 -9.90 28.16
CA LEU C 210 -3.07 -10.72 27.81
C LEU C 210 -4.13 -9.90 27.12
N LEU C 211 -4.48 -8.75 27.70
CA LEU C 211 -5.57 -7.97 27.13
C LEU C 211 -5.17 -7.31 25.82
N ASN C 212 -3.88 -7.02 25.62
CA ASN C 212 -3.43 -6.50 24.34
C ASN C 212 -3.61 -7.54 23.24
N GLU C 213 -3.22 -8.79 23.51
CA GLU C 213 -3.42 -9.84 22.52
C GLU C 213 -4.91 -10.06 22.26
N MET C 214 -5.71 -10.07 23.31
CA MET C 214 -7.15 -10.23 23.14
C MET C 214 -7.74 -9.10 22.30
N ASN C 215 -7.30 -7.87 22.54
CA ASN C 215 -7.80 -6.74 21.78
C ASN C 215 -7.35 -6.78 20.32
N THR C 216 -6.16 -7.32 20.06
CA THR C 216 -5.76 -7.54 18.68
C THR C 216 -6.73 -8.50 17.99
N LEU C 217 -7.09 -9.59 18.68
CA LEU C 217 -8.07 -10.50 18.11
C LEU C 217 -9.40 -9.79 17.88
N ARG C 218 -9.82 -8.93 18.81
CA ARG C 218 -11.06 -8.19 18.65
C ARG C 218 -11.02 -7.29 17.41
N THR C 219 -9.90 -6.62 17.20
CA THR C 219 -9.76 -5.77 16.03
C THR C 219 -9.86 -6.59 14.74
N GLN C 220 -9.24 -7.76 14.72
CA GLN C 220 -9.35 -8.62 13.55
C GLN C 220 -10.80 -9.03 13.30
N CYS C 221 -11.52 -9.42 14.36
CA CYS C 221 -12.91 -9.84 14.18
C CYS C 221 -13.78 -8.68 13.74
N GLY C 222 -13.50 -7.47 14.24
CA GLY C 222 -14.23 -6.30 13.77
C GLY C 222 -13.97 -6.03 12.30
N HIS C 223 -12.74 -6.23 11.85
CA HIS C 223 -12.45 -6.07 10.43
C HIS C 223 -13.20 -7.11 9.60
N LEU C 224 -13.29 -8.35 10.10
CA LEU C 224 -14.09 -9.34 9.40
C LEU C 224 -15.54 -8.90 9.29
N TYR C 225 -16.10 -8.39 10.39
CA TYR C 225 -17.47 -7.88 10.35
C TYR C 225 -17.60 -6.74 9.33
N ALA C 226 -16.63 -5.84 9.30
CA ALA C 226 -16.69 -4.71 8.37
C ALA C 226 -16.67 -5.17 6.93
N TYR C 227 -15.79 -6.12 6.61
CA TYR C 227 -15.75 -6.63 5.24
C TYR C 227 -17.04 -7.34 4.88
N ASP C 228 -17.63 -8.06 5.83
CA ASP C 228 -18.92 -8.69 5.57
C ASP C 228 -20.01 -7.65 5.33
N TRP C 229 -19.97 -6.53 6.06
CA TRP C 229 -21.02 -5.53 6.01
C TRP C 229 -20.83 -4.55 4.85
N ILE C 230 -19.66 -3.96 4.72
CA ILE C 230 -19.41 -2.92 3.72
C ILE C 230 -18.91 -3.65 2.47
N SER C 231 -19.84 -3.97 1.58
CA SER C 231 -19.50 -4.58 0.31
C SER C 231 -18.83 -3.57 -0.60
N ILE C 232 -18.09 -4.08 -1.59
CA ILE C 232 -17.62 -3.19 -2.66
C ILE C 232 -18.83 -2.50 -3.26
N PRO C 233 -18.80 -1.20 -3.51
CA PRO C 233 -20.00 -0.50 -3.96
C PRO C 233 -20.68 -1.21 -5.12
N LEU C 234 -21.99 -1.41 -4.98
CA LEU C 234 -22.74 -2.15 -5.99
C LEU C 234 -22.59 -1.51 -7.36
N VAL C 235 -22.47 -0.18 -7.41
CA VAL C 235 -22.37 0.51 -8.70
C VAL C 235 -21.12 0.07 -9.45
N TYR C 236 -20.00 -0.06 -8.74
CA TYR C 236 -18.75 -0.49 -9.38
C TYR C 236 -18.88 -1.89 -9.96
N THR C 237 -19.46 -2.81 -9.18
CA THR C 237 -19.65 -4.17 -9.65
C THR C 237 -20.56 -4.21 -10.88
N GLN C 238 -21.64 -3.44 -10.84
CA GLN C 238 -22.54 -3.38 -11.98
C GLN C 238 -21.85 -2.79 -13.20
N VAL C 239 -20.98 -1.81 -12.99
CA VAL C 239 -20.26 -1.20 -14.10
C VAL C 239 -19.37 -2.23 -14.78
N VAL C 240 -18.59 -2.98 -14.00
CA VAL C 240 -17.69 -3.96 -14.60
C VAL C 240 -18.50 -5.07 -15.28
N THR C 241 -19.59 -5.49 -14.65
CA THR C 241 -20.45 -6.51 -15.25
C THR C 241 -21.03 -6.04 -16.58
N VAL C 242 -21.49 -4.79 -16.62
CA VAL C 242 -22.06 -4.23 -17.83
C VAL C 242 -20.99 -4.19 -18.92
N ALA C 243 -19.78 -3.76 -18.58
CA ALA C 243 -18.70 -3.72 -19.56
C ALA C 243 -18.50 -5.10 -20.19
N VAL C 244 -18.32 -6.13 -19.35
CA VAL C 244 -18.02 -7.45 -19.88
C VAL C 244 -19.18 -7.98 -20.73
N TYR C 245 -20.39 -7.89 -20.20
CA TYR C 245 -21.52 -8.50 -20.88
C TYR C 245 -21.92 -7.73 -22.12
N SER C 246 -21.75 -6.42 -22.12
CA SER C 246 -21.98 -5.66 -23.34
C SER C 246 -20.96 -6.03 -24.41
N PHE C 247 -19.69 -6.19 -24.02
CA PHE C 247 -18.69 -6.65 -24.98
C PHE C 247 -19.13 -7.95 -25.65
N PHE C 248 -19.55 -8.92 -24.85
CA PHE C 248 -19.85 -10.22 -25.46
C PHE C 248 -21.22 -10.26 -26.14
N LEU C 249 -22.18 -9.45 -25.69
CA LEU C 249 -23.41 -9.29 -26.44
C LEU C 249 -23.13 -8.70 -27.82
N THR C 250 -22.25 -7.71 -27.89
CA THR C 250 -21.84 -7.20 -29.19
C THR C 250 -21.16 -8.28 -30.01
N CYS C 251 -20.28 -9.07 -29.39
CA CYS C 251 -19.60 -10.13 -30.11
C CYS C 251 -20.59 -11.15 -30.69
N LEU C 252 -21.73 -11.34 -30.02
CA LEU C 252 -22.69 -12.32 -30.51
C LEU C 252 -23.10 -12.05 -31.95
N VAL C 253 -23.08 -10.80 -32.37
CA VAL C 253 -23.44 -10.42 -33.74
C VAL C 253 -22.21 -10.05 -34.56
N GLY C 254 -21.32 -9.25 -33.98
CA GLY C 254 -20.17 -8.76 -34.72
C GLY C 254 -19.14 -9.82 -35.03
N ARG C 255 -19.24 -11.00 -34.43
CA ARG C 255 -18.33 -12.10 -34.68
C ARG C 255 -18.98 -13.23 -35.45
N GLN C 256 -20.13 -12.99 -36.07
CA GLN C 256 -20.76 -14.01 -36.90
C GLN C 256 -19.99 -14.17 -38.20
N PHE C 257 -19.97 -15.39 -38.72
CA PHE C 257 -19.29 -15.68 -39.98
C PHE C 257 -20.26 -15.37 -41.12
N LEU C 258 -20.01 -14.27 -41.82
CA LEU C 258 -20.88 -13.88 -42.92
C LEU C 258 -20.67 -14.81 -44.11
N ASN C 259 -21.60 -14.74 -45.06
CA ASN C 259 -21.54 -15.60 -46.23
C ASN C 259 -20.32 -15.23 -47.08
N PRO C 260 -19.42 -16.18 -47.38
CA PRO C 260 -18.22 -15.81 -48.15
C PRO C 260 -18.52 -15.25 -49.52
N ALA C 261 -19.60 -15.67 -50.18
CA ALA C 261 -19.84 -15.23 -51.55
C ALA C 261 -19.86 -13.71 -51.66
N LYS C 262 -20.34 -13.03 -50.62
CA LYS C 262 -20.30 -11.57 -50.61
C LYS C 262 -18.87 -11.03 -50.56
N ALA C 263 -17.92 -11.84 -50.14
CA ALA C 263 -16.50 -11.48 -50.14
C ALA C 263 -16.28 -10.16 -49.39
N TYR C 264 -16.91 -10.04 -48.23
CA TYR C 264 -16.69 -8.88 -47.39
C TYR C 264 -15.24 -8.86 -46.90
N PRO C 265 -14.67 -7.69 -46.64
CA PRO C 265 -13.31 -7.64 -46.08
C PRO C 265 -13.25 -8.34 -44.74
N GLY C 266 -12.33 -9.30 -44.63
CA GLY C 266 -12.13 -10.04 -43.41
C GLY C 266 -13.03 -11.24 -43.22
N HIS C 267 -13.99 -11.47 -44.13
CA HIS C 267 -14.91 -12.59 -44.04
C HIS C 267 -14.72 -13.54 -45.22
N GLU C 268 -13.52 -13.56 -45.80
CA GLU C 268 -13.28 -14.36 -46.98
C GLU C 268 -13.50 -15.84 -46.71
N LEU C 269 -13.01 -16.34 -45.57
CA LEU C 269 -13.10 -17.74 -45.22
C LEU C 269 -14.08 -17.92 -44.07
N ASP C 270 -15.03 -18.81 -44.25
CA ASP C 270 -16.10 -19.05 -43.28
C ASP C 270 -15.76 -20.33 -42.51
N LEU C 271 -14.95 -20.18 -41.47
CA LEU C 271 -14.85 -21.23 -40.47
C LEU C 271 -16.10 -21.21 -39.61
N VAL C 272 -16.47 -22.38 -39.08
CA VAL C 272 -17.72 -22.46 -38.33
C VAL C 272 -17.52 -22.02 -36.89
N VAL C 273 -16.34 -22.25 -36.32
CA VAL C 273 -16.08 -22.03 -34.90
C VAL C 273 -15.28 -20.74 -34.76
N PRO C 274 -15.80 -19.70 -34.08
CA PRO C 274 -14.99 -18.49 -33.83
C PRO C 274 -14.00 -18.70 -32.70
N VAL C 275 -12.86 -19.29 -33.03
CA VAL C 275 -11.92 -19.73 -31.99
C VAL C 275 -11.40 -18.54 -31.19
N PHE C 276 -11.05 -17.44 -31.86
CA PHE C 276 -10.52 -16.30 -31.11
C PHE C 276 -11.58 -15.68 -30.21
N THR C 277 -12.84 -15.65 -30.65
CA THR C 277 -13.88 -15.11 -29.80
C THR C 277 -14.06 -15.98 -28.56
N PHE C 278 -13.95 -17.29 -28.72
CA PHE C 278 -14.03 -18.19 -27.57
C PHE C 278 -12.83 -17.99 -26.64
N LEU C 279 -11.64 -17.76 -27.20
CA LEU C 279 -10.48 -17.47 -26.37
C LEU C 279 -10.67 -16.17 -25.60
N GLN C 280 -11.22 -15.15 -26.26
CA GLN C 280 -11.52 -13.90 -25.59
C GLN C 280 -12.56 -14.09 -24.50
N PHE C 281 -13.58 -14.91 -24.75
CA PHE C 281 -14.54 -15.24 -23.72
C PHE C 281 -13.85 -15.87 -22.52
N PHE C 282 -13.04 -16.89 -22.76
CA PHE C 282 -12.33 -17.53 -21.66
C PHE C 282 -11.54 -16.50 -20.88
N PHE C 283 -10.72 -15.70 -21.58
CA PHE C 283 -9.88 -14.72 -20.93
C PHE C 283 -10.69 -13.75 -20.08
N TYR C 284 -11.62 -13.02 -20.70
CA TYR C 284 -12.28 -11.92 -20.01
C TYR C 284 -13.27 -12.42 -18.97
N VAL C 285 -14.06 -13.44 -19.31
CA VAL C 285 -15.03 -13.95 -18.34
C VAL C 285 -14.33 -14.65 -17.20
N GLY C 286 -13.19 -15.30 -17.43
CA GLY C 286 -12.42 -15.85 -16.33
C GLY C 286 -11.81 -14.76 -15.46
N TRP C 287 -11.36 -13.68 -16.08
CA TRP C 287 -10.87 -12.54 -15.32
C TRP C 287 -11.96 -11.99 -14.40
N LEU C 288 -13.18 -11.90 -14.93
CA LEU C 288 -14.31 -11.49 -14.09
C LEU C 288 -14.65 -12.53 -13.04
N LYS C 289 -14.52 -13.82 -13.38
CA LYS C 289 -14.83 -14.87 -12.44
C LYS C 289 -13.84 -14.90 -11.29
N VAL C 290 -12.63 -14.42 -11.50
CA VAL C 290 -11.69 -14.26 -10.39
C VAL C 290 -12.32 -13.39 -9.31
N ALA C 291 -12.85 -12.23 -9.71
CA ALA C 291 -13.52 -11.35 -8.78
C ALA C 291 -14.79 -11.99 -8.22
N GLU C 292 -15.55 -12.68 -9.07
CA GLU C 292 -16.79 -13.29 -8.62
C GLU C 292 -16.53 -14.30 -7.52
N GLN C 293 -15.45 -15.06 -7.64
CA GLN C 293 -15.10 -16.03 -6.61
C GLN C 293 -14.53 -15.35 -5.37
N LEU C 294 -13.66 -14.35 -5.56
CA LEU C 294 -12.96 -13.76 -4.44
C LEU C 294 -13.73 -12.63 -3.75
N ILE C 295 -14.80 -12.12 -4.34
CA ILE C 295 -15.48 -10.97 -3.77
C ILE C 295 -16.01 -11.29 -2.37
N ASN C 296 -16.50 -12.51 -2.18
CA ASN C 296 -16.86 -13.03 -0.86
C ASN C 296 -16.03 -14.28 -0.64
N PRO C 297 -14.90 -14.19 0.07
CA PRO C 297 -14.03 -15.36 0.23
C PRO C 297 -14.49 -16.35 1.28
N PHE C 298 -15.63 -16.11 1.93
CA PHE C 298 -16.13 -16.99 2.98
C PHE C 298 -17.35 -17.78 2.50
N GLY C 299 -17.56 -17.88 1.20
CA GLY C 299 -18.60 -18.73 0.64
C GLY C 299 -18.18 -20.17 0.64
N GLU C 300 -18.57 -20.89 -0.41
CA GLU C 300 -18.25 -22.30 -0.54
C GLU C 300 -17.55 -22.61 -1.86
N ASP C 301 -16.98 -21.62 -2.54
CA ASP C 301 -16.20 -21.89 -3.72
C ASP C 301 -15.00 -22.77 -3.37
N ASP C 302 -14.40 -23.36 -4.39
CA ASP C 302 -13.22 -24.18 -4.17
C ASP C 302 -12.09 -23.37 -3.55
N ASP C 303 -11.93 -22.12 -3.98
CA ASP C 303 -10.84 -21.27 -3.52
C ASP C 303 -11.21 -20.41 -2.31
N ASP C 304 -12.41 -20.56 -1.76
CA ASP C 304 -12.77 -19.84 -0.56
C ASP C 304 -12.07 -20.46 0.65
N PHE C 305 -11.92 -19.65 1.70
CA PHE C 305 -11.16 -20.05 2.86
C PHE C 305 -11.81 -21.23 3.57
N GLU C 306 -10.95 -22.08 4.14
CA GLU C 306 -11.40 -23.25 4.91
C GLU C 306 -11.64 -22.83 6.35
N THR C 307 -12.77 -22.17 6.57
CA THR C 307 -13.06 -21.61 7.89
C THR C 307 -13.33 -22.69 8.92
N ASN C 308 -14.02 -23.76 8.52
CA ASN C 308 -14.33 -24.82 9.48
C ASN C 308 -13.06 -25.51 9.96
N TRP C 309 -12.12 -25.78 9.05
CA TRP C 309 -10.85 -26.35 9.46
C TRP C 309 -10.12 -25.41 10.41
N ILE C 310 -10.16 -24.11 10.13
CA ILE C 310 -9.49 -23.15 10.99
C ILE C 310 -10.10 -23.18 12.38
N VAL C 311 -11.43 -23.24 12.46
CA VAL C 311 -12.10 -23.27 13.76
C VAL C 311 -11.67 -24.51 14.54
N ASP C 312 -11.71 -25.67 13.89
CA ASP C 312 -11.34 -26.91 14.56
C ASP C 312 -9.89 -26.88 15.03
N ARG C 313 -8.99 -26.48 14.14
CA ARG C 313 -7.57 -26.44 14.48
C ARG C 313 -7.31 -25.48 15.62
N ASN C 314 -7.93 -24.30 15.58
CA ASN C 314 -7.73 -23.33 16.65
C ASN C 314 -8.20 -23.88 17.98
N LEU C 315 -9.39 -24.50 18.01
CA LEU C 315 -9.86 -25.07 19.27
C LEU C 315 -8.89 -26.11 19.81
N GLN C 316 -8.52 -27.08 18.98
CA GLN C 316 -7.63 -28.14 19.44
C GLN C 316 -6.30 -27.58 19.92
N VAL C 317 -5.66 -26.76 19.10
CA VAL C 317 -4.33 -26.27 19.40
C VAL C 317 -4.35 -25.41 20.65
N SER C 318 -5.35 -24.52 20.78
CA SER C 318 -5.37 -23.60 21.91
C SER C 318 -5.64 -24.35 23.20
N LEU C 319 -6.58 -25.30 23.20
CA LEU C 319 -6.83 -26.06 24.41
C LEU C 319 -5.60 -26.86 24.81
N LEU C 320 -4.94 -27.50 23.83
CA LEU C 320 -3.72 -28.24 24.15
C LEU C 320 -2.64 -27.32 24.71
N ALA C 321 -2.48 -26.14 24.11
CA ALA C 321 -1.42 -25.23 24.54
C ALA C 321 -1.65 -24.73 25.96
N VAL C 322 -2.89 -24.39 26.31
CA VAL C 322 -3.13 -23.80 27.62
C VAL C 322 -3.33 -24.83 28.71
N ASP C 323 -3.70 -26.07 28.38
CA ASP C 323 -4.01 -27.06 29.41
C ASP C 323 -2.89 -28.08 29.58
N GLU C 324 -2.55 -28.82 28.53
CA GLU C 324 -1.56 -29.88 28.68
C GLU C 324 -0.13 -29.34 28.67
N MET C 325 0.10 -28.27 27.93
CA MET C 325 1.44 -27.72 27.77
C MET C 325 1.78 -26.66 28.82
N HIS C 326 0.88 -26.41 29.76
CA HIS C 326 1.17 -25.44 30.81
C HIS C 326 2.27 -25.94 31.73
N GLN C 327 3.41 -25.25 31.77
CA GLN C 327 4.53 -25.62 32.62
C GLN C 327 4.91 -27.08 32.42
N ASP C 328 4.80 -27.54 31.18
CA ASP C 328 5.20 -28.89 30.78
C ASP C 328 6.25 -28.73 29.69
N LEU C 329 7.51 -28.72 30.09
CA LEU C 329 8.61 -28.42 29.19
C LEU C 329 9.45 -29.66 28.95
N PRO C 330 10.06 -29.79 27.78
CA PRO C 330 11.05 -30.85 27.58
C PRO C 330 12.25 -30.61 28.47
N ARG C 331 12.91 -31.70 28.85
CA ARG C 331 14.07 -31.58 29.73
C ARG C 331 15.11 -30.66 29.11
N MET C 332 15.63 -29.76 29.93
CA MET C 332 16.61 -28.77 29.48
C MET C 332 18.01 -29.33 29.67
N GLU C 333 18.67 -29.67 28.57
CA GLU C 333 19.98 -30.28 28.59
C GLU C 333 20.89 -29.57 27.60
N PRO C 334 22.20 -29.60 27.82
CA PRO C 334 23.12 -28.95 26.87
C PRO C 334 22.94 -29.51 25.47
N ASP C 335 22.96 -28.61 24.49
CA ASP C 335 22.69 -28.99 23.12
C ASP C 335 23.95 -29.53 22.44
N MET C 336 23.79 -29.93 21.18
CA MET C 336 24.87 -30.57 20.44
C MET C 336 26.06 -29.63 20.23
N TYR C 337 25.82 -28.32 20.18
CA TYR C 337 26.86 -27.33 19.97
C TYR C 337 27.22 -26.61 21.26
N TRP C 338 27.23 -27.34 22.37
CA TRP C 338 27.39 -26.71 23.68
C TRP C 338 28.70 -25.94 23.77
N ASN C 339 29.79 -26.51 23.26
CA ASN C 339 31.09 -25.85 23.24
C ASN C 339 31.63 -25.77 21.81
N LYS C 340 30.76 -25.43 20.87
CA LYS C 340 31.13 -25.25 19.46
C LYS C 340 30.93 -23.79 19.09
N PRO C 341 31.98 -22.97 19.05
CA PRO C 341 31.78 -21.54 18.77
C PRO C 341 31.14 -21.26 17.42
N GLU C 342 31.34 -22.12 16.42
CA GLU C 342 30.85 -21.90 15.06
C GLU C 342 30.08 -23.14 14.62
N PRO C 343 28.84 -23.32 15.11
CA PRO C 343 28.08 -24.51 14.73
C PRO C 343 27.83 -24.56 13.24
N GLN C 344 27.96 -25.77 12.67
CA GLN C 344 27.72 -26.01 11.26
C GLN C 344 26.85 -27.25 11.12
N PRO C 345 25.53 -27.08 11.16
CA PRO C 345 24.65 -28.24 10.98
C PRO C 345 24.89 -28.88 9.62
N PRO C 346 24.82 -30.20 9.53
CA PRO C 346 25.19 -30.89 8.29
C PRO C 346 24.15 -30.67 7.20
N TYR C 347 24.55 -31.01 5.97
CA TYR C 347 23.68 -31.01 4.81
C TYR C 347 23.53 -32.45 4.32
N THR C 348 22.36 -32.75 3.76
CA THR C 348 22.16 -34.04 3.13
C THR C 348 22.69 -34.01 1.69
N ALA C 349 22.72 -35.19 1.07
CA ALA C 349 23.16 -35.26 -0.31
C ALA C 349 22.25 -34.45 -1.22
N ALA C 350 20.94 -34.49 -0.97
CA ALA C 350 19.99 -33.76 -1.80
C ALA C 350 20.06 -32.26 -1.59
N SER C 351 20.65 -31.80 -0.49
CA SER C 351 20.67 -30.38 -0.15
C SER C 351 22.07 -29.78 -0.14
N ALA C 352 23.11 -30.56 -0.41
CA ALA C 352 24.46 -30.03 -0.34
C ALA C 352 24.65 -28.90 -1.35
N GLN C 353 23.91 -28.93 -2.46
CA GLN C 353 24.01 -27.87 -3.46
C GLN C 353 23.52 -26.52 -2.96
N PHE C 354 22.78 -26.48 -1.85
CA PHE C 354 22.25 -25.23 -1.33
C PHE C 354 23.14 -24.59 -0.29
N ARG C 355 24.29 -25.17 0.00
CA ARG C 355 25.25 -24.53 0.89
C ARG C 355 25.87 -23.33 0.18
N ARG C 356 25.77 -22.15 0.80
CA ARG C 356 26.15 -20.90 0.18
C ARG C 356 27.13 -20.16 1.07
N ALA C 357 27.99 -19.37 0.43
CA ALA C 357 28.81 -18.42 1.16
C ALA C 357 27.98 -17.20 1.52
N SER C 358 28.31 -16.57 2.65
CA SER C 358 27.56 -15.43 3.11
C SER C 358 27.69 -14.26 2.14
N PHE C 359 26.59 -13.55 1.94
CA PHE C 359 26.62 -12.29 1.22
C PHE C 359 27.06 -11.19 2.18
N MET C 360 28.19 -10.56 1.89
CA MET C 360 28.79 -9.60 2.79
C MET C 360 28.41 -8.16 2.49
N GLY C 361 27.56 -7.93 1.51
CA GLY C 361 27.21 -6.59 1.11
C GLY C 361 27.68 -6.30 -0.30
N SER C 362 27.01 -5.33 -0.94
CA SER C 362 27.31 -5.03 -2.33
C SER C 362 28.62 -4.25 -2.50
N THR C 363 29.16 -3.70 -1.41
CA THR C 363 30.39 -2.94 -1.47
C THR C 363 31.62 -3.78 -1.15
N PHE C 364 31.45 -5.07 -0.90
CA PHE C 364 32.56 -5.90 -0.44
C PHE C 364 33.69 -5.96 -1.45
N ASN C 365 33.37 -6.09 -2.73
CA ASN C 365 34.36 -6.34 -3.76
C ASN C 365 34.87 -5.08 -4.44
N ILE C 366 34.51 -3.90 -3.94
CA ILE C 366 35.06 -2.66 -4.49
C ILE C 366 36.55 -2.62 -4.24
N SER C 367 37.30 -2.19 -5.25
CA SER C 367 38.76 -2.15 -5.19
C SER C 367 39.25 -0.71 -5.17
N LEU C 368 40.16 -0.41 -4.26
CA LEU C 368 40.73 0.92 -4.13
C LEU C 368 42.25 0.83 -3.99
N ASN C 369 42.96 1.82 -4.50
CA ASN C 369 44.40 1.85 -4.38
C ASN C 369 44.81 2.30 -2.99
N LYS C 370 46.12 2.25 -2.73
CA LYS C 370 46.64 2.71 -1.46
C LYS C 370 46.41 4.21 -1.28
N GLU C 371 46.61 4.99 -2.34
CA GLU C 371 46.35 6.43 -2.28
C GLU C 371 44.88 6.72 -1.99
N GLU C 372 43.97 5.99 -2.64
CA GLU C 372 42.55 6.27 -2.50
C GLU C 372 42.08 6.08 -1.06
N MET C 373 42.65 5.12 -0.35
CA MET C 373 42.17 4.75 0.97
C MET C 373 42.78 5.58 2.09
N GLU C 374 43.63 6.54 1.77
CA GLU C 374 44.29 7.35 2.80
C GLU C 374 43.38 8.48 3.25
N PHE C 375 43.22 8.63 4.56
CA PHE C 375 42.45 9.73 5.10
C PHE C 375 43.16 11.04 4.82
N GLN C 376 42.39 12.06 4.44
CA GLN C 376 42.92 13.39 4.24
C GLN C 376 42.69 14.25 5.48
N PRO C 377 43.57 15.23 5.75
CA PRO C 377 43.38 16.11 6.90
C PRO C 377 42.27 17.14 6.67
N THR D 2 -5.85 25.01 1.07
CA THR D 2 -6.83 23.89 0.99
C THR D 2 -8.19 24.40 0.53
N ILE D 3 -8.69 23.85 -0.56
CA ILE D 3 -10.03 24.14 -1.06
C ILE D 3 -10.91 22.96 -0.69
N THR D 4 -11.87 23.19 0.19
CA THR D 4 -12.76 22.15 0.67
C THR D 4 -14.09 22.23 -0.08
N TYR D 5 -14.44 21.14 -0.77
CA TYR D 5 -15.74 21.02 -1.41
C TYR D 5 -16.45 19.74 -0.96
N THR D 6 -16.13 19.25 0.23
CA THR D 6 -16.72 18.00 0.70
C THR D 6 -18.22 18.09 0.81
N SER D 7 -18.74 19.20 1.33
CA SER D 7 -20.18 19.33 1.51
C SER D 7 -20.91 19.36 0.17
N GLN D 8 -20.24 19.82 -0.88
CA GLN D 8 -20.87 19.90 -2.19
C GLN D 8 -21.00 18.54 -2.87
N VAL D 9 -20.24 17.55 -2.43
CA VAL D 9 -20.26 16.23 -3.06
C VAL D 9 -20.65 15.18 -2.03
N ALA D 10 -21.48 15.57 -1.06
CA ALA D 10 -21.94 14.61 -0.07
C ALA D 10 -22.74 13.50 -0.73
N ASN D 11 -23.63 13.86 -1.66
CA ASN D 11 -24.46 12.91 -2.37
C ASN D 11 -24.12 12.94 -3.86
N ALA D 12 -24.37 11.83 -4.53
CA ALA D 12 -24.18 11.74 -5.98
C ALA D 12 -25.46 12.24 -6.65
N ARG D 13 -25.55 13.56 -6.74
CA ARG D 13 -26.71 14.22 -7.32
C ARG D 13 -26.51 14.46 -8.81
N LEU D 14 -27.58 14.86 -9.48
CA LEU D 14 -27.52 15.13 -10.91
C LEU D 14 -26.47 16.20 -11.20
N GLY D 15 -25.50 15.86 -12.05
CA GLY D 15 -24.43 16.80 -12.35
C GLY D 15 -23.63 17.19 -11.13
N SER D 16 -23.32 16.23 -10.26
CA SER D 16 -22.61 16.54 -9.03
C SER D 16 -21.24 17.14 -9.32
N PHE D 17 -20.46 16.46 -10.17
CA PHE D 17 -19.14 16.98 -10.53
C PHE D 17 -19.24 18.09 -11.57
N SER D 18 -20.38 18.22 -12.24
CA SER D 18 -20.57 19.31 -13.19
C SER D 18 -20.51 20.66 -12.49
N ARG D 19 -21.16 20.77 -11.32
CA ARG D 19 -21.17 22.04 -10.61
C ARG D 19 -19.77 22.45 -10.18
N LEU D 20 -18.89 21.48 -9.94
CA LEU D 20 -17.52 21.80 -9.55
C LEU D 20 -16.74 22.46 -10.68
N LEU D 21 -17.25 22.41 -11.90
CA LEU D 21 -16.61 23.12 -13.01
C LEU D 21 -16.83 24.62 -12.94
N LEU D 22 -17.73 25.09 -12.07
CA LEU D 22 -17.97 26.51 -11.88
C LEU D 22 -17.21 27.06 -10.68
N CYS D 23 -16.04 26.52 -10.38
CA CYS D 23 -15.20 27.00 -9.30
C CYS D 23 -13.92 27.59 -9.87
N TRP D 24 -13.46 28.68 -9.25
CA TRP D 24 -12.24 29.36 -9.69
C TRP D 24 -11.04 29.07 -8.81
N ARG D 25 -11.17 29.24 -7.49
CA ARG D 25 -10.04 29.00 -6.61
C ARG D 25 -9.68 27.52 -6.59
N GLY D 26 -8.40 27.23 -6.77
CA GLY D 26 -7.95 25.86 -6.86
C GLY D 26 -8.40 25.12 -8.11
N SER D 27 -8.78 25.85 -9.15
CA SER D 27 -9.38 25.24 -10.33
C SER D 27 -8.34 24.97 -11.41
N ILE D 28 -8.75 24.18 -12.39
CA ILE D 28 -7.88 23.92 -13.55
C ILE D 28 -7.66 25.20 -14.34
N TYR D 29 -8.71 26.02 -14.49
CA TYR D 29 -8.59 27.26 -15.25
C TYR D 29 -7.50 28.15 -14.65
N LYS D 30 -7.57 28.38 -13.34
CA LYS D 30 -6.58 29.22 -12.69
C LYS D 30 -5.19 28.66 -12.86
N LEU D 31 -5.05 27.33 -12.87
CA LEU D 31 -3.73 26.73 -12.93
C LEU D 31 -3.10 26.77 -14.31
N LEU D 32 -3.90 26.66 -15.39
CA LEU D 32 -3.31 26.55 -16.71
C LEU D 32 -3.76 27.61 -17.71
N TYR D 33 -4.39 28.71 -17.25
CA TYR D 33 -4.82 29.72 -18.22
C TYR D 33 -3.64 30.37 -18.93
N GLY D 34 -2.54 30.61 -18.21
CA GLY D 34 -1.38 31.22 -18.85
C GLY D 34 -0.77 30.33 -19.91
N GLU D 35 -0.59 29.04 -19.58
CA GLU D 35 -0.07 28.10 -20.56
C GLU D 35 -1.00 27.97 -21.74
N PHE D 36 -2.31 27.95 -21.50
CA PHE D 36 -3.26 27.86 -22.60
C PHE D 36 -3.19 29.09 -23.49
N LEU D 37 -3.05 30.27 -22.90
CA LEU D 37 -2.92 31.49 -23.71
C LEU D 37 -1.67 31.43 -24.57
N ILE D 38 -0.55 30.98 -24.00
CA ILE D 38 0.68 30.88 -24.79
C ILE D 38 0.48 29.88 -25.93
N PHE D 39 -0.12 28.73 -25.64
CA PHE D 39 -0.35 27.72 -26.67
C PHE D 39 -1.25 28.25 -27.77
N LEU D 40 -2.32 28.96 -27.39
CA LEU D 40 -3.25 29.52 -28.36
C LEU D 40 -2.56 30.55 -29.26
N LEU D 41 -1.76 31.43 -28.64
CA LEU D 41 -1.06 32.43 -29.42
C LEU D 41 -0.10 31.78 -30.40
N CYS D 42 0.65 30.78 -29.96
CA CYS D 42 1.58 30.11 -30.86
C CYS D 42 0.83 29.39 -31.98
N TYR D 43 -0.28 28.73 -31.66
CA TYR D 43 -1.04 28.04 -32.68
C TYR D 43 -1.52 28.99 -33.76
N TYR D 44 -2.08 30.14 -33.36
CA TYR D 44 -2.61 31.05 -34.37
C TYR D 44 -1.52 31.83 -35.08
N ILE D 45 -0.36 32.06 -34.44
CA ILE D 45 0.78 32.61 -35.17
C ILE D 45 1.21 31.66 -36.28
N ILE D 46 1.29 30.36 -35.96
CA ILE D 46 1.64 29.38 -36.99
C ILE D 46 0.58 29.36 -38.08
N ARG D 47 -0.70 29.45 -37.70
CA ARG D 47 -1.76 29.45 -38.71
C ARG D 47 -1.62 30.63 -39.65
N PHE D 48 -1.40 31.82 -39.10
CA PHE D 48 -1.28 33.01 -39.95
C PHE D 48 -0.04 32.92 -40.84
N ILE D 49 1.08 32.45 -40.29
CA ILE D 49 2.28 32.30 -41.10
C ILE D 49 2.01 31.37 -42.27
N TYR D 50 1.40 30.21 -41.99
CA TYR D 50 1.12 29.24 -43.04
C TYR D 50 0.17 29.82 -44.08
N ARG D 51 -0.86 30.53 -43.64
CA ARG D 51 -1.89 31.00 -44.56
C ARG D 51 -1.41 32.15 -45.43
N LEU D 52 -0.60 33.05 -44.88
CA LEU D 52 -0.21 34.26 -45.60
C LEU D 52 1.23 34.23 -46.09
N ALA D 53 2.20 33.97 -45.21
CA ALA D 53 3.59 34.13 -45.61
C ALA D 53 4.02 33.07 -46.62
N LEU D 54 3.69 31.81 -46.37
CA LEU D 54 4.23 30.73 -47.18
C LEU D 54 3.72 30.82 -48.62
N THR D 55 4.59 30.47 -49.56
CA THR D 55 4.22 30.40 -50.97
C THR D 55 3.53 29.06 -51.26
N GLU D 56 3.22 28.83 -52.54
CA GLU D 56 2.51 27.63 -52.93
C GLU D 56 3.32 26.38 -52.60
N GLU D 57 4.57 26.33 -53.04
CA GLU D 57 5.42 25.18 -52.73
C GLU D 57 5.70 25.09 -51.24
N GLN D 58 5.91 26.24 -50.59
CA GLN D 58 6.10 26.24 -49.15
C GLN D 58 4.85 25.74 -48.44
N GLN D 59 3.67 26.15 -48.92
CA GLN D 59 2.43 25.67 -48.32
C GLN D 59 2.26 24.17 -48.50
N LEU D 60 2.64 23.64 -49.66
CA LEU D 60 2.57 22.20 -49.87
C LEU D 60 3.52 21.46 -48.94
N MET D 61 4.73 21.99 -48.76
CA MET D 61 5.67 21.40 -47.81
C MET D 61 5.10 21.42 -46.40
N PHE D 62 4.51 22.54 -46.00
CA PHE D 62 3.93 22.65 -44.67
C PHE D 62 2.76 21.69 -44.50
N GLU D 63 1.97 21.49 -45.55
CA GLU D 63 0.86 20.53 -45.47
C GLU D 63 1.39 19.11 -45.30
N LYS D 64 2.42 18.74 -46.04
CA LYS D 64 3.01 17.42 -45.87
C LYS D 64 3.54 17.25 -44.45
N LEU D 65 4.20 18.28 -43.94
CA LEU D 65 4.68 18.24 -42.55
C LEU D 65 3.52 18.09 -41.58
N THR D 66 2.41 18.78 -41.84
CA THR D 66 1.28 18.72 -40.92
C THR D 66 0.68 17.31 -40.89
N LEU D 67 0.52 16.68 -42.06
CA LEU D 67 0.07 15.29 -42.06
C LEU D 67 1.05 14.39 -41.34
N TYR D 68 2.35 14.56 -41.59
CA TYR D 68 3.35 13.72 -40.94
C TYR D 68 3.28 13.87 -39.43
N CYS D 69 3.14 15.10 -38.93
CA CYS D 69 3.06 15.32 -37.50
C CYS D 69 1.78 14.72 -36.92
N ASP D 70 0.64 15.02 -37.54
CA ASP D 70 -0.62 14.48 -37.03
C ASP D 70 -0.60 12.97 -36.99
N SER D 71 0.20 12.33 -37.85
CA SER D 71 0.33 10.88 -37.79
C SER D 71 1.16 10.44 -36.58
N TYR D 72 2.08 11.28 -36.11
CA TYR D 72 3.04 10.91 -35.07
C TYR D 72 2.58 11.34 -33.67
N ILE D 73 1.30 11.65 -33.50
CA ILE D 73 0.77 12.07 -32.22
C ILE D 73 0.13 10.86 -31.55
N GLN D 74 0.63 10.49 -30.38
CA GLN D 74 0.17 9.31 -29.66
C GLN D 74 -0.20 9.69 -28.24
N LEU D 75 -1.32 9.17 -27.76
CA LEU D 75 -1.82 9.50 -26.43
C LEU D 75 -1.72 8.35 -25.43
N ILE D 76 -1.15 7.21 -25.82
CA ILE D 76 -1.02 6.07 -24.92
C ILE D 76 0.13 6.32 -23.95
N PRO D 77 1.34 6.60 -24.45
CA PRO D 77 2.46 6.79 -23.51
C PRO D 77 2.27 7.96 -22.56
N ILE D 78 1.72 9.07 -23.07
CA ILE D 78 1.51 10.23 -22.21
C ILE D 78 0.52 9.89 -21.11
N SER D 79 -0.56 9.19 -21.44
CA SER D 79 -1.52 8.80 -20.43
C SER D 79 -0.88 7.85 -19.41
N PHE D 80 -0.09 6.89 -19.88
CA PHE D 80 0.59 5.97 -18.96
C PHE D 80 1.46 6.73 -17.97
N VAL D 81 2.36 7.57 -18.50
CA VAL D 81 3.34 8.22 -17.66
C VAL D 81 2.66 9.21 -16.72
N LEU D 82 1.69 9.97 -17.23
CA LEU D 82 0.97 10.90 -16.37
C LEU D 82 0.23 10.16 -15.26
N GLY D 83 -0.44 9.06 -15.59
CA GLY D 83 -1.14 8.33 -14.56
C GLY D 83 -0.22 7.85 -13.46
N PHE D 84 0.89 7.21 -13.84
CA PHE D 84 1.79 6.68 -12.82
C PHE D 84 2.44 7.80 -12.01
N TYR D 85 2.93 8.84 -12.68
CA TYR D 85 3.62 9.92 -11.99
C TYR D 85 2.67 10.68 -11.07
N VAL D 86 1.46 10.97 -11.53
CA VAL D 86 0.50 11.69 -10.71
C VAL D 86 0.04 10.83 -9.55
N THR D 87 -0.08 9.52 -9.76
CA THR D 87 -0.40 8.63 -8.64
C THR D 87 0.68 8.70 -7.58
N LEU D 88 1.95 8.68 -7.99
CA LEU D 88 3.04 8.80 -7.03
C LEU D 88 2.96 10.13 -6.29
N VAL D 89 2.72 11.22 -7.03
CA VAL D 89 2.68 12.55 -6.41
C VAL D 89 1.55 12.63 -5.40
N VAL D 90 0.37 12.09 -5.75
CA VAL D 90 -0.76 12.14 -4.83
C VAL D 90 -0.51 11.29 -3.59
N THR D 91 0.11 10.13 -3.79
CA THR D 91 0.45 9.30 -2.64
C THR D 91 1.38 10.03 -1.69
N ARG D 92 2.41 10.67 -2.23
CA ARG D 92 3.33 11.44 -1.39
C ARG D 92 2.63 12.62 -0.73
N TRP D 93 1.70 13.24 -1.44
CA TRP D 93 0.95 14.37 -0.88
C TRP D 93 0.15 13.95 0.35
N TRP D 94 -0.55 12.81 0.25
CA TRP D 94 -1.31 12.37 1.41
C TRP D 94 -0.39 11.88 2.52
N ASN D 95 0.73 11.25 2.17
CA ASN D 95 1.70 10.85 3.18
C ASN D 95 2.23 12.05 3.93
N GLN D 96 2.48 13.15 3.21
CA GLN D 96 2.97 14.37 3.85
C GLN D 96 1.91 14.97 4.76
N TYR D 97 0.64 14.89 4.37
CA TYR D 97 -0.38 15.32 5.32
C TYR D 97 -0.37 14.45 6.57
N GLU D 98 -0.24 13.13 6.39
CA GLU D 98 -0.30 12.22 7.53
C GLU D 98 0.84 12.43 8.51
N ASN D 99 1.90 13.13 8.10
CA ASN D 99 3.03 13.40 8.95
C ASN D 99 3.02 14.80 9.53
N LEU D 100 1.92 15.52 9.38
CA LEU D 100 1.77 16.79 10.09
C LEU D 100 1.51 16.49 11.57
N PRO D 101 2.33 17.00 12.49
CA PRO D 101 2.19 16.60 13.89
C PRO D 101 1.00 17.30 14.54
N TRP D 102 0.25 16.54 15.34
CA TRP D 102 -0.82 17.07 16.16
C TRP D 102 -0.53 16.75 17.62
N PRO D 103 -0.55 17.74 18.52
CA PRO D 103 -0.21 17.46 19.92
C PRO D 103 -1.34 16.92 20.76
N ASP D 104 -2.42 16.41 20.16
CA ASP D 104 -3.62 16.09 20.93
C ASP D 104 -3.39 14.91 21.87
N ARG D 105 -2.82 13.82 21.38
CA ARG D 105 -2.48 12.70 22.26
C ARG D 105 -1.50 13.16 23.34
N LEU D 106 -0.47 13.87 22.91
CA LEU D 106 0.54 14.36 23.85
C LEU D 106 -0.06 15.32 24.87
N MET D 107 -0.94 16.23 24.42
CA MET D 107 -1.47 17.20 25.37
C MET D 107 -2.42 16.54 26.34
N SER D 108 -3.18 15.53 25.90
CA SER D 108 -4.02 14.79 26.84
C SER D 108 -3.16 14.11 27.90
N LEU D 109 -2.06 13.48 27.47
CA LEU D 109 -1.19 12.83 28.45
C LEU D 109 -0.55 13.84 29.39
N VAL D 110 -0.12 14.99 28.87
CA VAL D 110 0.53 15.99 29.71
C VAL D 110 -0.47 16.56 30.71
N SER D 111 -1.70 16.82 30.27
CA SER D 111 -2.72 17.33 31.17
C SER D 111 -3.04 16.33 32.27
N GLY D 112 -3.15 15.04 31.91
CA GLY D 112 -3.50 14.05 32.92
C GLY D 112 -2.38 13.75 33.89
N PHE D 113 -1.18 13.51 33.39
CA PHE D 113 -0.11 12.89 34.17
C PHE D 113 0.70 13.88 34.99
N VAL D 114 0.99 15.06 34.46
CA VAL D 114 1.82 16.04 35.15
C VAL D 114 0.94 16.75 36.17
N GLU D 115 1.22 16.54 37.45
CA GLU D 115 0.32 16.92 38.52
C GLU D 115 0.71 18.26 39.13
N GLY D 116 -0.27 18.91 39.74
CA GLY D 116 -0.05 20.15 40.44
C GLY D 116 -0.83 21.32 39.87
N LYS D 117 -1.76 21.86 40.67
CA LYS D 117 -2.51 23.04 40.29
C LYS D 117 -1.81 24.33 40.67
N ASP D 118 -0.65 24.26 41.31
CA ASP D 118 0.10 25.46 41.66
C ASP D 118 0.79 26.03 40.43
N GLU D 119 1.55 27.12 40.64
CA GLU D 119 2.23 27.83 39.53
C GLU D 119 3.38 26.97 38.98
N GLN D 120 3.97 26.09 39.79
CA GLN D 120 5.02 25.22 39.26
C GLN D 120 4.45 24.17 38.33
N GLY D 121 3.31 23.57 38.70
CA GLY D 121 2.69 22.59 37.81
C GLY D 121 2.22 23.20 36.51
N ARG D 122 1.58 24.37 36.60
CA ARG D 122 1.19 25.09 35.38
C ARG D 122 2.40 25.34 34.49
N LEU D 123 3.47 25.84 35.08
CA LEU D 123 4.66 26.17 34.30
C LEU D 123 5.24 24.92 33.66
N LEU D 124 5.28 23.82 34.39
CA LEU D 124 5.85 22.58 33.86
C LEU D 124 5.03 22.06 32.69
N ARG D 125 3.70 21.99 32.85
CA ARG D 125 2.85 21.49 31.78
C ARG D 125 2.93 22.39 30.56
N ARG D 126 2.87 23.71 30.77
CA ARG D 126 2.94 24.64 29.65
C ARG D 126 4.28 24.54 28.95
N THR D 127 5.36 24.39 29.71
CA THR D 127 6.68 24.28 29.09
C THR D 127 6.81 23.02 28.25
N LEU D 128 6.29 21.89 28.75
CA LEU D 128 6.37 20.66 27.97
C LEU D 128 5.59 20.79 26.66
N ILE D 129 4.35 21.27 26.75
CA ILE D 129 3.55 21.37 25.53
C ILE D 129 4.13 22.43 24.61
N ARG D 130 4.77 23.46 25.17
CA ARG D 130 5.42 24.46 24.35
C ARG D 130 6.63 23.90 23.64
N TYR D 131 7.36 22.99 24.27
CA TYR D 131 8.46 22.32 23.58
C TYR D 131 7.95 21.52 22.39
N ALA D 132 6.83 20.81 22.59
CA ALA D 132 6.22 20.09 21.45
C ALA D 132 5.87 21.06 20.33
N ASN D 133 5.17 22.14 20.65
CA ASN D 133 4.77 23.10 19.63
C ASN D 133 5.98 23.75 18.97
N LEU D 134 7.05 23.99 19.72
CA LEU D 134 8.24 24.62 19.17
C LEU D 134 8.94 23.69 18.19
N GLY D 135 9.05 22.41 18.51
CA GLY D 135 9.59 21.48 17.54
C GLY D 135 8.77 21.44 16.27
N ASN D 136 7.44 21.41 16.41
CA ASN D 136 6.58 21.40 15.23
C ASN D 136 6.77 22.60 14.30
N VAL D 137 6.79 23.81 14.87
CA VAL D 137 6.91 25.00 14.03
C VAL D 137 8.33 25.17 13.48
N LEU D 138 9.30 24.64 14.24
CA LEU D 138 10.71 24.66 13.78
C LEU D 138 10.77 23.87 12.48
N ILE D 139 10.19 22.66 12.44
CA ILE D 139 10.20 21.87 11.22
C ILE D 139 9.30 22.51 10.15
N LEU D 140 8.15 23.03 10.56
CA LEU D 140 7.23 23.60 9.58
C LEU D 140 7.82 24.82 8.90
N ARG D 141 8.47 25.70 9.64
CA ARG D 141 9.11 26.84 9.02
C ARG D 141 10.31 26.40 8.19
N SER D 142 10.88 25.24 8.47
CA SER D 142 11.90 24.70 7.58
C SER D 142 11.31 24.24 6.25
N VAL D 143 10.09 23.70 6.25
CA VAL D 143 9.56 23.07 5.05
C VAL D 143 8.43 23.86 4.38
N SER D 144 7.82 24.84 5.05
CA SER D 144 6.65 25.53 4.51
C SER D 144 6.99 26.99 4.25
N THR D 145 6.67 27.47 3.05
CA THR D 145 7.02 28.84 2.68
C THR D 145 6.12 29.85 3.39
N ALA D 146 4.86 29.49 3.63
CA ALA D 146 3.97 30.39 4.35
C ALA D 146 4.41 30.56 5.80
N VAL D 147 4.73 29.46 6.46
CA VAL D 147 5.21 29.53 7.84
C VAL D 147 6.54 30.26 7.89
N TYR D 148 7.41 30.02 6.91
CA TYR D 148 8.68 30.74 6.89
C TYR D 148 8.45 32.23 6.73
N LYS D 149 7.53 32.63 5.84
CA LYS D 149 7.23 34.03 5.69
C LYS D 149 6.65 34.62 6.96
N ARG D 150 5.95 33.81 7.76
CA ARG D 150 5.49 34.29 9.05
C ARG D 150 6.63 34.39 10.06
N PHE D 151 7.57 33.45 10.03
CA PHE D 151 8.68 33.40 10.99
C PHE D 151 9.99 33.30 10.22
N PRO D 152 10.39 34.38 9.55
CA PRO D 152 11.62 34.32 8.74
C PRO D 152 12.90 34.23 9.56
N SER D 153 12.82 34.34 10.88
CA SER D 153 13.99 34.20 11.73
C SER D 153 13.55 33.66 13.09
N ALA D 154 14.53 33.18 13.86
CA ALA D 154 14.22 32.70 15.21
C ALA D 154 13.78 33.82 16.13
N GLN D 155 14.29 35.04 15.91
CA GLN D 155 13.81 36.17 16.68
C GLN D 155 12.33 36.41 16.45
N HIS D 156 11.83 36.09 15.26
CA HIS D 156 10.39 36.17 15.03
C HIS D 156 9.65 35.14 15.86
N LEU D 157 10.23 33.95 16.03
CA LEU D 157 9.63 32.96 16.92
C LEU D 157 9.59 33.47 18.35
N VAL D 158 10.65 34.16 18.78
CA VAL D 158 10.65 34.74 20.12
C VAL D 158 9.57 35.80 20.25
N GLN D 159 9.46 36.68 19.26
CA GLN D 159 8.48 37.76 19.31
C GLN D 159 7.06 37.21 19.26
N ALA D 160 6.86 36.06 18.61
CA ALA D 160 5.54 35.47 18.48
C ALA D 160 5.15 34.61 19.67
N GLY D 161 6.05 34.40 20.63
CA GLY D 161 5.75 33.64 21.82
C GLY D 161 5.99 32.15 21.72
N PHE D 162 6.40 31.65 20.56
CA PHE D 162 6.70 30.23 20.44
C PHE D 162 7.97 29.84 21.19
N MET D 163 8.91 30.77 21.35
CA MET D 163 10.17 30.51 22.01
C MET D 163 10.45 31.65 22.97
N THR D 164 11.05 31.33 24.11
CA THR D 164 11.45 32.35 25.05
C THR D 164 12.88 32.81 24.75
N PRO D 165 13.27 33.99 25.24
CA PRO D 165 14.67 34.42 25.04
C PRO D 165 15.68 33.44 25.60
N ALA D 166 15.38 32.82 26.75
CA ALA D 166 16.28 31.81 27.30
C ALA D 166 16.42 30.62 26.35
N GLU D 167 15.29 30.17 25.78
CA GLU D 167 15.35 29.07 24.82
C GLU D 167 16.11 29.47 23.57
N HIS D 168 15.96 30.72 23.13
CA HIS D 168 16.71 31.19 21.97
C HIS D 168 18.21 31.19 22.25
N LYS D 169 18.60 31.66 23.44
CA LYS D 169 20.02 31.64 23.80
C LYS D 169 20.54 30.21 23.87
N GLN D 170 19.74 29.30 24.43
CA GLN D 170 20.16 27.90 24.50
C GLN D 170 20.32 27.30 23.11
N LEU D 171 19.41 27.62 22.20
CA LEU D 171 19.53 27.15 20.83
C LEU D 171 20.78 27.69 20.17
N GLU D 172 21.08 28.97 20.40
CA GLU D 172 22.30 29.56 19.85
C GLU D 172 23.53 28.85 20.39
N LYS D 173 23.51 28.48 21.68
CA LYS D 173 24.65 27.80 22.28
C LYS D 173 24.89 26.45 21.61
N LEU D 174 23.82 25.75 21.24
CA LEU D 174 23.93 24.40 20.70
C LEU D 174 24.13 24.37 19.20
N SER D 175 24.31 25.53 18.56
CA SER D 175 24.27 25.61 17.10
C SER D 175 25.23 24.61 16.47
N LEU D 176 24.68 23.75 15.62
CA LEU D 176 25.42 22.86 14.75
C LEU D 176 25.11 23.22 13.31
N PRO D 177 25.95 22.82 12.36
CA PRO D 177 25.70 23.15 10.94
C PRO D 177 24.65 22.27 10.27
N HIS D 178 23.54 22.05 10.97
CA HIS D 178 22.38 21.40 10.40
C HIS D 178 21.13 21.98 11.05
N ASN D 179 19.97 21.55 10.55
CA ASN D 179 18.70 22.01 11.10
C ASN D 179 18.56 21.58 12.56
N MET D 180 18.20 22.52 13.43
CA MET D 180 18.12 22.27 14.86
C MET D 180 16.70 21.96 15.31
N PHE D 181 15.84 21.48 14.41
CA PHE D 181 14.46 21.23 14.78
C PHE D 181 14.34 20.10 15.80
N TRP D 182 15.38 19.29 15.99
CA TRP D 182 15.34 18.16 16.89
C TRP D 182 15.57 18.53 18.35
N VAL D 183 16.08 19.73 18.61
CA VAL D 183 16.50 20.08 19.98
C VAL D 183 15.33 20.06 20.96
N PRO D 184 14.15 20.60 20.64
CA PRO D 184 13.06 20.59 21.62
C PRO D 184 12.68 19.21 22.10
N TRP D 185 12.96 18.17 21.32
CA TRP D 185 12.65 16.81 21.77
C TRP D 185 13.60 16.36 22.87
N VAL D 186 14.89 16.67 22.74
CA VAL D 186 15.83 16.40 23.82
C VAL D 186 15.44 17.21 25.05
N TRP D 187 15.08 18.48 24.85
CA TRP D 187 14.64 19.29 25.98
C TRP D 187 13.42 18.66 26.66
N PHE D 188 12.46 18.21 25.87
CA PHE D 188 11.25 17.61 26.42
C PHE D 188 11.58 16.36 27.21
N ALA D 189 12.45 15.51 26.67
CA ALA D 189 12.82 14.29 27.38
C ALA D 189 13.48 14.61 28.71
N ASN D 190 14.40 15.57 28.71
CA ASN D 190 15.11 15.89 29.95
C ASN D 190 14.18 16.55 30.96
N LEU D 191 13.26 17.40 30.50
CA LEU D 191 12.32 18.04 31.40
C LEU D 191 11.34 17.04 31.98
N SER D 192 10.88 16.08 31.17
CA SER D 192 10.00 15.04 31.70
C SER D 192 10.72 14.19 32.72
N MET D 193 11.99 13.86 32.47
CA MET D 193 12.75 13.10 33.46
C MET D 193 12.89 13.90 34.75
N LYS D 194 13.15 15.19 34.64
CA LYS D 194 13.23 16.03 35.84
C LYS D 194 11.90 16.05 36.58
N ALA D 195 10.79 16.14 35.85
CA ALA D 195 9.48 16.15 36.48
C ALA D 195 9.23 14.84 37.22
N TRP D 196 9.61 13.71 36.63
CA TRP D 196 9.44 12.44 37.30
C TRP D 196 10.30 12.39 38.56
N LEU D 197 11.58 12.75 38.44
CA LEU D 197 12.46 12.74 39.61
C LEU D 197 11.99 13.72 40.66
N GLY D 198 11.36 14.82 40.25
CA GLY D 198 10.85 15.80 41.17
C GLY D 198 9.50 15.49 41.77
N GLY D 199 8.90 14.36 41.41
CA GLY D 199 7.63 13.95 41.96
C GLY D 199 6.42 14.47 41.25
N ARG D 200 6.58 15.29 40.21
CA ARG D 200 5.43 15.81 39.49
C ARG D 200 4.77 14.73 38.64
N ILE D 201 5.56 13.81 38.09
CA ILE D 201 5.05 12.62 37.42
C ILE D 201 5.18 11.47 38.40
N ARG D 202 4.07 10.78 38.67
CA ARG D 202 4.01 9.87 39.80
C ARG D 202 4.63 8.52 39.54
N ASP D 203 4.59 8.02 38.30
CA ASP D 203 5.07 6.68 38.01
C ASP D 203 5.87 6.68 36.71
N PRO D 204 6.93 5.88 36.61
CA PRO D 204 7.72 5.88 35.37
C PRO D 204 6.97 5.39 34.14
N ILE D 205 5.89 4.63 34.29
CA ILE D 205 5.15 4.21 33.11
C ILE D 205 4.44 5.40 32.46
N LEU D 206 4.00 6.35 33.27
CA LEU D 206 3.45 7.58 32.72
C LEU D 206 4.52 8.36 31.96
N LEU D 207 5.73 8.39 32.50
CA LEU D 207 6.84 9.02 31.79
C LEU D 207 7.10 8.32 30.46
N GLN D 208 7.03 6.99 30.44
CA GLN D 208 7.22 6.23 29.18
C GLN D 208 6.11 6.58 28.20
N SER D 209 4.87 6.74 28.65
CA SER D 209 3.78 7.15 27.76
C SER D 209 4.04 8.53 27.17
N LEU D 210 4.43 9.48 28.01
CA LEU D 210 4.73 10.82 27.54
C LEU D 210 5.80 10.79 26.47
N LEU D 211 6.89 10.07 26.73
CA LEU D 211 7.99 10.08 25.78
C LEU D 211 7.66 9.29 24.52
N ASN D 212 6.79 8.29 24.62
CA ASN D 212 6.35 7.60 23.41
C ASN D 212 5.56 8.52 22.50
N GLU D 213 4.63 9.29 23.08
CA GLU D 213 3.89 10.25 22.26
C GLU D 213 4.82 11.31 21.66
N MET D 214 5.75 11.80 22.47
CA MET D 214 6.71 12.78 21.97
C MET D 214 7.53 12.21 20.82
N ASN D 215 7.97 10.95 20.95
CA ASN D 215 8.78 10.34 19.92
C ASN D 215 7.96 10.10 18.66
N THR D 216 6.67 9.80 18.79
CA THR D 216 5.81 9.74 17.61
C THR D 216 5.80 11.07 16.88
N LEU D 217 5.67 12.17 17.63
CA LEU D 217 5.74 13.48 17.00
C LEU D 217 7.08 13.70 16.31
N ARG D 218 8.16 13.26 16.96
CA ARG D 218 9.49 13.40 16.36
C ARG D 218 9.59 12.65 15.05
N THR D 219 9.05 11.43 15.01
CA THR D 219 9.08 10.65 13.77
C THR D 219 8.29 11.35 12.67
N GLN D 220 7.14 11.93 13.01
CA GLN D 220 6.39 12.67 12.01
C GLN D 220 7.18 13.85 11.48
N CYS D 221 7.83 14.61 12.36
CA CYS D 221 8.60 15.77 11.93
C CYS D 221 9.80 15.34 11.08
N GLY D 222 10.42 14.21 11.43
CA GLY D 222 11.49 13.69 10.60
C GLY D 222 11.02 13.31 9.22
N HIS D 223 9.82 12.74 9.13
CA HIS D 223 9.25 12.42 7.81
C HIS D 223 8.98 13.68 7.01
N LEU D 224 8.51 14.74 7.67
CA LEU D 224 8.34 16.01 6.98
C LEU D 224 9.66 16.51 6.43
N TYR D 225 10.72 16.44 7.25
CA TYR D 225 12.05 16.83 6.79
C TYR D 225 12.48 16.00 5.59
N ALA D 226 12.24 14.68 5.65
CA ALA D 226 12.64 13.80 4.56
C ALA D 226 11.93 14.14 3.26
N TYR D 227 10.62 14.38 3.34
CA TYR D 227 9.88 14.74 2.14
C TYR D 227 10.35 16.08 1.58
N ASP D 228 10.68 17.03 2.46
CA ASP D 228 11.24 18.29 2.00
C ASP D 228 12.58 18.10 1.32
N TRP D 229 13.41 17.18 1.82
CA TRP D 229 14.77 16.99 1.35
C TRP D 229 14.83 16.09 0.13
N ILE D 230 14.23 14.91 0.21
CA ILE D 230 14.32 13.92 -0.87
C ILE D 230 13.15 14.18 -1.81
N SER D 231 13.41 14.98 -2.83
CA SER D 231 12.41 15.25 -3.85
C SER D 231 12.19 14.03 -4.73
N ILE D 232 11.04 13.99 -5.39
CA ILE D 232 10.86 12.99 -6.44
C ILE D 232 12.00 13.13 -7.44
N PRO D 233 12.63 12.06 -7.90
CA PRO D 233 13.83 12.21 -8.74
C PRO D 233 13.57 13.17 -9.89
N LEU D 234 14.51 14.11 -10.07
CA LEU D 234 14.35 15.14 -11.09
C LEU D 234 14.18 14.51 -12.47
N VAL D 235 14.83 13.37 -12.71
CA VAL D 235 14.77 12.75 -14.02
C VAL D 235 13.33 12.33 -14.35
N TYR D 236 12.60 11.80 -13.37
CA TYR D 236 11.23 11.39 -13.59
C TYR D 236 10.34 12.59 -13.94
N THR D 237 10.50 13.68 -13.18
CA THR D 237 9.73 14.89 -13.44
C THR D 237 10.03 15.43 -14.84
N GLN D 238 11.31 15.46 -15.21
CA GLN D 238 11.69 15.93 -16.53
C GLN D 238 11.12 15.03 -17.62
N VAL D 239 11.08 13.72 -17.37
CA VAL D 239 10.53 12.79 -18.36
C VAL D 239 9.06 13.09 -18.61
N VAL D 240 8.28 13.23 -17.53
CA VAL D 240 6.84 13.48 -17.71
C VAL D 240 6.63 14.85 -18.37
N THR D 241 7.42 15.84 -17.98
CA THR D 241 7.31 17.16 -18.59
C THR D 241 7.62 17.11 -20.07
N VAL D 242 8.67 16.38 -20.45
CA VAL D 242 9.05 16.25 -21.85
C VAL D 242 7.93 15.57 -22.62
N ALA D 243 7.36 14.51 -22.05
CA ALA D 243 6.25 13.83 -22.73
C ALA D 243 5.13 14.81 -23.04
N VAL D 244 4.66 15.54 -22.03
CA VAL D 244 3.51 16.42 -22.22
C VAL D 244 3.84 17.52 -23.24
N TYR D 245 4.99 18.18 -23.05
CA TYR D 245 5.28 19.34 -23.87
C TYR D 245 5.65 18.94 -25.30
N SER D 246 6.27 17.77 -25.48
CA SER D 246 6.50 17.27 -26.83
C SER D 246 5.19 16.97 -27.52
N PHE D 247 4.24 16.35 -26.81
CA PHE D 247 2.93 16.10 -27.38
C PHE D 247 2.32 17.39 -27.91
N PHE D 248 2.34 18.45 -27.10
CA PHE D 248 1.64 19.66 -27.54
C PHE D 248 2.45 20.49 -28.51
N LEU D 249 3.79 20.42 -28.46
CA LEU D 249 4.59 21.02 -29.52
C LEU D 249 4.29 20.36 -30.86
N THR D 250 4.16 19.03 -30.88
CA THR D 250 3.74 18.36 -32.09
C THR D 250 2.36 18.82 -32.53
N CYS D 251 1.44 18.94 -31.58
CA CYS D 251 0.09 19.39 -31.92
C CYS D 251 0.10 20.78 -32.54
N LEU D 252 1.05 21.62 -32.16
CA LEU D 252 1.08 22.98 -32.70
C LEU D 252 1.10 22.98 -34.23
N VAL D 253 1.69 21.95 -34.84
CA VAL D 253 1.75 21.85 -36.30
C VAL D 253 0.79 20.81 -36.83
N GLY D 254 0.72 19.63 -36.18
CA GLY D 254 -0.10 18.55 -36.69
C GLY D 254 -1.60 18.79 -36.54
N ARG D 255 -1.99 19.81 -35.79
CA ARG D 255 -3.40 20.15 -35.61
C ARG D 255 -3.78 21.44 -36.32
N GLN D 256 -2.95 21.92 -37.23
CA GLN D 256 -3.29 23.10 -38.02
C GLN D 256 -4.37 22.76 -39.03
N PHE D 257 -5.25 23.71 -39.31
CA PHE D 257 -6.30 23.53 -40.29
C PHE D 257 -5.75 23.85 -41.67
N LEU D 258 -5.52 22.81 -42.47
CA LEU D 258 -4.96 23.00 -43.80
C LEU D 258 -6.02 23.60 -44.73
N ASN D 259 -5.55 24.07 -45.87
CA ASN D 259 -6.45 24.72 -46.82
C ASN D 259 -7.43 23.69 -47.39
N PRO D 260 -8.74 23.92 -47.28
CA PRO D 260 -9.68 22.90 -47.78
C PRO D 260 -9.55 22.59 -49.26
N ALA D 261 -9.17 23.57 -50.08
CA ALA D 261 -9.15 23.35 -51.52
C ALA D 261 -8.31 22.13 -51.89
N LYS D 262 -7.23 21.88 -51.14
CA LYS D 262 -6.44 20.69 -51.37
C LYS D 262 -7.20 19.41 -51.06
N ALA D 263 -8.27 19.51 -50.27
CA ALA D 263 -9.14 18.36 -49.98
C ALA D 263 -8.33 17.19 -49.43
N TYR D 264 -7.43 17.48 -48.51
CA TYR D 264 -6.69 16.41 -47.85
C TYR D 264 -7.64 15.56 -47.01
N PRO D 265 -7.31 14.28 -46.82
CA PRO D 265 -8.16 13.43 -45.96
C PRO D 265 -8.21 13.99 -44.55
N GLY D 266 -9.43 14.21 -44.05
CA GLY D 266 -9.62 14.70 -42.70
C GLY D 266 -9.55 16.21 -42.55
N HIS D 267 -9.24 16.94 -43.61
CA HIS D 267 -9.14 18.39 -43.57
C HIS D 267 -10.18 19.03 -44.50
N GLU D 268 -11.29 18.33 -44.73
CA GLU D 268 -12.28 18.83 -45.67
C GLU D 268 -12.88 20.15 -45.22
N LEU D 269 -13.18 20.26 -43.93
CA LEU D 269 -13.81 21.45 -43.37
C LEU D 269 -12.81 22.19 -42.48
N ASP D 270 -12.64 23.48 -42.75
CA ASP D 270 -11.67 24.31 -42.05
C ASP D 270 -12.41 25.16 -41.02
N LEU D 271 -12.64 24.57 -39.85
CA LEU D 271 -13.00 25.37 -38.69
C LEU D 271 -11.78 26.11 -38.18
N VAL D 272 -12.00 27.27 -37.59
CA VAL D 272 -10.86 28.08 -37.18
C VAL D 272 -10.32 27.64 -35.81
N VAL D 273 -11.19 27.13 -34.95
CA VAL D 273 -10.82 26.81 -33.57
C VAL D 273 -10.66 25.29 -33.45
N PRO D 274 -9.47 24.79 -33.09
CA PRO D 274 -9.32 23.34 -32.88
C PRO D 274 -9.86 22.92 -31.51
N VAL D 275 -11.17 22.71 -31.44
CA VAL D 275 -11.81 22.53 -30.14
C VAL D 275 -11.29 21.28 -29.44
N PHE D 276 -11.13 20.17 -30.17
CA PHE D 276 -10.67 18.95 -29.52
C PHE D 276 -9.23 19.10 -29.03
N THR D 277 -8.39 19.80 -29.78
CA THR D 277 -7.02 20.00 -29.32
C THR D 277 -7.00 20.83 -28.05
N PHE D 278 -7.89 21.81 -27.94
CA PHE D 278 -7.98 22.60 -26.71
C PHE D 278 -8.51 21.75 -25.56
N LEU D 279 -9.46 20.85 -25.83
CA LEU D 279 -9.92 19.93 -24.79
C LEU D 279 -8.81 19.01 -24.34
N GLN D 280 -8.01 18.51 -25.27
CA GLN D 280 -6.86 17.68 -24.92
C GLN D 280 -5.84 18.47 -24.11
N PHE D 281 -5.61 19.72 -24.47
CA PHE D 281 -4.74 20.58 -23.67
C PHE D 281 -5.26 20.69 -22.26
N PHE D 282 -6.54 21.02 -22.10
CA PHE D 282 -7.10 21.14 -20.77
C PHE D 282 -6.89 19.84 -20.00
N PHE D 283 -7.28 18.72 -20.60
CA PHE D 283 -7.16 17.43 -19.92
C PHE D 283 -5.73 17.15 -19.49
N TYR D 284 -4.80 17.09 -20.44
CA TYR D 284 -3.45 16.61 -20.14
C TYR D 284 -2.67 17.62 -19.31
N VAL D 285 -2.75 18.91 -19.65
CA VAL D 285 -1.99 19.89 -18.91
C VAL D 285 -2.59 20.07 -17.51
N GLY D 286 -3.90 19.91 -17.34
CA GLY D 286 -4.45 19.91 -15.99
C GLY D 286 -4.05 18.69 -15.20
N TRP D 287 -3.96 17.53 -15.87
CA TRP D 287 -3.45 16.33 -15.21
C TRP D 287 -2.04 16.56 -14.71
N LEU D 288 -1.21 17.20 -15.52
CA LEU D 288 0.14 17.56 -15.09
C LEU D 288 0.13 18.61 -13.99
N LYS D 289 -0.80 19.56 -14.06
CA LYS D 289 -0.89 20.61 -13.07
C LYS D 289 -1.31 20.06 -11.71
N VAL D 290 -2.03 18.94 -11.70
CA VAL D 290 -2.31 18.27 -10.43
C VAL D 290 -1.01 17.96 -9.70
N ALA D 291 -0.06 17.34 -10.43
CA ALA D 291 1.23 17.04 -9.85
C ALA D 291 2.01 18.32 -9.54
N GLU D 292 1.93 19.31 -10.42
CA GLU D 292 2.67 20.54 -10.20
C GLU D 292 2.24 21.22 -8.91
N GLN D 293 0.94 21.19 -8.61
CA GLN D 293 0.44 21.78 -7.38
C GLN D 293 0.76 20.90 -6.17
N LEU D 294 0.61 19.59 -6.30
CA LEU D 294 0.76 18.70 -5.17
C LEU D 294 2.19 18.25 -4.90
N ILE D 295 3.13 18.49 -5.82
CA ILE D 295 4.48 17.96 -5.65
C ILE D 295 5.11 18.55 -4.39
N ASN D 296 4.86 19.84 -4.12
CA ASN D 296 5.24 20.48 -2.87
C ASN D 296 3.96 21.00 -2.23
N PRO D 297 3.37 20.26 -1.28
CA PRO D 297 2.09 20.68 -0.72
C PRO D 297 2.20 21.78 0.34
N PHE D 298 3.40 22.26 0.63
CA PHE D 298 3.61 23.29 1.64
C PHE D 298 3.94 24.64 1.03
N GLY D 299 3.65 24.82 -0.25
CA GLY D 299 3.80 26.11 -0.90
C GLY D 299 2.65 27.03 -0.54
N GLU D 300 2.21 27.82 -1.52
CA GLU D 300 1.13 28.77 -1.34
C GLU D 300 0.02 28.60 -2.37
N ASP D 301 -0.05 27.45 -3.03
CA ASP D 301 -1.17 27.18 -3.92
C ASP D 301 -2.48 27.17 -3.12
N ASP D 302 -3.59 27.29 -3.85
CA ASP D 302 -4.89 27.25 -3.20
C ASP D 302 -5.09 25.94 -2.46
N ASP D 303 -4.64 24.83 -3.04
CA ASP D 303 -4.85 23.51 -2.48
C ASP D 303 -3.72 23.06 -1.57
N ASP D 304 -2.72 23.90 -1.33
CA ASP D 304 -1.67 23.54 -0.39
C ASP D 304 -2.18 23.64 1.05
N PHE D 305 -1.52 22.91 1.94
CA PHE D 305 -1.98 22.80 3.31
C PHE D 305 -1.94 24.14 4.02
N GLU D 306 -2.90 24.34 4.92
CA GLU D 306 -2.98 25.55 5.74
C GLU D 306 -2.13 25.38 7.00
N THR D 307 -0.82 25.51 6.80
CA THR D 307 0.12 25.24 7.88
C THR D 307 0.03 26.30 8.99
N ASN D 308 -0.17 27.56 8.62
CA ASN D 308 -0.25 28.61 9.62
C ASN D 308 -1.46 28.41 10.52
N TRP D 309 -2.61 28.07 9.94
CA TRP D 309 -3.78 27.78 10.75
C TRP D 309 -3.53 26.60 11.67
N ILE D 310 -2.84 25.57 11.17
CA ILE D 310 -2.54 24.41 12.01
C ILE D 310 -1.66 24.82 13.18
N VAL D 311 -0.66 25.65 12.93
CA VAL D 311 0.23 26.10 14.00
C VAL D 311 -0.57 26.85 15.07
N ASP D 312 -1.40 27.80 14.63
CA ASP D 312 -2.18 28.59 15.58
C ASP D 312 -3.12 27.71 16.39
N ARG D 313 -3.87 26.84 15.70
CA ARG D 313 -4.82 25.97 16.38
C ARG D 313 -4.12 25.05 17.36
N ASN D 314 -2.98 24.48 16.97
CA ASN D 314 -2.26 23.59 17.86
C ASN D 314 -1.81 24.33 19.11
N LEU D 315 -1.26 25.53 18.95
CA LEU D 315 -0.82 26.29 20.12
C LEU D 315 -2.00 26.54 21.05
N GLN D 316 -3.09 27.10 20.52
CA GLN D 316 -4.23 27.45 21.37
C GLN D 316 -4.78 26.22 22.08
N VAL D 317 -5.05 25.16 21.30
CA VAL D 317 -5.70 23.97 21.86
C VAL D 317 -4.81 23.30 22.88
N SER D 318 -3.52 23.19 22.60
CA SER D 318 -2.63 22.48 23.52
C SER D 318 -2.45 23.25 24.82
N LEU D 319 -2.28 24.58 24.73
CA LEU D 319 -2.15 25.36 25.96
C LEU D 319 -3.42 25.28 26.79
N LEU D 320 -4.59 25.39 26.13
CA LEU D 320 -5.85 25.27 26.87
C LEU D 320 -5.96 23.89 27.52
N ALA D 321 -5.61 22.83 26.79
CA ALA D 321 -5.77 21.49 27.30
C ALA D 321 -4.88 21.23 28.51
N VAL D 322 -3.63 21.71 28.47
CA VAL D 322 -2.72 21.38 29.56
C VAL D 322 -2.81 22.36 30.73
N ASP D 323 -3.33 23.57 30.54
CA ASP D 323 -3.36 24.55 31.60
C ASP D 323 -4.73 24.72 32.22
N GLU D 324 -5.74 25.10 31.43
CA GLU D 324 -7.05 25.37 32.00
C GLU D 324 -7.84 24.09 32.26
N MET D 325 -7.63 23.07 31.44
CA MET D 325 -8.38 21.83 31.52
C MET D 325 -7.74 20.80 32.43
N HIS D 326 -6.61 21.13 33.06
CA HIS D 326 -5.96 20.19 33.97
C HIS D 326 -6.82 19.97 35.20
N GLN D 327 -7.28 18.73 35.40
CA GLN D 327 -8.08 18.37 36.57
C GLN D 327 -9.27 19.32 36.72
N ASP D 328 -9.82 19.74 35.59
CA ASP D 328 -11.01 20.59 35.54
C ASP D 328 -12.06 19.83 34.74
N LEU D 329 -12.89 19.07 35.43
CA LEU D 329 -13.84 18.16 34.81
C LEU D 329 -15.27 18.67 35.00
N PRO D 330 -16.16 18.40 34.06
CA PRO D 330 -17.57 18.66 34.30
C PRO D 330 -18.09 17.76 35.41
N ARG D 331 -19.10 18.25 36.13
CA ARG D 331 -19.65 17.49 37.23
C ARG D 331 -20.10 16.12 36.76
N MET D 332 -19.75 15.09 37.52
CA MET D 332 -20.07 13.71 37.16
C MET D 332 -21.40 13.33 37.79
N GLU D 333 -22.43 13.20 36.96
CA GLU D 333 -23.78 12.91 37.43
C GLU D 333 -24.36 11.78 36.59
N PRO D 334 -25.32 11.04 37.13
CA PRO D 334 -25.94 9.97 36.35
C PRO D 334 -26.54 10.50 35.06
N ASP D 335 -26.36 9.75 33.99
CA ASP D 335 -26.77 10.19 32.67
C ASP D 335 -28.25 9.88 32.45
N MET D 336 -28.73 10.28 31.27
CA MET D 336 -30.15 10.14 30.96
C MET D 336 -30.59 8.68 30.89
N TYR D 337 -29.68 7.76 30.55
CA TYR D 337 -29.98 6.34 30.44
C TYR D 337 -29.45 5.57 31.65
N TRP D 338 -29.54 6.17 32.84
CA TRP D 338 -28.90 5.58 34.01
C TRP D 338 -29.44 4.20 34.30
N ASN D 339 -30.75 3.99 34.18
CA ASN D 339 -31.38 2.70 34.37
C ASN D 339 -32.18 2.29 33.14
N LYS D 340 -31.60 2.52 31.96
CA LYS D 340 -32.22 2.14 30.69
C LYS D 340 -31.34 1.08 30.03
N PRO D 341 -31.70 -0.21 30.12
CA PRO D 341 -30.82 -1.25 29.56
C PRO D 341 -30.59 -1.11 28.06
N GLU D 342 -31.54 -0.55 27.31
CA GLU D 342 -31.43 -0.45 25.86
C GLU D 342 -31.69 1.00 25.45
N PRO D 343 -30.70 1.88 25.64
CA PRO D 343 -30.91 3.29 25.29
C PRO D 343 -31.20 3.46 23.81
N GLN D 344 -32.15 4.34 23.51
CA GLN D 344 -32.54 4.66 22.14
C GLN D 344 -32.62 6.18 22.00
N PRO D 345 -31.50 6.83 21.68
CA PRO D 345 -31.54 8.27 21.47
C PRO D 345 -32.50 8.63 20.35
N PRO D 346 -33.23 9.74 20.48
CA PRO D 346 -34.26 10.05 19.50
C PRO D 346 -33.68 10.47 18.16
N TYR D 347 -34.56 10.49 17.17
CA TYR D 347 -34.25 11.01 15.83
C TYR D 347 -35.10 12.24 15.57
N THR D 348 -34.55 13.16 14.80
CA THR D 348 -35.32 14.31 14.36
C THR D 348 -36.14 13.95 13.13
N ALA D 349 -37.03 14.87 12.74
CA ALA D 349 -37.83 14.66 11.54
C ALA D 349 -36.95 14.53 10.31
N ALA D 350 -35.90 15.35 10.23
CA ALA D 350 -35.01 15.31 9.07
C ALA D 350 -34.13 14.06 9.04
N SER D 351 -33.99 13.36 10.16
CA SER D 351 -33.10 12.21 10.24
C SER D 351 -33.82 10.90 10.50
N ALA D 352 -35.15 10.91 10.64
CA ALA D 352 -35.86 9.68 10.95
C ALA D 352 -35.67 8.64 9.85
N GLN D 353 -35.45 9.08 8.62
CA GLN D 353 -35.23 8.16 7.51
C GLN D 353 -33.95 7.37 7.64
N PHE D 354 -33.02 7.79 8.48
CA PHE D 354 -31.74 7.12 8.64
C PHE D 354 -31.74 6.08 9.74
N ARG D 355 -32.87 5.87 10.42
CA ARG D 355 -32.97 4.79 11.39
C ARG D 355 -32.98 3.45 10.66
N ARG D 356 -32.03 2.59 11.03
CA ARG D 356 -31.81 1.33 10.32
C ARG D 356 -31.86 0.16 11.29
N ALA D 357 -32.27 -0.98 10.78
CA ALA D 357 -32.13 -2.24 11.50
C ALA D 357 -30.69 -2.72 11.42
N SER D 358 -30.25 -3.41 12.48
CA SER D 358 -28.88 -3.87 12.54
C SER D 358 -28.61 -4.90 11.46
N PHE D 359 -27.43 -4.83 10.86
CA PHE D 359 -26.95 -5.87 9.97
C PHE D 359 -26.38 -7.00 10.82
N MET D 360 -26.97 -8.19 10.71
CA MET D 360 -26.61 -9.31 11.56
C MET D 360 -25.59 -10.24 10.92
N GLY D 361 -25.11 -9.93 9.74
CA GLY D 361 -24.20 -10.81 9.04
C GLY D 361 -24.83 -11.34 7.76
N SER D 362 -23.96 -11.72 6.82
CA SER D 362 -24.44 -12.18 5.52
C SER D 362 -25.05 -13.57 5.56
N THR D 363 -24.82 -14.33 6.64
CA THR D 363 -25.34 -15.68 6.76
C THR D 363 -26.66 -15.72 7.52
N PHE D 364 -27.20 -14.57 7.93
CA PHE D 364 -28.37 -14.55 8.80
C PHE D 364 -29.58 -15.19 8.14
N ASN D 365 -29.80 -14.92 6.85
CA ASN D 365 -31.02 -15.31 6.16
C ASN D 365 -30.89 -16.64 5.43
N ILE D 366 -29.80 -17.37 5.62
CA ILE D 366 -29.67 -18.69 5.02
C ILE D 366 -30.72 -19.62 5.63
N SER D 367 -31.36 -20.43 4.78
CA SER D 367 -32.43 -21.31 5.21
C SER D 367 -31.97 -22.76 5.09
N LEU D 368 -32.24 -23.54 6.14
CA LEU D 368 -31.87 -24.95 6.18
C LEU D 368 -33.04 -25.76 6.73
N ASN D 369 -33.18 -26.99 6.24
CA ASN D 369 -34.23 -27.87 6.71
C ASN D 369 -33.86 -28.45 8.06
N LYS D 370 -34.81 -29.19 8.65
CA LYS D 370 -34.55 -29.85 9.91
C LYS D 370 -33.48 -30.92 9.77
N GLU D 371 -33.51 -31.68 8.67
CA GLU D 371 -32.47 -32.68 8.43
C GLU D 371 -31.10 -32.05 8.29
N GLU D 372 -31.01 -30.93 7.55
CA GLU D 372 -29.72 -30.32 7.29
C GLU D 372 -29.03 -29.85 8.57
N MET D 373 -29.80 -29.41 9.55
CA MET D 373 -29.25 -28.80 10.75
C MET D 373 -28.90 -29.82 11.83
N GLU D 374 -29.10 -31.11 11.58
CA GLU D 374 -28.84 -32.13 12.59
C GLU D 374 -27.35 -32.50 12.59
N PHE D 375 -26.75 -32.50 13.77
CA PHE D 375 -25.37 -32.94 13.91
C PHE D 375 -25.25 -34.42 13.60
N GLN D 376 -24.20 -34.77 12.88
CA GLN D 376 -23.91 -36.17 12.59
C GLN D 376 -22.88 -36.71 13.56
N PRO D 377 -22.90 -38.02 13.87
CA PRO D 377 -21.91 -38.60 14.77
C PRO D 377 -20.55 -38.77 14.09
N THR E 2 -25.43 2.12 3.15
CA THR E 2 -24.70 0.87 2.79
C THR E 2 -25.65 -0.17 2.21
N ILE E 3 -25.36 -0.61 0.99
CA ILE E 3 -26.11 -1.67 0.33
C ILE E 3 -25.26 -2.93 0.42
N THR E 4 -25.74 -3.92 1.18
CA THR E 4 -25.01 -5.16 1.39
C THR E 4 -25.56 -6.23 0.47
N TYR E 5 -24.71 -6.78 -0.39
CA TYR E 5 -25.05 -7.92 -1.22
C TYR E 5 -24.05 -9.06 -1.04
N THR E 6 -23.41 -9.13 0.12
CA THR E 6 -22.38 -10.14 0.35
C THR E 6 -22.95 -11.55 0.24
N SER E 7 -24.13 -11.78 0.81
CA SER E 7 -24.72 -13.11 0.79
C SER E 7 -25.06 -13.54 -0.63
N GLN E 8 -25.35 -12.59 -1.51
CA GLN E 8 -25.72 -12.92 -2.89
C GLN E 8 -24.53 -13.34 -3.72
N VAL E 9 -23.31 -13.01 -3.30
CA VAL E 9 -22.12 -13.33 -4.08
C VAL E 9 -21.18 -14.21 -3.26
N ALA E 10 -21.75 -15.03 -2.37
CA ALA E 10 -20.94 -15.94 -1.59
C ALA E 10 -20.20 -16.92 -2.48
N ASN E 11 -20.88 -17.46 -3.48
CA ASN E 11 -20.31 -18.40 -4.42
C ASN E 11 -20.33 -17.81 -5.82
N ALA E 12 -19.39 -18.27 -6.66
CA ALA E 12 -19.34 -17.87 -8.06
C ALA E 12 -20.28 -18.79 -8.84
N ARG E 13 -21.56 -18.45 -8.79
CA ARG E 13 -22.60 -19.23 -9.45
C ARG E 13 -22.84 -18.69 -10.86
N LEU E 14 -23.62 -19.45 -11.63
CA LEU E 14 -23.94 -19.05 -12.99
C LEU E 14 -24.63 -17.70 -12.99
N GLY E 15 -24.05 -16.75 -13.72
CA GLY E 15 -24.60 -15.40 -13.75
C GLY E 15 -24.63 -14.75 -12.38
N SER E 16 -23.57 -14.91 -11.60
CA SER E 16 -23.56 -14.36 -10.24
C SER E 16 -23.70 -12.85 -10.27
N PHE E 17 -22.85 -12.18 -11.06
CA PHE E 17 -22.94 -10.73 -11.16
C PHE E 17 -24.08 -10.28 -12.07
N SER E 18 -24.62 -11.19 -12.87
CA SER E 18 -25.78 -10.87 -13.70
C SER E 18 -26.99 -10.52 -12.85
N ARG E 19 -27.22 -11.29 -11.79
CA ARG E 19 -28.37 -11.03 -10.95
C ARG E 19 -28.28 -9.68 -10.26
N LEU E 20 -27.06 -9.19 -10.01
CA LEU E 20 -26.89 -7.90 -9.39
C LEU E 20 -27.33 -6.76 -10.30
N LEU E 21 -27.53 -7.02 -11.59
CA LEU E 21 -28.06 -6.01 -12.49
C LEU E 21 -29.55 -5.76 -12.27
N LEU E 22 -30.22 -6.61 -11.51
CA LEU E 22 -31.63 -6.43 -11.19
C LEU E 22 -31.83 -5.76 -9.83
N CYS E 23 -30.91 -4.89 -9.42
CA CYS E 23 -31.03 -4.15 -8.18
C CYS E 23 -31.20 -2.66 -8.49
N TRP E 24 -32.04 -2.00 -7.69
CA TRP E 24 -32.32 -0.58 -7.85
C TRP E 24 -31.58 0.29 -6.84
N ARG E 25 -31.70 -0.01 -5.55
CA ARG E 25 -31.05 0.81 -4.54
C ARG E 25 -29.53 0.68 -4.65
N GLY E 26 -28.86 1.82 -4.67
CA GLY E 26 -27.43 1.84 -4.85
C GLY E 26 -26.96 1.41 -6.22
N SER E 27 -27.83 1.45 -7.22
CA SER E 27 -27.53 0.92 -8.54
C SER E 27 -27.00 2.00 -9.47
N ILE E 28 -26.46 1.56 -10.60
CA ILE E 28 -26.01 2.48 -11.64
C ILE E 28 -27.19 3.23 -12.23
N TYR E 29 -28.32 2.53 -12.44
CA TYR E 29 -29.49 3.17 -13.02
C TYR E 29 -29.94 4.35 -12.16
N LYS E 30 -30.10 4.12 -10.86
CA LYS E 30 -30.53 5.19 -9.97
C LYS E 30 -29.55 6.35 -10.01
N LEU E 31 -28.26 6.07 -10.15
CA LEU E 31 -27.26 7.12 -10.08
C LEU E 31 -27.18 7.96 -11.34
N LEU E 32 -27.41 7.38 -12.52
CA LEU E 32 -27.20 8.13 -13.76
C LEU E 32 -28.41 8.21 -14.67
N TYR E 33 -29.62 7.90 -14.19
CA TYR E 33 -30.78 7.97 -15.09
C TYR E 33 -31.05 9.41 -15.53
N GLY E 34 -30.88 10.38 -14.63
CA GLY E 34 -31.11 11.76 -15.02
C GLY E 34 -30.13 12.25 -16.08
N GLU E 35 -28.85 11.96 -15.87
CA GLU E 35 -27.85 12.33 -16.86
C GLU E 35 -28.11 11.63 -18.19
N PHE E 36 -28.51 10.36 -18.14
CA PHE E 36 -28.80 9.63 -19.37
C PHE E 36 -29.99 10.24 -20.09
N LEU E 37 -31.03 10.64 -19.35
CA LEU E 37 -32.18 11.27 -19.98
C LEU E 37 -31.77 12.58 -20.65
N ILE E 38 -30.95 13.38 -19.98
CA ILE E 38 -30.50 14.64 -20.58
C ILE E 38 -29.70 14.35 -21.85
N PHE E 39 -28.80 13.38 -21.79
CA PHE E 39 -27.98 13.03 -22.96
C PHE E 39 -28.85 12.55 -24.11
N LEU E 40 -29.84 11.71 -23.81
CA LEU E 40 -30.73 11.19 -24.84
C LEU E 40 -31.53 12.31 -25.48
N LEU E 41 -32.07 13.22 -24.67
CA LEU E 41 -32.83 14.33 -25.21
C LEU E 41 -31.96 15.19 -26.10
N CYS E 42 -30.74 15.50 -25.68
CA CYS E 42 -29.87 16.33 -26.51
C CYS E 42 -29.51 15.61 -27.80
N TYR E 43 -29.23 14.30 -27.73
CA TYR E 43 -28.89 13.55 -28.92
C TYR E 43 -30.02 13.59 -29.94
N TYR E 44 -31.25 13.36 -29.50
CA TYR E 44 -32.35 13.34 -30.45
C TYR E 44 -32.78 14.72 -30.90
N ILE E 45 -32.57 15.76 -30.08
CA ILE E 45 -32.76 17.12 -30.55
C ILE E 45 -31.80 17.42 -31.70
N ILE E 46 -30.53 17.03 -31.52
CA ILE E 46 -29.56 17.24 -32.60
C ILE E 46 -29.96 16.44 -33.82
N ARG E 47 -30.43 15.21 -33.63
CA ARG E 47 -30.85 14.39 -34.77
C ARG E 47 -31.97 15.06 -35.54
N PHE E 48 -33.00 15.54 -34.83
CA PHE E 48 -34.12 16.17 -35.51
C PHE E 48 -33.70 17.46 -36.21
N ILE E 49 -32.85 18.27 -35.56
CA ILE E 49 -32.37 19.48 -36.20
C ILE E 49 -31.65 19.15 -37.49
N TYR E 50 -30.74 18.17 -37.43
CA TYR E 50 -29.98 17.80 -38.63
C TYR E 50 -30.90 17.28 -39.73
N ARG E 51 -31.88 16.45 -39.36
CA ARG E 51 -32.72 15.81 -40.37
C ARG E 51 -33.71 16.76 -41.01
N LEU E 52 -34.26 17.71 -40.24
CA LEU E 52 -35.33 18.56 -40.75
C LEU E 52 -34.85 19.99 -41.02
N ALA E 53 -34.24 20.66 -40.04
CA ALA E 53 -33.95 22.08 -40.21
C ALA E 53 -32.89 22.33 -41.27
N LEU E 54 -31.79 21.58 -41.22
CA LEU E 54 -30.64 21.90 -42.07
C LEU E 54 -30.98 21.70 -43.54
N THR E 55 -30.43 22.57 -44.38
CA THR E 55 -30.57 22.46 -45.82
C THR E 55 -29.56 21.46 -46.37
N GLU E 56 -29.53 21.33 -47.70
CA GLU E 56 -28.65 20.35 -48.33
C GLU E 56 -27.18 20.67 -48.02
N GLU E 57 -26.75 21.90 -48.29
CA GLU E 57 -25.37 22.27 -47.99
C GLU E 57 -25.11 22.24 -46.49
N GLN E 58 -26.07 22.68 -45.69
CA GLN E 58 -25.92 22.60 -44.24
C GLN E 58 -25.82 21.15 -43.79
N GLN E 59 -26.61 20.26 -44.40
CA GLN E 59 -26.53 18.85 -44.05
C GLN E 59 -25.17 18.26 -44.43
N LEU E 60 -24.63 18.67 -45.57
CA LEU E 60 -23.30 18.18 -45.96
C LEU E 60 -22.24 18.67 -44.98
N MET E 61 -22.34 19.93 -44.57
CA MET E 61 -21.41 20.46 -43.57
C MET E 61 -21.53 19.69 -42.27
N PHE E 62 -22.75 19.40 -41.83
CA PHE E 62 -22.96 18.66 -40.60
C PHE E 62 -22.41 17.24 -40.72
N GLU E 63 -22.56 16.62 -41.89
CA GLU E 63 -22.00 15.28 -42.08
C GLU E 63 -20.49 15.30 -42.01
N LYS E 64 -19.85 16.28 -42.63
CA LYS E 64 -18.40 16.39 -42.52
C LYS E 64 -17.98 16.58 -41.08
N LEU E 65 -18.70 17.43 -40.34
CA LEU E 65 -18.42 17.62 -38.93
C LEU E 65 -18.60 16.32 -38.16
N THR E 66 -19.62 15.53 -38.49
CA THR E 66 -19.87 14.29 -37.78
C THR E 66 -18.74 13.30 -38.00
N LEU E 67 -18.27 13.17 -39.23
CA LEU E 67 -17.12 12.30 -39.47
C LEU E 67 -15.89 12.82 -38.72
N TYR E 68 -15.65 14.12 -38.76
CA TYR E 68 -14.49 14.69 -38.08
C TYR E 68 -14.55 14.39 -36.58
N CYS E 69 -15.72 14.56 -35.98
CA CYS E 69 -15.87 14.30 -34.56
C CYS E 69 -15.68 12.82 -34.25
N ASP E 70 -16.37 11.94 -34.98
CA ASP E 70 -16.25 10.51 -34.73
C ASP E 70 -14.80 10.06 -34.87
N SER E 71 -14.01 10.76 -35.68
CA SER E 71 -12.59 10.42 -35.76
C SER E 71 -11.83 10.83 -34.51
N TYR E 72 -12.29 11.88 -33.81
CA TYR E 72 -11.56 12.46 -32.69
C TYR E 72 -12.03 11.93 -31.34
N ILE E 73 -12.73 10.81 -31.32
CA ILE E 73 -13.21 10.20 -30.08
C ILE E 73 -12.23 9.11 -29.68
N GLN E 74 -11.64 9.25 -28.50
CA GLN E 74 -10.64 8.33 -28.00
C GLN E 74 -11.03 7.86 -26.61
N LEU E 75 -10.87 6.56 -26.36
CA LEU E 75 -11.25 5.96 -25.10
C LEU E 75 -10.07 5.53 -24.24
N ILE E 76 -8.84 5.77 -24.67
CA ILE E 76 -7.66 5.37 -23.89
C ILE E 76 -7.46 6.35 -22.74
N PRO E 77 -7.36 7.66 -23.02
CA PRO E 77 -7.12 8.60 -21.91
C PRO E 77 -8.23 8.62 -20.88
N ILE E 78 -9.48 8.53 -21.32
CA ILE E 78 -10.59 8.53 -20.37
C ILE E 78 -10.52 7.32 -19.47
N SER E 79 -10.24 6.15 -20.05
CA SER E 79 -10.11 4.95 -19.23
C SER E 79 -8.95 5.08 -18.26
N PHE E 80 -7.80 5.59 -18.71
CA PHE E 80 -6.66 5.78 -17.82
C PHE E 80 -7.03 6.65 -16.63
N VAL E 81 -7.57 7.84 -16.92
CA VAL E 81 -7.81 8.81 -15.87
C VAL E 81 -8.90 8.33 -14.94
N LEU E 82 -9.96 7.73 -15.48
CA LEU E 82 -11.03 7.20 -14.64
C LEU E 82 -10.49 6.09 -13.74
N GLY E 83 -9.69 5.19 -14.29
CA GLY E 83 -9.17 4.11 -13.48
C GLY E 83 -8.34 4.62 -12.32
N PHE E 84 -7.41 5.53 -12.60
CA PHE E 84 -6.54 6.03 -11.53
C PHE E 84 -7.34 6.84 -10.51
N TYR E 85 -8.21 7.74 -10.97
CA TYR E 85 -8.95 8.59 -10.06
C TYR E 85 -9.91 7.78 -9.20
N VAL E 86 -10.62 6.82 -9.81
CA VAL E 86 -11.56 6.01 -9.06
C VAL E 86 -10.81 5.10 -8.09
N THR E 87 -9.63 4.62 -8.47
CA THR E 87 -8.83 3.84 -7.53
C THR E 87 -8.48 4.69 -6.31
N LEU E 88 -8.07 5.93 -6.53
CA LEU E 88 -7.77 6.83 -5.41
C LEU E 88 -9.00 7.03 -4.54
N VAL E 89 -10.16 7.27 -5.17
CA VAL E 89 -11.37 7.54 -4.42
C VAL E 89 -11.75 6.32 -3.58
N VAL E 90 -11.65 5.13 -4.14
CA VAL E 90 -12.02 3.91 -3.42
C VAL E 90 -11.05 3.66 -2.27
N THR E 91 -9.76 3.92 -2.49
CA THR E 91 -8.78 3.77 -1.42
C THR E 91 -9.12 4.70 -0.26
N ARG E 92 -9.42 5.96 -0.57
CA ARG E 92 -9.79 6.91 0.49
C ARG E 92 -11.09 6.50 1.17
N TRP E 93 -12.04 5.95 0.41
CA TRP E 93 -13.30 5.50 0.98
C TRP E 93 -13.08 4.41 2.02
N TRP E 94 -12.26 3.42 1.68
CA TRP E 94 -12.00 2.36 2.66
C TRP E 94 -11.17 2.87 3.83
N ASN E 95 -10.23 3.79 3.57
CA ASN E 95 -9.47 4.38 4.67
C ASN E 95 -10.39 5.13 5.62
N GLN E 96 -11.39 5.82 5.08
CA GLN E 96 -12.34 6.54 5.93
C GLN E 96 -13.20 5.59 6.73
N TYR E 97 -13.56 4.44 6.15
CA TYR E 97 -14.24 3.45 6.98
C TYR E 97 -13.32 2.96 8.10
N GLU E 98 -12.05 2.71 7.80
CA GLU E 98 -11.14 2.16 8.80
C GLU E 98 -10.91 3.12 9.95
N ASN E 99 -11.25 4.41 9.79
CA ASN E 99 -11.07 5.40 10.84
C ASN E 99 -12.37 5.71 11.56
N LEU E 100 -13.41 4.94 11.35
CA LEU E 100 -14.61 5.06 12.16
C LEU E 100 -14.31 4.48 13.54
N PRO E 101 -14.47 5.23 14.62
CA PRO E 101 -14.06 4.72 15.94
C PRO E 101 -15.06 3.71 16.48
N TRP E 102 -14.54 2.63 17.06
CA TRP E 102 -15.33 1.65 17.78
C TRP E 102 -14.84 1.57 19.20
N PRO E 103 -15.71 1.69 20.21
CA PRO E 103 -15.26 1.68 21.60
C PRO E 103 -15.06 0.29 22.19
N ASP E 104 -14.97 -0.76 21.38
CA ASP E 104 -15.00 -2.11 21.92
C ASP E 104 -13.75 -2.44 22.75
N ARG E 105 -12.57 -2.15 22.21
CA ARG E 105 -11.36 -2.34 23.00
C ARG E 105 -11.39 -1.47 24.25
N LEU E 106 -11.76 -0.20 24.08
CA LEU E 106 -11.83 0.71 25.21
C LEU E 106 -12.87 0.27 26.22
N MET E 107 -14.04 -0.19 25.77
CA MET E 107 -15.07 -0.55 26.73
C MET E 107 -14.69 -1.83 27.47
N SER E 108 -14.02 -2.77 26.80
CA SER E 108 -13.54 -3.93 27.51
C SER E 108 -12.55 -3.53 28.60
N LEU E 109 -11.62 -2.64 28.28
CA LEU E 109 -10.66 -2.20 29.28
C LEU E 109 -11.35 -1.45 30.42
N VAL E 110 -12.31 -0.60 30.10
CA VAL E 110 -13.00 0.17 31.14
C VAL E 110 -13.79 -0.77 32.05
N SER E 111 -14.46 -1.75 31.46
CA SER E 111 -15.22 -2.71 32.26
C SER E 111 -14.31 -3.52 33.16
N GLY E 112 -13.16 -3.96 32.66
CA GLY E 112 -12.27 -4.77 33.46
C GLY E 112 -11.56 -3.99 34.56
N PHE E 113 -10.97 -2.85 34.20
CA PHE E 113 -10.00 -2.19 35.06
C PHE E 113 -10.61 -1.27 36.11
N VAL E 114 -11.67 -0.54 35.77
CA VAL E 114 -12.27 0.42 36.68
C VAL E 114 -13.16 -0.36 37.64
N GLU E 115 -12.78 -0.40 38.91
CA GLU E 115 -13.38 -1.32 39.87
C GLU E 115 -14.47 -0.64 40.68
N GLY E 116 -15.37 -1.47 41.22
CA GLY E 116 -16.43 -0.99 42.09
C GLY E 116 -17.82 -1.27 41.55
N LYS E 117 -18.57 -2.10 42.26
CA LYS E 117 -19.96 -2.38 41.92
C LYS E 117 -20.92 -1.37 42.54
N ASP E 118 -20.43 -0.43 43.34
CA ASP E 118 -21.30 0.57 43.93
C ASP E 118 -21.69 1.62 42.91
N GLU E 119 -22.46 2.63 43.34
CA GLU E 119 -22.97 3.67 42.43
C GLU E 119 -21.84 4.58 41.97
N GLN E 120 -20.76 4.72 42.75
CA GLN E 120 -19.62 5.53 42.28
C GLN E 120 -18.87 4.83 41.16
N GLY E 121 -18.66 3.51 41.28
CA GLY E 121 -17.99 2.80 40.21
C GLY E 121 -18.80 2.77 38.93
N ARG E 122 -20.11 2.53 39.05
CA ARG E 122 -20.99 2.60 37.89
C ARG E 122 -20.89 3.96 37.22
N LEU E 123 -20.99 5.02 38.01
CA LEU E 123 -20.95 6.36 37.47
C LEU E 123 -19.62 6.64 36.78
N LEU E 124 -18.52 6.20 37.37
CA LEU E 124 -17.21 6.44 36.79
C LEU E 124 -17.06 5.72 35.45
N ARG E 125 -17.41 4.43 35.42
CA ARG E 125 -17.30 3.68 34.17
C ARG E 125 -18.19 4.25 33.09
N ARG E 126 -19.45 4.55 33.44
CA ARG E 126 -20.37 5.11 32.48
C ARG E 126 -19.89 6.45 31.97
N THR E 127 -19.35 7.29 32.85
CA THR E 127 -18.85 8.60 32.42
C THR E 127 -17.67 8.46 31.47
N LEU E 128 -16.75 7.54 31.75
CA LEU E 128 -15.61 7.37 30.85
C LEU E 128 -16.08 6.92 29.47
N ILE E 129 -16.92 5.90 29.42
CA ILE E 129 -17.35 5.40 28.12
C ILE E 129 -18.23 6.43 27.43
N ARG E 130 -18.94 7.26 28.19
CA ARG E 130 -19.73 8.32 27.61
C ARG E 130 -18.85 9.41 27.02
N TYR E 131 -17.72 9.69 27.64
CA TYR E 131 -16.76 10.63 27.05
C TYR E 131 -16.26 10.10 25.71
N ALA E 132 -15.95 8.81 25.65
CA ALA E 132 -15.55 8.23 24.38
C ALA E 132 -16.64 8.40 23.32
N ASN E 133 -17.87 8.02 23.67
CA ASN E 133 -18.96 8.13 22.71
C ASN E 133 -19.23 9.59 22.32
N LEU E 134 -19.05 10.52 23.25
CA LEU E 134 -19.30 11.93 22.95
C LEU E 134 -18.26 12.46 21.98
N GLY E 135 -16.99 12.10 22.16
CA GLY E 135 -16.00 12.50 21.18
C GLY E 135 -16.32 11.95 19.81
N ASN E 136 -16.71 10.68 19.75
CA ASN E 136 -17.06 10.08 18.47
C ASN E 136 -18.19 10.78 17.72
N VAL E 137 -19.29 11.08 18.43
CA VAL E 137 -20.42 11.72 17.76
C VAL E 137 -20.16 13.19 17.45
N LEU E 138 -19.30 13.80 18.28
CA LEU E 138 -18.89 15.20 18.04
C LEU E 138 -18.20 15.25 16.68
N ILE E 139 -17.25 14.33 16.40
CA ILE E 139 -16.57 14.31 15.11
C ILE E 139 -17.54 13.87 14.02
N LEU E 140 -18.39 12.88 14.30
CA LEU E 140 -19.28 12.36 13.27
C LEU E 140 -20.29 13.42 12.83
N ARG E 141 -20.86 14.16 13.76
CA ARG E 141 -21.77 15.24 13.38
C ARG E 141 -21.02 16.37 12.69
N SER E 142 -19.72 16.49 12.92
CA SER E 142 -18.93 17.43 12.13
C SER E 142 -18.76 16.97 10.68
N VAL E 143 -18.66 15.67 10.43
CA VAL E 143 -18.32 15.18 9.10
C VAL E 143 -19.48 14.51 8.37
N SER E 144 -20.55 14.11 9.05
CA SER E 144 -21.62 13.33 8.44
C SER E 144 -22.90 14.15 8.40
N THR E 145 -23.54 14.22 7.23
CA THR E 145 -24.74 15.03 7.09
C THR E 145 -25.94 14.39 7.77
N ALA E 146 -26.00 13.04 7.78
CA ALA E 146 -27.09 12.37 8.46
C ALA E 146 -27.02 12.57 9.97
N VAL E 147 -25.82 12.41 10.53
CA VAL E 147 -25.65 12.64 11.96
C VAL E 147 -25.90 14.10 12.30
N TYR E 148 -25.45 15.01 11.44
CA TYR E 148 -25.71 16.43 11.68
C TYR E 148 -27.21 16.70 11.68
N LYS E 149 -27.94 16.13 10.72
CA LYS E 149 -29.38 16.31 10.69
C LYS E 149 -30.04 15.72 11.92
N ARG E 150 -29.45 14.68 12.50
CA ARG E 150 -29.96 14.16 13.76
C ARG E 150 -29.63 15.08 14.93
N PHE E 151 -28.43 15.67 14.93
CA PHE E 151 -27.96 16.51 16.03
C PHE E 151 -27.50 17.84 15.46
N PRO E 152 -28.42 18.68 14.99
CA PRO E 152 -28.03 19.96 14.37
C PRO E 152 -27.46 20.96 15.35
N SER E 153 -27.51 20.70 16.65
CA SER E 153 -26.93 21.59 17.64
C SER E 153 -26.48 20.77 18.84
N ALA E 154 -25.67 21.40 19.69
CA ALA E 154 -25.23 20.73 20.91
C ALA E 154 -26.37 20.50 21.88
N GLN E 155 -27.36 21.39 21.88
CA GLN E 155 -28.54 21.16 22.71
C GLN E 155 -29.27 19.89 22.29
N HIS E 156 -29.20 19.54 21.00
CA HIS E 156 -29.76 18.26 20.57
C HIS E 156 -28.97 17.09 21.16
N LEU E 157 -27.65 17.25 21.27
CA LEU E 157 -26.86 16.22 21.94
C LEU E 157 -27.26 16.09 23.40
N VAL E 158 -27.54 17.21 24.06
CA VAL E 158 -27.99 17.14 25.44
C VAL E 158 -29.34 16.44 25.53
N GLN E 159 -30.27 16.80 24.64
CA GLN E 159 -31.61 16.20 24.69
C GLN E 159 -31.55 14.71 24.36
N ALA E 160 -30.58 14.30 23.56
CA ALA E 160 -30.46 12.90 23.16
C ALA E 160 -29.69 12.05 24.17
N GLY E 161 -29.15 12.66 25.22
CA GLY E 161 -28.46 11.92 26.26
C GLY E 161 -26.98 11.70 26.02
N PHE E 162 -26.43 12.14 24.88
CA PHE E 162 -25.01 12.00 24.64
C PHE E 162 -24.18 12.93 25.51
N MET E 163 -24.74 14.06 25.93
CA MET E 163 -24.04 15.04 26.73
C MET E 163 -24.96 15.49 27.85
N THR E 164 -24.39 15.75 29.02
CA THR E 164 -25.17 16.28 30.13
C THR E 164 -25.15 17.81 30.09
N PRO E 165 -26.11 18.44 30.77
CA PRO E 165 -26.07 19.92 30.84
C PRO E 165 -24.78 20.46 31.42
N ALA E 166 -24.21 19.78 32.42
CA ALA E 166 -22.94 20.21 32.98
C ALA E 166 -21.83 20.14 31.93
N GLU E 167 -21.82 19.06 31.15
CA GLU E 167 -20.82 18.93 30.09
C GLU E 167 -21.03 19.99 29.02
N HIS E 168 -22.28 20.32 28.72
CA HIS E 168 -22.55 21.38 27.74
C HIS E 168 -22.05 22.72 28.24
N LYS E 169 -22.29 23.03 29.52
CA LYS E 169 -21.78 24.27 30.08
C LYS E 169 -20.26 24.30 30.05
N GLN E 170 -19.61 23.18 30.38
CA GLN E 170 -18.17 23.12 30.35
C GLN E 170 -17.63 23.33 28.94
N LEU E 171 -18.30 22.74 27.94
CA LEU E 171 -17.89 22.95 26.56
C LEU E 171 -18.04 24.41 26.16
N GLU E 172 -19.13 25.04 26.58
CA GLU E 172 -19.32 26.45 26.29
C GLU E 172 -18.22 27.30 26.93
N LYS E 173 -17.80 26.93 28.14
CA LYS E 173 -16.75 27.68 28.82
C LYS E 173 -15.44 27.61 28.04
N LEU E 174 -15.15 26.46 27.44
CA LEU E 174 -13.87 26.23 26.76
C LEU E 174 -13.88 26.67 25.31
N SER E 175 -14.95 27.31 24.85
CA SER E 175 -15.14 27.57 23.42
C SER E 175 -13.92 28.26 22.82
N LEU E 176 -13.34 27.64 21.80
CA LEU E 176 -12.32 28.20 20.96
C LEU E 176 -12.86 28.29 19.53
N PRO E 177 -12.26 29.10 18.67
CA PRO E 177 -12.75 29.24 17.29
C PRO E 177 -12.31 28.10 16.37
N HIS E 178 -12.42 26.87 16.87
CA HIS E 178 -12.22 25.68 16.05
C HIS E 178 -13.12 24.58 16.58
N ASN E 179 -13.14 23.46 15.87
CA ASN E 179 -13.95 22.32 16.28
C ASN E 179 -13.49 21.80 17.63
N MET E 180 -14.43 21.60 18.54
CA MET E 180 -14.15 21.19 19.91
C MET E 180 -14.28 19.68 20.11
N PHE E 181 -14.18 18.89 19.04
CA PHE E 181 -14.35 17.45 19.17
C PHE E 181 -13.27 16.81 20.02
N TRP E 182 -12.15 17.51 20.26
CA TRP E 182 -11.03 16.95 21.00
C TRP E 182 -11.22 17.02 22.51
N VAL E 183 -12.17 17.83 22.99
CA VAL E 183 -12.27 18.08 24.44
C VAL E 183 -12.57 16.80 25.22
N PRO E 184 -13.48 15.93 24.80
CA PRO E 184 -13.77 14.74 25.60
C PRO E 184 -12.56 13.86 25.85
N TRP E 185 -11.53 13.95 25.00
CA TRP E 185 -10.33 13.16 25.24
C TRP E 185 -9.52 13.70 26.41
N VAL E 186 -9.40 15.03 26.50
CA VAL E 186 -8.77 15.63 27.68
C VAL E 186 -9.59 15.31 28.92
N TRP E 187 -10.91 15.40 28.82
CA TRP E 187 -11.75 15.02 29.96
C TRP E 187 -11.50 13.58 30.37
N PHE E 188 -11.44 12.67 29.40
CA PHE E 188 -11.23 11.26 29.69
C PHE E 188 -9.90 11.04 30.37
N ALA E 189 -8.85 11.68 29.87
CA ALA E 189 -7.54 11.53 30.47
C ALA E 189 -7.53 12.00 31.92
N ASN E 190 -8.14 13.17 32.17
CA ASN E 190 -8.14 13.71 33.52
C ASN E 190 -8.99 12.86 34.46
N LEU E 191 -10.13 12.35 33.97
CA LEU E 191 -10.98 11.52 34.80
C LEU E 191 -10.32 10.18 35.11
N SER E 192 -9.61 9.59 34.13
CA SER E 192 -8.88 8.36 34.38
C SER E 192 -7.77 8.59 35.41
N MET E 193 -7.07 9.72 35.30
CA MET E 193 -6.05 10.01 36.29
C MET E 193 -6.67 10.16 37.68
N LYS E 194 -7.81 10.83 37.77
CA LYS E 194 -8.50 10.94 39.05
C LYS E 194 -8.91 9.58 39.59
N ALA E 195 -9.40 8.71 38.72
CA ALA E 195 -9.79 7.36 39.15
C ALA E 195 -8.60 6.59 39.67
N TRP E 196 -7.45 6.70 39.01
CA TRP E 196 -6.25 6.03 39.51
C TRP E 196 -5.84 6.59 40.86
N LEU E 197 -5.77 7.92 40.97
CA LEU E 197 -5.40 8.53 42.24
C LEU E 197 -6.42 8.21 43.33
N GLY E 198 -7.68 8.03 42.96
CA GLY E 198 -8.71 7.70 43.91
C GLY E 198 -8.82 6.24 44.25
N GLY E 199 -7.97 5.39 43.68
CA GLY E 199 -7.96 3.98 43.99
C GLY E 199 -8.90 3.13 43.17
N ARG E 200 -9.69 3.72 42.27
CA ARG E 200 -10.60 2.94 41.45
C ARG E 200 -9.85 2.14 40.39
N ILE E 201 -8.76 2.69 39.87
CA ILE E 201 -7.85 1.97 38.98
C ILE E 201 -6.65 1.56 39.84
N ARG E 202 -6.36 0.26 39.85
CA ARG E 202 -5.44 -0.29 40.85
C ARG E 202 -3.97 -0.07 40.52
N ASP E 203 -3.60 -0.04 39.24
CA ASP E 203 -2.20 0.03 38.86
C ASP E 203 -2.03 1.01 37.72
N PRO E 204 -0.92 1.77 37.68
CA PRO E 204 -0.74 2.73 36.58
C PRO E 204 -0.61 2.10 35.19
N ILE E 205 -0.24 0.82 35.08
CA ILE E 205 -0.15 0.20 33.77
C ILE E 205 -1.55 0.03 33.17
N LEU E 206 -2.54 -0.23 34.02
CA LEU E 206 -3.92 -0.26 33.54
C LEU E 206 -4.36 1.11 33.04
N LEU E 207 -3.95 2.17 33.75
CA LEU E 207 -4.23 3.51 33.30
C LEU E 207 -3.58 3.78 31.94
N GLN E 208 -2.34 3.30 31.77
CA GLN E 208 -1.65 3.47 30.47
C GLN E 208 -2.40 2.72 29.37
N SER E 209 -2.93 1.53 29.66
CA SER E 209 -3.72 0.80 28.67
C SER E 209 -4.98 1.58 28.29
N LEU E 210 -5.69 2.09 29.29
CA LEU E 210 -6.89 2.87 29.02
C LEU E 210 -6.58 4.04 28.12
N LEU E 211 -5.53 4.80 28.46
CA LEU E 211 -5.23 5.99 27.70
C LEU E 211 -4.69 5.67 26.32
N ASN E 212 -4.02 4.52 26.16
CA ASN E 212 -3.59 4.11 24.83
C ASN E 212 -4.78 3.82 23.93
N GLU E 213 -5.77 3.10 24.45
CA GLU E 213 -6.97 2.85 23.64
C GLU E 213 -7.70 4.14 23.32
N MET E 214 -7.81 5.03 24.32
CA MET E 214 -8.45 6.32 24.08
C MET E 214 -7.72 7.12 23.02
N ASN E 215 -6.39 7.11 23.06
CA ASN E 215 -5.61 7.85 22.08
C ASN E 215 -5.72 7.24 20.69
N THR E 216 -5.86 5.92 20.60
CA THR E 216 -6.16 5.31 19.32
C THR E 216 -7.47 5.84 18.75
N LEU E 217 -8.49 5.93 19.59
CA LEU E 217 -9.75 6.51 19.14
C LEU E 217 -9.56 7.96 18.69
N ARG E 218 -8.75 8.71 19.43
CA ARG E 218 -8.49 10.10 19.06
C ARG E 218 -7.84 10.20 17.69
N THR E 219 -6.86 9.32 17.43
CA THR E 219 -6.20 9.33 16.13
C THR E 219 -7.19 9.02 15.01
N GLN E 220 -8.08 8.05 15.24
CA GLN E 220 -9.09 7.76 14.23
C GLN E 220 -9.99 8.97 13.97
N CYS E 221 -10.42 9.64 15.04
CA CYS E 221 -11.30 10.81 14.85
C CYS E 221 -10.56 11.94 14.15
N GLY E 222 -9.27 12.11 14.45
CA GLY E 222 -8.49 13.09 13.73
C GLY E 222 -8.36 12.77 12.26
N HIS E 223 -8.22 11.49 11.92
CA HIS E 223 -8.19 11.10 10.51
C HIS E 223 -9.52 11.38 9.83
N LEU E 224 -10.63 11.15 10.54
CA LEU E 224 -11.93 11.51 9.99
C LEU E 224 -12.01 13.01 9.71
N TYR E 225 -11.55 13.82 10.66
CA TYR E 225 -11.51 15.26 10.44
C TYR E 225 -10.65 15.62 9.23
N ALA E 226 -9.49 14.99 9.10
CA ALA E 226 -8.60 15.28 7.99
C ALA E 226 -9.24 14.95 6.64
N TYR E 227 -9.88 13.79 6.55
CA TYR E 227 -10.54 13.42 5.31
C TYR E 227 -11.69 14.37 5.00
N ASP E 228 -12.41 14.82 6.02
CA ASP E 228 -13.46 15.81 5.80
C ASP E 228 -12.88 17.13 5.31
N TRP E 229 -11.71 17.53 5.81
CA TRP E 229 -11.13 18.83 5.53
C TRP E 229 -10.32 18.82 4.23
N ILE E 230 -9.40 17.88 4.07
CA ILE E 230 -8.51 17.85 2.92
C ILE E 230 -9.21 17.00 1.86
N SER E 231 -9.95 17.68 0.98
CA SER E 231 -10.59 17.01 -0.13
C SER E 231 -9.56 16.58 -1.18
N ILE E 232 -9.94 15.61 -2.00
CA ILE E 232 -9.12 15.33 -3.18
C ILE E 232 -8.96 16.61 -3.97
N PRO E 233 -7.77 16.95 -4.45
CA PRO E 233 -7.57 18.26 -5.09
C PRO E 233 -8.63 18.53 -6.14
N LEU E 234 -9.22 19.72 -6.07
CA LEU E 234 -10.31 20.08 -6.97
C LEU E 234 -9.86 19.97 -8.43
N VAL E 235 -8.59 20.26 -8.70
CA VAL E 235 -8.10 20.24 -10.07
C VAL E 235 -8.22 18.83 -10.65
N TYR E 236 -7.87 17.81 -9.86
CA TYR E 236 -7.96 16.44 -10.34
C TYR E 236 -9.39 16.05 -10.66
N THR E 237 -10.32 16.40 -9.77
CA THR E 237 -11.73 16.11 -10.00
C THR E 237 -12.24 16.80 -11.25
N GLN E 238 -11.87 18.07 -11.43
CA GLN E 238 -12.29 18.80 -12.62
C GLN E 238 -11.68 18.19 -13.87
N VAL E 239 -10.45 17.69 -13.79
CA VAL E 239 -9.81 17.07 -14.94
C VAL E 239 -10.58 15.83 -15.37
N VAL E 240 -10.91 14.96 -14.41
CA VAL E 240 -11.62 13.74 -14.77
C VAL E 240 -13.02 14.07 -15.30
N THR E 241 -13.68 15.05 -14.68
CA THR E 241 -15.01 15.46 -15.14
C THR E 241 -14.94 16.01 -16.56
N VAL E 242 -13.93 16.82 -16.85
CA VAL E 242 -13.78 17.38 -18.19
C VAL E 242 -13.56 16.27 -19.19
N ALA E 243 -12.70 15.30 -18.85
CA ALA E 243 -12.47 14.18 -19.76
C ALA E 243 -13.78 13.48 -20.11
N VAL E 244 -14.56 13.10 -19.10
CA VAL E 244 -15.78 12.33 -19.36
C VAL E 244 -16.76 13.17 -20.17
N TYR E 245 -17.00 14.40 -19.74
CA TYR E 245 -18.06 15.19 -20.37
C TYR E 245 -17.64 15.66 -21.75
N SER E 246 -16.35 15.91 -21.98
CA SER E 246 -15.90 16.22 -23.34
C SER E 246 -16.09 15.01 -24.24
N PHE E 247 -15.76 13.82 -23.75
CA PHE E 247 -16.00 12.61 -24.55
C PHE E 247 -17.45 12.54 -25.00
N PHE E 248 -18.39 12.74 -24.08
CA PHE E 248 -19.78 12.54 -24.47
C PHE E 248 -20.37 13.73 -25.20
N LEU E 249 -19.85 14.95 -24.97
CA LEU E 249 -20.23 16.08 -25.81
C LEU E 249 -19.79 15.83 -27.25
N THR E 250 -18.59 15.29 -27.44
CA THR E 250 -18.16 14.92 -28.78
C THR E 250 -19.07 13.84 -29.37
N CYS E 251 -19.43 12.84 -28.55
CA CYS E 251 -20.31 11.78 -29.03
C CYS E 251 -21.66 12.33 -29.47
N LEU E 252 -22.12 13.43 -28.86
CA LEU E 252 -23.42 13.98 -29.23
C LEU E 252 -23.52 14.27 -30.72
N VAL E 253 -22.40 14.60 -31.36
CA VAL E 253 -22.37 14.89 -32.79
C VAL E 253 -21.74 13.76 -33.58
N GLY E 254 -20.62 13.21 -33.09
CA GLY E 254 -19.90 12.21 -33.84
C GLY E 254 -20.59 10.86 -33.89
N ARG E 255 -21.65 10.67 -33.08
CA ARG E 255 -22.41 9.43 -33.08
C ARG E 255 -23.80 9.60 -33.68
N GLN E 256 -24.03 10.69 -34.40
CA GLN E 256 -25.31 10.87 -35.07
C GLN E 256 -25.40 9.94 -36.27
N PHE E 257 -26.61 9.47 -36.56
CA PHE E 257 -26.85 8.60 -37.71
C PHE E 257 -27.05 9.46 -38.94
N LEU E 258 -26.05 9.50 -39.82
CA LEU E 258 -26.13 10.31 -41.02
C LEU E 258 -27.10 9.68 -42.02
N ASN E 259 -27.47 10.47 -43.02
CA ASN E 259 -28.43 10.00 -44.00
C ASN E 259 -27.82 8.87 -44.82
N PRO E 260 -28.45 7.69 -44.89
CA PRO E 260 -27.84 6.58 -45.63
C PRO E 260 -27.60 6.88 -47.11
N ALA E 261 -28.45 7.69 -47.74
CA ALA E 261 -28.33 7.90 -49.18
C ALA E 261 -26.93 8.37 -49.56
N LYS E 262 -26.29 9.15 -48.69
CA LYS E 262 -24.91 9.57 -48.94
C LYS E 262 -23.95 8.40 -48.90
N ALA E 263 -24.33 7.29 -48.28
CA ALA E 263 -23.52 6.08 -48.24
C ALA E 263 -22.11 6.36 -47.74
N TYR E 264 -22.03 7.14 -46.66
CA TYR E 264 -20.75 7.38 -46.03
C TYR E 264 -20.19 6.08 -45.45
N PRO E 265 -18.87 5.94 -45.37
CA PRO E 265 -18.29 4.74 -44.74
C PRO E 265 -18.74 4.62 -43.30
N GLY E 266 -19.32 3.46 -42.97
CA GLY E 266 -19.75 3.19 -41.61
C GLY E 266 -21.15 3.69 -41.28
N HIS E 267 -21.80 4.41 -42.19
CA HIS E 267 -23.14 4.94 -41.96
C HIS E 267 -24.13 4.34 -42.94
N GLU E 268 -23.86 3.12 -43.42
CA GLU E 268 -24.71 2.51 -44.44
C GLU E 268 -26.11 2.29 -43.91
N LEU E 269 -26.24 1.81 -42.67
CA LEU E 269 -27.53 1.49 -42.08
C LEU E 269 -27.85 2.50 -40.98
N ASP E 270 -29.02 3.10 -41.06
CA ASP E 270 -29.44 4.15 -40.14
C ASP E 270 -30.42 3.53 -39.14
N LEU E 271 -29.86 2.94 -38.09
CA LEU E 271 -30.66 2.63 -36.91
C LEU E 271 -30.92 3.92 -36.15
N VAL E 272 -32.05 3.97 -35.45
CA VAL E 272 -32.42 5.21 -34.79
C VAL E 272 -31.74 5.33 -33.42
N VAL E 273 -31.48 4.21 -32.75
CA VAL E 273 -30.97 4.20 -31.38
C VAL E 273 -29.49 3.86 -31.43
N PRO E 274 -28.60 4.76 -30.96
CA PRO E 274 -27.16 4.40 -30.90
C PRO E 274 -26.85 3.54 -29.68
N VAL E 275 -27.09 2.23 -29.83
CA VAL E 275 -27.05 1.34 -28.67
C VAL E 275 -25.64 1.31 -28.06
N PHE E 276 -24.60 1.25 -28.88
CA PHE E 276 -23.25 1.19 -28.32
C PHE E 276 -22.89 2.49 -27.61
N THR E 277 -23.33 3.62 -28.14
CA THR E 277 -23.04 4.89 -27.46
C THR E 277 -23.73 4.93 -26.10
N PHE E 278 -24.94 4.39 -26.01
CA PHE E 278 -25.63 4.32 -24.73
C PHE E 278 -24.92 3.37 -23.78
N LEU E 279 -24.41 2.24 -24.29
CA LEU E 279 -23.64 1.34 -23.45
C LEU E 279 -22.36 2.02 -22.94
N GLN E 280 -21.70 2.79 -23.81
CA GLN E 280 -20.52 3.52 -23.39
C GLN E 280 -20.87 4.58 -22.35
N PHE E 281 -22.02 5.25 -22.53
CA PHE E 281 -22.48 6.19 -21.51
C PHE E 281 -22.66 5.48 -20.18
N PHE E 282 -23.39 4.36 -20.18
CA PHE E 282 -23.60 3.63 -18.94
C PHE E 282 -22.26 3.29 -18.31
N PHE E 283 -21.36 2.70 -19.09
CA PHE E 283 -20.06 2.28 -18.56
C PHE E 283 -19.30 3.45 -17.95
N TYR E 284 -19.01 4.47 -18.75
CA TYR E 284 -18.09 5.52 -18.32
C TYR E 284 -18.73 6.42 -17.27
N VAL E 285 -19.99 6.81 -17.47
CA VAL E 285 -20.63 7.69 -16.49
C VAL E 285 -20.90 6.94 -15.20
N GLY E 286 -21.17 5.63 -15.25
CA GLY E 286 -21.26 4.87 -14.01
C GLY E 286 -19.92 4.73 -13.31
N TRP E 287 -18.85 4.57 -14.09
CA TRP E 287 -17.51 4.55 -13.51
C TRP E 287 -17.23 5.86 -12.79
N LEU E 288 -17.63 6.98 -13.38
CA LEU E 288 -17.48 8.28 -12.72
C LEU E 288 -18.41 8.38 -11.51
N LYS E 289 -19.61 7.83 -11.61
CA LYS E 289 -20.56 7.91 -10.52
C LYS E 289 -20.11 7.10 -9.32
N VAL E 290 -19.28 6.07 -9.54
CA VAL E 290 -18.66 5.37 -8.42
C VAL E 290 -17.90 6.36 -7.55
N ALA E 291 -17.05 7.18 -8.20
CA ALA E 291 -16.31 8.20 -7.47
C ALA E 291 -17.23 9.27 -6.90
N GLU E 292 -18.25 9.66 -7.66
CA GLU E 292 -19.16 10.70 -7.19
C GLU E 292 -19.86 10.27 -5.90
N GLN E 293 -20.23 9.00 -5.81
CA GLN E 293 -20.87 8.48 -4.61
C GLN E 293 -19.87 8.31 -3.47
N LEU E 294 -18.69 7.78 -3.78
CA LEU E 294 -17.71 7.43 -2.74
C LEU E 294 -16.82 8.58 -2.32
N ILE E 295 -16.80 9.69 -3.06
CA ILE E 295 -15.85 10.76 -2.74
C ILE E 295 -16.11 11.31 -1.35
N ASN E 296 -17.39 11.42 -0.97
CA ASN E 296 -17.79 11.76 0.38
C ASN E 296 -18.67 10.61 0.89
N PRO E 297 -18.10 9.67 1.64
CA PRO E 297 -18.88 8.50 2.05
C PRO E 297 -19.81 8.75 3.23
N PHE E 298 -19.84 9.97 3.76
CA PHE E 298 -20.68 10.31 4.90
C PHE E 298 -21.89 11.14 4.51
N GLY E 299 -22.24 11.16 3.23
CA GLY E 299 -23.44 11.82 2.77
C GLY E 299 -24.66 10.97 3.06
N GLU E 300 -25.61 10.98 2.12
CA GLU E 300 -26.85 10.22 2.25
C GLU E 300 -27.12 9.32 1.07
N ASP E 301 -26.10 9.01 0.27
CA ASP E 301 -26.27 8.05 -0.80
C ASP E 301 -26.64 6.69 -0.22
N ASP E 302 -27.16 5.82 -1.09
CA ASP E 302 -27.50 4.47 -0.64
C ASP E 302 -26.28 3.74 -0.10
N ASP E 303 -25.13 3.93 -0.73
CA ASP E 303 -23.92 3.21 -0.37
C ASP E 303 -23.06 3.96 0.65
N ASP E 304 -23.51 5.12 1.12
CA ASP E 304 -22.77 5.82 2.16
C ASP E 304 -22.94 5.12 3.51
N PHE E 305 -21.97 5.36 4.40
CA PHE E 305 -21.93 4.64 5.66
C PHE E 305 -23.14 4.97 6.53
N GLU E 306 -23.58 3.97 7.29
CA GLU E 306 -24.70 4.12 8.22
C GLU E 306 -24.17 4.65 9.56
N THR E 307 -23.89 5.94 9.57
CA THR E 307 -23.26 6.54 10.75
C THR E 307 -24.21 6.59 11.94
N ASN E 308 -25.49 6.86 11.70
CA ASN E 308 -26.46 6.93 12.80
C ASN E 308 -26.60 5.58 13.48
N TRP E 309 -26.68 4.52 12.70
CA TRP E 309 -26.74 3.19 13.28
C TRP E 309 -25.49 2.89 14.09
N ILE E 310 -24.32 3.30 13.58
CA ILE E 310 -23.08 3.07 14.30
C ILE E 310 -23.10 3.81 15.63
N VAL E 311 -23.57 5.05 15.63
CA VAL E 311 -23.63 5.82 16.87
C VAL E 311 -24.54 5.13 17.89
N ASP E 312 -25.73 4.72 17.45
CA ASP E 312 -26.67 4.07 18.36
C ASP E 312 -26.10 2.77 18.91
N ARG E 313 -25.56 1.93 18.02
CA ARG E 313 -25.01 0.65 18.44
C ARG E 313 -23.85 0.84 19.41
N ASN E 314 -22.97 1.80 19.12
CA ASN E 314 -21.85 2.03 20.00
C ASN E 314 -22.30 2.46 21.38
N LEU E 315 -23.27 3.38 21.45
CA LEU E 315 -23.77 3.80 22.74
C LEU E 315 -24.33 2.63 23.52
N GLN E 316 -25.25 1.88 22.90
CA GLN E 316 -25.89 0.77 23.60
C GLN E 316 -24.86 -0.25 24.07
N VAL E 317 -24.00 -0.70 23.16
CA VAL E 317 -23.06 -1.77 23.46
C VAL E 317 -22.08 -1.33 24.52
N SER E 318 -21.56 -0.10 24.42
CA SER E 318 -20.55 0.34 25.36
C SER E 318 -21.13 0.51 26.76
N LEU E 319 -22.33 1.10 26.85
CA LEU E 319 -22.95 1.24 28.17
C LEU E 319 -23.24 -0.12 28.79
N LEU E 320 -23.76 -1.06 27.99
CA LEU E 320 -24.01 -2.40 28.51
C LEU E 320 -22.71 -3.05 28.97
N ALA E 321 -21.64 -2.91 28.18
CA ALA E 321 -20.39 -3.58 28.50
C ALA E 321 -19.79 -3.04 29.79
N VAL E 322 -19.82 -1.73 29.99
CA VAL E 322 -19.15 -1.16 31.16
C VAL E 322 -20.03 -1.15 32.41
N ASP E 323 -21.35 -1.24 32.28
CA ASP E 323 -22.22 -1.13 33.43
C ASP E 323 -22.79 -2.47 33.87
N GLU E 324 -23.52 -3.17 32.99
CA GLU E 324 -24.17 -4.41 33.38
C GLU E 324 -23.20 -5.58 33.36
N MET E 325 -22.23 -5.57 32.47
CA MET E 325 -21.30 -6.67 32.29
C MET E 325 -20.06 -6.54 33.16
N HIS E 326 -19.96 -5.50 33.99
CA HIS E 326 -18.80 -5.35 34.87
C HIS E 326 -18.79 -6.44 35.93
N GLN E 327 -17.76 -7.29 35.91
CA GLN E 327 -17.61 -8.36 36.88
C GLN E 327 -18.89 -9.20 36.97
N ASP E 328 -19.53 -9.39 35.82
CA ASP E 328 -20.72 -10.22 35.70
C ASP E 328 -20.40 -11.29 34.67
N LEU E 329 -19.91 -12.43 35.15
CA LEU E 329 -19.41 -13.48 34.28
C LEU E 329 -20.33 -14.68 34.32
N PRO E 330 -20.42 -15.44 33.22
CA PRO E 330 -21.13 -16.73 33.29
C PRO E 330 -20.37 -17.69 34.20
N ARG E 331 -21.12 -18.60 34.80
CA ARG E 331 -20.51 -19.55 35.73
C ARG E 331 -19.40 -20.32 35.02
N MET E 332 -18.25 -20.43 35.70
CA MET E 332 -17.08 -21.10 35.15
C MET E 332 -17.12 -22.58 35.52
N GLU E 333 -17.39 -23.43 34.54
CA GLU E 333 -17.52 -24.87 34.76
C GLU E 333 -16.70 -25.61 33.72
N PRO E 334 -16.27 -26.84 34.03
CA PRO E 334 -15.52 -27.61 33.04
C PRO E 334 -16.30 -27.77 31.75
N ASP E 335 -15.60 -27.64 30.63
CA ASP E 335 -16.25 -27.65 29.32
C ASP E 335 -16.44 -29.09 28.84
N MET E 336 -17.05 -29.21 27.67
CA MET E 336 -17.40 -30.53 27.13
C MET E 336 -16.17 -31.37 26.83
N TYR E 337 -15.04 -30.74 26.53
CA TYR E 337 -13.81 -31.45 26.21
C TYR E 337 -12.82 -31.41 27.38
N TRP E 338 -13.34 -31.51 28.60
CA TRP E 338 -12.51 -31.32 29.78
C TRP E 338 -11.34 -32.30 29.82
N ASN E 339 -11.60 -33.57 29.49
CA ASN E 339 -10.56 -34.59 29.43
C ASN E 339 -10.53 -35.24 28.05
N LYS E 340 -10.63 -34.43 27.01
CA LYS E 340 -10.54 -34.89 25.62
C LYS E 340 -9.30 -34.28 24.97
N PRO E 341 -8.20 -35.03 24.86
CA PRO E 341 -6.98 -34.44 24.31
C PRO E 341 -7.12 -33.90 22.90
N GLU E 342 -8.01 -34.48 22.09
CA GLU E 342 -8.17 -34.11 20.69
C GLU E 342 -9.64 -33.81 20.42
N PRO E 343 -10.13 -32.65 20.85
CA PRO E 343 -11.55 -32.34 20.65
C PRO E 343 -11.91 -32.30 19.17
N GLN E 344 -13.06 -32.86 18.84
CA GLN E 344 -13.58 -32.88 17.47
C GLN E 344 -15.04 -32.46 17.51
N PRO E 345 -15.31 -31.16 17.44
CA PRO E 345 -16.70 -30.71 17.40
C PRO E 345 -17.43 -31.30 16.20
N PRO E 346 -18.69 -31.65 16.35
CA PRO E 346 -19.40 -32.34 15.26
C PRO E 346 -19.69 -31.44 14.08
N TYR E 347 -20.06 -32.07 12.98
CA TYR E 347 -20.53 -31.39 11.78
C TYR E 347 -21.99 -31.75 11.54
N THR E 348 -22.73 -30.81 10.97
CA THR E 348 -24.09 -31.09 10.56
C THR E 348 -24.10 -31.75 9.19
N ALA E 349 -25.29 -32.22 8.79
CA ALA E 349 -25.42 -32.82 7.47
C ALA E 349 -25.09 -31.82 6.38
N ALA E 350 -25.53 -30.57 6.54
CA ALA E 350 -25.28 -29.55 5.54
C ALA E 350 -23.82 -29.11 5.48
N SER E 351 -23.03 -29.40 6.52
CA SER E 351 -21.66 -28.94 6.60
C SER E 351 -20.64 -30.06 6.59
N ALA E 352 -21.07 -31.32 6.53
CA ALA E 352 -20.12 -32.43 6.59
C ALA E 352 -19.15 -32.38 5.42
N GLN E 353 -19.57 -31.82 4.29
CA GLN E 353 -18.70 -31.71 3.12
C GLN E 353 -17.53 -30.77 3.34
N PHE E 354 -17.57 -29.92 4.37
CA PHE E 354 -16.51 -28.97 4.63
C PHE E 354 -15.46 -29.48 5.60
N ARG E 355 -15.59 -30.72 6.06
CA ARG E 355 -14.55 -31.32 6.87
C ARG E 355 -13.33 -31.61 6.01
N ARG E 356 -12.17 -31.08 6.40
CA ARG E 356 -10.97 -31.13 5.59
C ARG E 356 -9.82 -31.71 6.40
N ALA E 357 -8.90 -32.36 5.69
CA ALA E 357 -7.63 -32.74 6.28
C ALA E 357 -6.71 -31.53 6.36
N SER E 358 -5.86 -31.53 7.37
CA SER E 358 -4.96 -30.40 7.58
C SER E 358 -3.97 -30.28 6.43
N PHE E 359 -3.70 -29.04 6.04
CA PHE E 359 -2.61 -28.76 5.11
C PHE E 359 -1.31 -28.73 5.89
N MET E 360 -0.39 -29.63 5.56
CA MET E 360 0.84 -29.80 6.31
C MET E 360 2.01 -29.02 5.73
N GLY E 361 1.81 -28.27 4.67
CA GLY E 361 2.88 -27.57 4.02
C GLY E 361 3.10 -28.09 2.61
N SER E 362 3.69 -27.24 1.77
CA SER E 362 3.87 -27.59 0.37
C SER E 362 4.99 -28.60 0.15
N THR E 363 5.85 -28.81 1.15
CA THR E 363 6.95 -29.74 1.04
C THR E 363 6.62 -31.12 1.59
N PHE E 364 5.38 -31.33 2.05
CA PHE E 364 5.04 -32.58 2.72
C PHE E 364 5.20 -33.79 1.81
N ASN E 365 4.80 -33.68 0.56
CA ASN E 365 4.71 -34.82 -0.34
C ASN E 365 5.96 -34.98 -1.21
N ILE E 366 7.03 -34.22 -0.95
CA ILE E 366 8.28 -34.41 -1.67
C ILE E 366 8.84 -35.79 -1.33
N SER E 367 9.33 -36.47 -2.35
CA SER E 367 9.86 -37.83 -2.21
C SER E 367 11.37 -37.83 -2.42
N LEU E 368 12.09 -38.51 -1.52
CA LEU E 368 13.53 -38.62 -1.59
C LEU E 368 13.95 -40.05 -1.34
N ASN E 369 15.03 -40.48 -1.97
CA ASN E 369 15.55 -41.81 -1.77
C ASN E 369 16.31 -41.90 -0.46
N LYS E 370 16.73 -43.11 -0.11
CA LYS E 370 17.52 -43.30 1.09
C LYS E 370 18.87 -42.61 0.99
N GLU E 371 19.50 -42.68 -0.18
CA GLU E 371 20.77 -41.98 -0.38
C GLU E 371 20.61 -40.47 -0.25
N GLU E 372 19.54 -39.91 -0.83
CA GLU E 372 19.37 -38.47 -0.83
C GLU E 372 19.24 -37.91 0.59
N MET E 373 18.62 -38.67 1.49
CA MET E 373 18.32 -38.18 2.83
C MET E 373 19.46 -38.36 3.82
N GLU E 374 20.60 -38.91 3.39
CA GLU E 374 21.71 -39.15 4.30
C GLU E 374 22.54 -37.89 4.47
N PHE E 375 22.82 -37.54 5.73
CA PHE E 375 23.67 -36.41 6.01
C PHE E 375 25.10 -36.69 5.55
N GLN E 376 25.74 -35.70 4.96
CA GLN E 376 27.12 -35.81 4.55
C GLN E 376 28.03 -35.18 5.59
N PRO E 377 29.27 -35.67 5.74
CA PRO E 377 30.20 -35.07 6.70
C PRO E 377 30.78 -33.74 6.22
CA CA F . 10.38 -20.20 -7.23
C32 MC3 G . 22.26 -25.27 -20.67
C33 MC3 G . 21.23 -25.33 -21.79
C34 MC3 G . 21.56 -24.27 -22.83
C35 MC3 G . 20.54 -24.38 -23.98
C36 MC3 G . 20.42 -23.04 -24.71
C1 MC3 H . 27.70 -18.39 -15.16
C2 MC3 H . 28.14 -18.84 -16.55
C3 MC3 H . 27.52 -20.19 -16.89
C11 MC3 H . 26.58 -21.41 -18.68
C12 MC3 H . 26.27 -21.62 -20.16
C13 MC3 H . 25.90 -20.27 -20.79
C14 MC3 H . 24.53 -20.31 -21.44
C15 MC3 H . 24.63 -20.91 -22.85
C16 MC3 H . 24.75 -19.78 -23.87
C17 MC3 H . 23.37 -19.19 -24.17
C18 MC3 H . 22.60 -20.12 -25.11
C19 MC3 H . 21.44 -19.36 -25.77
C20 MC3 H . 20.34 -19.10 -24.75
C21 MC3 H . 19.04 -19.79 -25.21
C22 MC3 H . 18.36 -18.97 -26.29
C23 MC3 H . 17.49 -17.89 -25.65
C24 MC3 H . 17.54 -16.64 -26.52
C31 MC3 H . 28.75 -17.17 -18.10
C32 MC3 H . 28.57 -15.67 -18.32
C33 MC3 H . 27.17 -15.41 -18.84
C34 MC3 H . 27.16 -15.55 -20.35
C35 MC3 H . 25.72 -15.56 -20.84
C36 MC3 H . 25.59 -14.60 -22.03
C37 MC3 H . 24.35 -14.95 -22.84
C38 MC3 H . 23.90 -13.72 -23.62
C39 MC3 H . 23.22 -14.14 -24.92
C40 MC3 H . 22.16 -15.19 -24.61
C41 MC3 H . 21.09 -15.19 -25.70
C42 MC3 H . 21.71 -15.59 -27.03
O2 MC3 H . 27.73 -17.90 -17.50
O3 MC3 H . 27.28 -20.27 -18.27
O11 MC3 H . 26.24 -22.22 -17.89
O31 MC3 H . 29.75 -17.70 -18.45
O1P MC3 H . 25.21 -15.50 -14.51
O2P MC3 H . 27.45 -15.12 -15.43
O3P MC3 H . 26.57 -17.55 -15.26
O4P MC3 H . 27.26 -16.13 -13.08
P MC3 H . 26.61 -16.05 -14.59
C31 MC3 I . -5.99 -28.64 -46.19
C32 MC3 I . -5.99 -27.12 -46.13
C33 MC3 I . -6.46 -26.67 -44.75
C34 MC3 I . -5.43 -25.75 -44.10
C35 MC3 I . -4.20 -26.55 -43.65
C36 MC3 I . -4.46 -27.24 -42.32
C37 MC3 I . -4.20 -26.29 -41.16
C38 MC3 I . -2.70 -26.16 -40.90
C39 MC3 I . -2.44 -26.20 -39.40
C40 MC3 I . -3.22 -25.08 -38.70
C41 MC3 I . -2.45 -24.57 -37.49
C42 MC3 I . -2.52 -25.57 -36.34
C43 MC3 I . -1.51 -25.19 -35.26
C44 MC3 I . -2.08 -24.08 -34.37
C33 MC3 J . 10.46 -32.61 -19.38
C34 MC3 J . 11.53 -32.38 -20.45
C35 MC3 J . 11.16 -33.13 -21.73
C36 MC3 J . 9.88 -32.54 -22.33
C37 MC3 J . 10.15 -32.13 -23.77
C38 MC3 J . 8.90 -31.50 -24.36
C39 MC3 J . 8.86 -31.72 -25.87
C40 MC3 J . 7.74 -30.88 -26.47
C41 MC3 J . 7.13 -31.60 -27.67
C42 MC3 J . 6.43 -30.58 -28.59
C43 MC3 J . 5.07 -30.89 -27.95
C44 MC3 J . 4.07 -29.83 -28.41
C31 MC3 K . 13.47 -21.59 -47.77
C32 MC3 K . 13.71 -22.81 -46.88
C33 MC3 K . 15.02 -22.64 -46.12
C34 MC3 K . 14.82 -21.69 -44.94
C35 MC3 K . 14.40 -22.45 -43.69
C36 MC3 K . 15.52 -22.39 -42.66
C37 MC3 K . 15.02 -22.95 -41.32
C38 MC3 K . 16.05 -22.65 -40.24
C39 MC3 K . 15.55 -21.51 -39.36
C40 MC3 K . 16.51 -21.28 -38.20
C41 MC3 K . 16.16 -19.96 -37.53
C42 MC3 K . 16.74 -19.91 -36.12
C43 MC3 K . 16.55 -18.51 -35.55
C44 MC3 K . 16.88 -18.51 -34.05
C33 MC3 L . 17.05 -15.45 -46.19
C34 MC3 L . 17.52 -14.01 -46.05
C35 MC3 L . 16.93 -13.39 -44.80
C36 MC3 L . 17.49 -14.06 -43.55
C37 MC3 L . 17.93 -13.00 -42.55
C38 MC3 L . 17.97 -13.61 -41.15
C39 MC3 L . 18.71 -12.65 -40.21
C40 MC3 L . 18.14 -12.74 -38.80
C41 MC3 L . 18.69 -13.99 -38.10
C42 MC3 L . 20.12 -13.76 -37.63
C31 MC3 M . 28.81 6.76 -18.04
C32 MC3 M . 29.78 5.64 -17.67
C33 MC3 M . 31.21 6.06 -18.03
C34 MC3 M . 31.48 5.84 -19.51
C35 MC3 M . 31.89 7.14 -20.19
C36 MC3 M . 30.65 7.96 -20.53
C37 MC3 M . 30.98 8.97 -21.64
C38 MC3 M . 30.99 8.29 -23.00
C39 MC3 M . 29.67 8.51 -23.70
C40 MC3 M . 29.68 7.83 -25.07
C41 MC3 M . 30.66 8.54 -25.99
C42 MC3 M . 30.04 8.71 -27.38
C43 MC3 M . 29.89 7.36 -28.05
C44 MC3 M . 29.50 7.57 -29.51
C1 MC3 N . 31.62 -0.72 -21.25
C2 MC3 N . 30.65 -1.31 -22.27
C3 MC3 N . 30.36 -2.77 -21.92
C11 MC3 N . 29.07 -4.59 -22.66
C12 MC3 N . 27.55 -4.74 -22.67
C13 MC3 N . 27.09 -5.35 -23.99
C14 MC3 N . 25.61 -5.01 -24.18
C15 MC3 N . 24.92 -6.11 -24.98
C16 MC3 N . 23.60 -5.56 -25.51
C17 MC3 N . 23.84 -4.94 -26.88
C18 MC3 N . 22.55 -4.30 -27.39
C19 MC3 N . 21.54 -5.37 -27.79
C20 MC3 N . 20.33 -5.29 -26.85
C21 MC3 N . 19.41 -6.46 -27.13
C22 MC3 N . 18.05 -5.95 -27.57
C23 MC3 N . 17.18 -7.12 -28.01
C24 MC3 N . 17.59 -7.59 -29.39
C31 MC3 N . 28.76 -0.56 -23.46
C32 MC3 N . 27.58 0.39 -23.65
C33 MC3 N . 26.58 -0.25 -24.61
C34 MC3 N . 25.22 0.44 -24.45
C35 MC3 N . 24.31 0.06 -25.61
C36 MC3 N . 24.33 1.17 -26.67
C37 MC3 N . 23.41 2.31 -26.26
C38 MC3 N . 21.96 1.92 -26.51
C39 MC3 N . 21.36 2.85 -27.57
C40 MC3 N . 20.03 2.28 -28.07
C41 MC3 N . 20.25 1.18 -29.10
C42 MC3 N . 20.83 1.77 -30.39
C43 MC3 N . 22.26 1.28 -30.59
C44 MC3 N . 22.25 -0.15 -31.14
O2 MC3 N . 29.46 -0.58 -22.26
O3 MC3 N . 29.63 -3.35 -22.96
O11 MC3 N . 29.77 -5.51 -22.38
O31 MC3 N . 29.08 -1.27 -24.36
CA CA O . 21.97 4.71 -7.95
C32 MC3 P . 29.75 16.63 -19.99
C33 MC3 P . 29.40 15.84 -21.24
C34 MC3 P . 28.44 16.66 -22.11
C35 MC3 P . 28.15 15.90 -23.38
C36 MC3 P . 26.79 16.33 -23.96
C1 MC3 Q . 25.40 22.86 -12.96
C2 MC3 Q . 25.87 23.38 -14.31
C3 MC3 Q . 26.93 22.44 -14.90
C11 MC3 Q . 27.65 21.51 -16.94
C12 MC3 Q . 27.65 21.41 -18.47
C13 MC3 Q . 26.23 21.60 -18.97
C14 MC3 Q . 25.78 20.42 -19.83
C15 MC3 Q . 26.27 20.57 -21.26
C16 MC3 Q . 25.18 21.23 -22.11
C17 MC3 Q . 24.16 20.18 -22.55
C18 MC3 Q . 24.73 19.34 -23.69
C19 MC3 Q . 23.59 18.61 -24.42
C20 MC3 Q . 23.05 17.48 -23.56
C21 MC3 Q . 23.25 16.13 -24.27
C22 MC3 Q . 22.18 15.95 -25.34
C23 MC3 Q . 20.92 15.36 -24.71
C24 MC3 Q . 19.70 15.94 -25.41
C31 MC3 Q . 24.40 24.75 -15.56
C32 MC3 Q . 22.92 25.09 -15.61
C33 MC3 Q . 22.18 23.94 -16.30
C34 MC3 Q . 22.20 24.17 -17.80
C35 MC3 Q . 21.71 22.90 -18.51
C36 MC3 Q . 20.69 23.30 -19.58
C37 MC3 Q . 20.57 22.17 -20.59
C38 MC3 Q . 19.20 22.27 -21.27
C39 MC3 Q . 19.29 21.73 -22.70
C40 MC3 Q . 19.97 20.37 -22.68
C41 MC3 Q . 19.54 19.57 -23.91
C42 MC3 Q . 20.04 20.26 -25.17
O2 MC3 Q . 24.80 23.46 -15.20
O3 MC3 Q . 26.84 22.44 -16.30
O11 MC3 Q . 28.36 20.80 -16.31
O31 MC3 Q . 25.20 25.58 -15.82
O1P MC3 Q . 21.90 21.32 -12.35
O2P MC3 Q . 22.21 23.68 -12.89
O3P MC3 Q . 24.24 22.08 -13.13
O4P MC3 Q . 23.26 22.78 -10.72
P MC3 Q . 22.88 22.47 -12.29
C31 MC3 R . 22.09 -6.25 -49.63
C32 MC3 R . 20.65 -5.79 -49.39
C33 MC3 R . 20.17 -6.33 -48.05
C34 MC3 R . 19.68 -5.20 -47.15
C35 MC3 R . 20.86 -4.38 -46.62
C36 MC3 R . 21.50 -5.08 -45.44
C37 MC3 R . 20.76 -4.74 -44.14
C38 MC3 R . 21.16 -3.34 -43.66
C39 MC3 R . 21.38 -3.38 -42.14
C40 MC3 R . 20.11 -3.88 -41.45
C41 MC3 R . 19.95 -3.22 -40.09
C42 MC3 R . 20.96 -3.80 -39.09
C43 MC3 R . 20.99 -2.95 -37.83
C44 MC3 R . 19.82 -3.30 -36.91
C33 MC3 S . 32.91 3.10 -21.34
C34 MC3 S . 32.98 4.36 -22.21
C35 MC3 S . 33.49 4.01 -23.60
C36 MC3 S . 32.47 3.11 -24.31
C37 MC3 S . 32.08 3.74 -25.64
C38 MC3 S . 31.03 2.88 -26.32
C39 MC3 S . 31.14 3.04 -27.84
C40 MC3 S . 29.94 2.37 -28.51
C41 MC3 S . 30.34 1.78 -29.85
C42 MC3 S . 29.10 1.61 -30.74
C43 MC3 S . 28.99 0.13 -30.35
C44 MC3 S . 27.63 -0.39 -30.83
C31 MC3 T . 21.68 14.40 -47.47
C32 MC3 T . 22.96 14.08 -46.70
C33 MC3 T . 23.28 15.22 -45.74
C34 MC3 T . 22.39 15.12 -44.51
C35 MC3 T . 23.06 14.26 -43.43
C36 MC3 T . 23.43 15.14 -42.24
C37 MC3 T . 23.88 14.27 -41.07
C38 MC3 T . 24.01 15.14 -39.82
C39 MC3 T . 22.83 14.86 -38.89
C40 MC3 T . 22.99 15.63 -37.58
C41 MC3 T . 21.67 15.59 -36.81
C42 MC3 T . 21.90 15.89 -35.34
C43 MC3 T . 20.56 16.05 -34.64
C44 MC3 T . 20.76 16.08 -33.13
C33 MC3 U . 17.15 19.36 -44.66
C34 MC3 U . 15.96 20.23 -44.29
C35 MC3 U . 15.25 19.63 -43.07
C36 MC3 U . 16.16 19.73 -41.84
C37 MC3 U . 15.37 20.30 -40.66
C38 MC3 U . 16.04 19.89 -39.35
C39 MC3 U . 15.43 20.72 -38.21
C40 MC3 U . 15.43 19.91 -36.91
C41 MC3 U . 16.83 19.90 -36.29
C42 MC3 U . 17.11 21.23 -35.60
C31 MC3 V . 1.85 32.22 -12.64
C32 MC3 V . 3.25 32.71 -12.28
C33 MC3 V . 3.29 34.24 -12.36
C34 MC3 V . 3.50 34.69 -13.81
C35 MC3 V . 2.36 35.60 -14.26
C36 MC3 V . 1.16 34.75 -14.69
C37 MC3 V . 0.24 35.57 -15.59
C38 MC3 V . 0.81 35.62 -17.01
C39 MC3 V . 0.10 34.57 -17.87
C40 MC3 V . 0.67 34.62 -19.29
C41 MC3 V . 0.26 35.92 -19.97
C42 MC3 V . -0.19 35.64 -21.40
C43 MC3 V . 0.99 35.20 -22.24
C44 MC3 V . 0.57 35.15 -23.71
C1 MC3 W . 9.60 33.09 -16.27
C2 MC3 W . 9.78 32.19 -17.48
C3 MC3 W . 11.08 31.41 -17.35
C11 MC3 W . 12.34 29.76 -18.48
C12 MC3 W . 11.99 28.31 -18.75
C13 MC3 W . 12.32 27.92 -20.17
C14 MC3 W . 11.51 26.68 -20.55
C15 MC3 W . 12.26 25.84 -21.56
C16 MC3 W . 11.29 24.85 -22.21
C17 MC3 W . 10.68 25.52 -23.45
C18 MC3 W . 9.63 24.62 -24.07
C19 MC3 W . 10.29 23.41 -24.73
C20 MC3 W . 9.88 22.14 -23.99
C21 MC3 W . 10.67 20.96 -24.53
C22 MC3 W . 9.70 19.93 -25.11
C23 MC3 W . 10.50 18.82 -25.80
C24 MC3 W . 11.00 19.32 -27.16
C31 MC3 W . 8.37 30.87 -18.85
C32 MC3 W . 7.08 30.09 -19.10
C33 MC3 W . 7.29 29.12 -20.26
C34 MC3 W . 6.22 28.05 -20.23
C35 MC3 W . 6.21 27.29 -21.55
C36 MC3 W . 5.10 27.84 -22.45
C37 MC3 W . 3.75 27.26 -22.04
C38 MC3 W . 3.62 25.82 -22.55
C39 MC3 W . 2.49 25.75 -23.57
C40 MC3 W . 2.56 24.42 -24.33
C41 MC3 W . 3.60 24.46 -25.45
C42 MC3 W . 3.15 25.41 -26.55
C43 MC3 W . 4.07 26.64 -26.59
C44 MC3 W . 5.37 26.28 -27.31
O2 MC3 W . 8.70 31.30 -17.57
O3 MC3 W . 11.33 30.73 -18.55
O11 MC3 W . 13.45 30.08 -18.23
O31 MC3 W . 9.09 31.10 -19.76
C1 MC3 X . 6.48 -32.56 -18.69
C2 MC3 X . 5.47 -31.95 -19.65
C3 MC3 X . 4.06 -32.09 -19.07
C11 MC3 X . 1.83 -31.53 -19.55
C12 MC3 X . 1.19 -30.15 -19.63
C13 MC3 X . 0.28 -30.05 -20.85
C14 MC3 X . 0.09 -28.58 -21.19
C15 MC3 X . -1.28 -28.36 -21.83
C16 MC3 X . -1.29 -27.00 -22.53
C17 MC3 X . -0.83 -27.19 -23.98
C18 MC3 X . -0.72 -25.84 -24.67
C19 MC3 X . -2.11 -25.27 -24.93
C20 MC3 X . -2.29 -24.00 -24.11
C21 MC3 X . -3.74 -23.53 -24.23
C22 MC3 X . -3.76 -22.13 -24.85
C23 MC3 X . -5.20 -21.72 -25.12
C24 MC3 X . -5.72 -22.43 -26.37
C31 MC3 X . 5.38 -30.07 -21.08
C32 MC3 X . 5.84 -28.68 -21.51
C33 MC3 X . 4.79 -28.05 -22.41
C34 MC3 X . 5.01 -26.55 -22.46
C35 MC3 X . 4.19 -25.95 -23.59
C36 MC3 X . 5.07 -25.75 -24.82
C37 MC3 X . 5.89 -24.47 -24.68
C38 MC3 X . 5.03 -23.25 -24.96
C39 MC3 X . 5.53 -22.52 -26.20
C40 MC3 X . 4.50 -21.51 -26.67
C41 MC3 X . 3.39 -22.17 -27.48
C42 MC3 X . 3.93 -22.69 -28.80
C43 MC3 X . 3.91 -24.22 -28.83
C44 MC3 X . 2.50 -24.72 -29.11
O2 MC3 X . 5.76 -30.60 -19.85
O3 MC3 X . 3.13 -31.71 -20.03
O11 MC3 X . 1.24 -32.44 -19.07
O31 MC3 X . 4.68 -30.70 -21.81
CA CA Y . -16.55 -16.91 -2.82
C32 MC3 Z . -19.41 -31.28 -14.35
C33 MC3 Z . -19.96 -30.46 -15.50
C34 MC3 Z . -19.03 -30.57 -16.71
C35 MC3 Z . -19.62 -29.79 -17.87
C36 MC3 Z . -18.52 -29.34 -18.83
C1 MC3 AA . -10.39 -33.63 -9.82
C2 MC3 AA . -10.88 -34.35 -11.07
C3 MC3 AA . -12.39 -34.23 -11.21
C11 MC3 AA . -14.10 -33.93 -12.81
C12 MC3 AA . -14.62 -33.87 -14.25
C13 MC3 AA . -13.57 -33.19 -15.13
C14 MC3 AA . -14.16 -31.98 -15.85
C15 MC3 AA . -14.88 -32.43 -17.11
C16 MC3 AA . -13.94 -32.31 -18.31
C17 MC3 AA . -13.89 -30.87 -18.81
C18 MC3 AA . -15.15 -30.53 -19.61
C19 MC3 AA . -14.90 -29.29 -20.47
C20 MC3 AA . -14.88 -28.04 -19.59
C21 MC3 AA . -16.01 -27.09 -19.99
C22 MC3 AA . -15.63 -26.32 -21.24
C23 MC3 AA . -14.80 -25.10 -20.86
C24 MC3 AA . -13.75 -24.85 -21.94
C31 MC3 AA . -9.35 -34.60 -12.87
C32 MC3 AA . -8.04 -33.99 -13.35
C33 MC3 AA . -8.33 -32.64 -13.99
C34 MC3 AA . -8.68 -32.85 -15.46
C35 MC3 AA . -9.23 -31.55 -16.04
C36 MC3 AA . -8.56 -31.28 -17.37
C37 MC3 AA . -9.41 -30.32 -18.19
C38 MC3 AA . -8.52 -29.60 -19.20
C39 MC3 AA . -9.32 -29.24 -20.44
C40 MC3 AA . -10.62 -28.54 -20.03
C41 MC3 AA . -11.11 -27.65 -21.16
C42 MC3 AA . -11.49 -28.53 -22.36
O2 MC3 AA . -10.28 -33.79 -12.21
O3 MC3 AA . -12.75 -34.19 -12.56
O11 MC3 AA . -14.85 -33.77 -11.91
O31 MC3 AA . -9.58 -35.74 -13.05
O1P MC3 AA . -8.41 -30.31 -9.85
O2P MC3 AA . -7.47 -32.42 -10.69
O3P MC3 AA . -9.99 -32.32 -10.14
O4P MC3 AA . -8.13 -32.28 -8.20
P MC3 AA . -8.48 -31.82 -9.75
C31 MC3 BA . -35.53 -8.70 -40.63
C32 MC3 BA . -34.10 -8.21 -40.84
C33 MC3 BA . -33.63 -7.47 -39.60
C34 MC3 BA . -32.34 -8.09 -39.06
C35 MC3 BA . -32.62 -9.44 -38.41
C36 MC3 BA . -33.15 -9.25 -36.99
C37 MC3 BA . -32.00 -9.07 -36.00
C38 MC3 BA . -31.36 -10.41 -35.67
C39 MC3 BA . -31.09 -10.49 -34.17
C40 MC3 BA . -30.19 -9.33 -33.74
C41 MC3 BA . -29.28 -9.75 -32.60
C42 MC3 BA . -30.08 -9.86 -31.29
C43 MC3 BA . -29.23 -10.56 -30.23
C44 MC3 BA . -28.25 -9.57 -29.59
C33 MC3 CA . -29.91 -22.28 -12.54
C34 MC3 CA . -29.51 -23.34 -13.57
C35 MC3 CA . -30.52 -23.37 -14.70
C36 MC3 CA . -30.47 -22.07 -15.49
C37 MC3 CA . -30.21 -22.36 -16.97
C38 MC3 CA . -30.12 -21.05 -17.74
C39 MC3 CA . -30.56 -21.26 -19.17
C40 MC3 CA . -30.23 -20.01 -19.99
C41 MC3 CA . -31.28 -19.80 -21.07
C42 MC3 CA . -30.69 -18.94 -22.20
C43 MC3 CA . -31.32 -17.67 -21.61
C44 MC3 CA . -30.73 -16.46 -22.32
C31 MC3 DA . -22.86 -25.07 -42.19
C32 MC3 DA . -23.78 -25.56 -41.08
C33 MC3 DA . -23.08 -26.66 -40.28
C34 MC3 DA . -22.09 -26.03 -39.31
C35 MC3 DA . -22.75 -25.72 -37.97
C36 MC3 DA . -22.18 -26.64 -36.89
C37 MC3 DA . -22.66 -26.18 -35.52
C38 MC3 DA . -21.89 -26.94 -34.44
C39 MC3 DA . -20.86 -26.00 -33.81
C40 MC3 DA . -20.15 -26.70 -32.65
C41 MC3 DA . -18.93 -25.88 -32.24
C42 MC3 DA . -18.48 -26.24 -30.83
C43 MC3 DA . -17.15 -25.56 -30.54
C44 MC3 DA . -16.83 -25.69 -29.05
C33 MC3 EA . -15.72 -26.34 -41.50
C34 MC3 EA . -14.20 -26.33 -41.60
C35 MC3 EA . -13.63 -25.42 -40.51
C36 MC3 EA . -13.89 -26.02 -39.13
C37 MC3 EA . -12.60 -25.99 -38.31
C38 MC3 EA . -12.94 -26.05 -36.82
C39 MC3 EA . -11.67 -26.34 -36.03
C40 MC3 EA . -11.74 -25.66 -34.65
C41 MC3 EA . -12.62 -26.48 -33.70
C42 MC3 EA . -11.87 -27.70 -33.20
C31 MC3 FA . 13.03 -27.23 -17.06
C32 MC3 FA . 12.35 -28.45 -16.44
C33 MC3 FA . 13.16 -29.70 -16.77
C34 MC3 FA . 12.81 -30.20 -18.17
C35 MC3 FA . 14.07 -30.27 -19.04
C36 MC3 FA . 14.37 -28.88 -19.60
C37 MC3 FA . 15.26 -29.01 -20.84
C38 MC3 FA . 14.42 -29.40 -22.06
C39 MC3 FA . 14.11 -28.16 -22.87
C40 MC3 FA . 13.27 -28.54 -24.10
C41 MC3 FA . 14.11 -29.36 -25.07
C42 MC3 FA . 13.87 -28.88 -26.50
C43 MC3 FA . 12.45 -29.24 -26.93
C44 MC3 FA . 12.31 -28.98 -28.42
CL CL GA . 4.57 -1.29 28.93
CA CA HA . 2.19 23.39 -4.00
C32 MC3 IA . -7.29 36.51 -13.25
C33 MC3 IA . -6.75 36.16 -14.63
C34 MC3 IA . -7.89 35.67 -15.52
C35 MC3 IA . -7.34 35.38 -16.92
C36 MC3 IA . -8.22 34.35 -17.62
C1 MC3 JA . -14.13 33.11 -6.27
C2 MC3 JA . -14.55 33.97 -7.46
C3 MC3 JA . -13.36 34.77 -7.99
C11 MC3 JA . -12.38 35.51 -9.99
C12 MC3 JA . -12.38 35.75 -11.50
C13 MC3 JA . -13.07 34.57 -12.20
C14 MC3 JA . -12.14 33.94 -13.23
C15 MC3 JA . -12.23 34.71 -14.54
C16 MC3 JA . -13.25 34.04 -15.46
C17 MC3 JA . -12.63 32.84 -16.17
C18 MC3 JA . -11.72 33.30 -17.31
C19 MC3 JA . -11.45 32.16 -18.28
C20 MC3 JA . -10.50 31.14 -17.65
C21 MC3 JA . -9.22 31.04 -18.47
C22 MC3 JA . -9.45 30.18 -19.71
C23 MC3 JA . -9.27 28.70 -19.34
C24 MC3 JA . -10.26 27.87 -20.15
C31 MC3 JA . -16.41 33.23 -8.73
C32 MC3 JA . -17.21 31.96 -8.96
C33 MC3 JA . -16.42 31.04 -9.89
C34 MC3 JA . -16.72 31.40 -11.33
C35 MC3 JA . -15.73 30.67 -12.24
C36 MC3 JA . -16.50 30.04 -13.40
C37 MC3 JA . -15.54 29.75 -14.55
C38 MC3 JA . -16.13 28.63 -15.41
C39 MC3 JA . -15.69 28.81 -16.86
C40 MC3 JA . -14.18 29.01 -16.90
C41 MC3 JA . -13.64 28.58 -18.27
C42 MC3 JA . -14.21 29.49 -19.36
O2 MC3 JA . -15.04 33.14 -8.47
O3 MC3 JA . -13.48 34.92 -9.37
O11 MC3 JA . -11.44 35.84 -9.36
O31 MC3 JA . -16.94 34.29 -8.77
O1P MC3 JA . -13.77 29.27 -6.35
O2P MC3 JA . -15.94 30.38 -6.56
O3P MC3 JA . -13.79 31.82 -6.69
O4P MC3 JA . -14.60 30.70 -4.38
P MC3 JA . -14.55 30.52 -6.01
C31 MC3 KA . 9.88 27.53 -46.19
C32 MC3 KA . 8.99 26.30 -46.13
C33 MC3 KA . 9.44 25.43 -44.95
C34 MC3 KA . 8.26 25.17 -44.01
C35 MC3 KA . 7.91 26.43 -43.22
C36 MC3 KA . 8.86 26.61 -42.03
C37 MC3 KA . 8.38 25.79 -40.84
C38 MC3 KA . 7.23 26.51 -40.13
C39 MC3 KA . 7.43 26.43 -38.61
C40 MC3 KA . 7.54 24.97 -38.19
C41 MC3 KA . 6.95 24.78 -36.78
C42 MC3 KA . 7.89 25.35 -35.73
C43 MC3 KA . 7.17 25.43 -34.38
C44 MC3 KA . 7.18 24.07 -33.70
C33 MC3 LA . 6.41 35.50 -15.72
C34 MC3 LA . 5.19 36.11 -16.40
C35 MC3 LA . 5.60 36.72 -17.75
C36 MC3 LA . 6.07 35.62 -18.70
C37 MC3 LA . 5.25 35.69 -19.99
C38 MC3 LA . 5.70 34.57 -20.92
C39 MC3 LA . 5.48 34.98 -22.37
C40 MC3 LA . 5.67 33.77 -23.27
C41 MC3 LA . 6.27 34.22 -24.61
C42 MC3 LA . 5.97 33.15 -25.68
C43 MC3 LA . 7.36 32.52 -25.50
C44 MC3 LA . 7.38 31.18 -26.23
C31 MC3 MA . -9.58 33.17 -41.70
C32 MC3 MA . -8.82 34.13 -40.78
C33 MC3 MA . -9.74 34.62 -39.67
C34 MC3 MA . -9.85 33.53 -38.59
C35 MC3 MA . -8.75 33.69 -37.54
C36 MC3 MA . -9.38 34.10 -36.21
C37 MC3 MA . -8.34 34.05 -35.10
C38 MC3 MA . -9.03 34.21 -33.76
C39 MC3 MA . -9.10 32.86 -33.05
C40 MC3 MA . -9.68 33.01 -31.65
C41 MC3 MA . -10.03 31.64 -31.10
C42 MC3 MA . -10.14 31.68 -29.58
C43 MC3 MA . -10.68 30.36 -29.07
C44 MC3 MA . -10.55 30.28 -27.55
C33 MC3 NA . -15.56 29.98 -39.02
C34 MC3 NA . -16.75 29.07 -38.72
C35 MC3 NA . -16.34 28.01 -37.70
C36 MC3 NA . -16.06 28.67 -36.36
C37 MC3 NA . -16.77 27.90 -35.26
C38 MC3 NA . -16.08 28.16 -33.91
C39 MC3 NA . -16.98 27.65 -32.78
C40 MC3 NA . -16.13 27.16 -31.61
C41 MC3 NA . -15.63 28.35 -30.80
C42 MC3 NA . -16.75 28.90 -29.90
C31 MC3 OA . -30.61 13.97 -8.32
C32 MC3 OA . -30.59 15.37 -7.71
C33 MC3 OA . -32.02 15.89 -7.61
C34 MC3 OA . -32.47 16.49 -8.94
C35 MC3 OA . -33.73 15.78 -9.44
C36 MC3 OA . -33.34 14.48 -10.14
C37 MC3 OA . -34.48 14.03 -11.06
C38 MC3 OA . -34.43 14.83 -12.36
C39 MC3 OA . -33.73 14.01 -13.44
C40 MC3 OA . -33.68 14.80 -14.75
C41 MC3 OA . -35.08 14.94 -15.33
C42 MC3 OA . -35.06 14.69 -16.82
C43 MC3 OA . -34.32 15.81 -17.54
C44 MC3 OA . -34.51 15.67 -19.04
C1 MC3 PA . -29.13 22.14 -10.64
C2 MC3 PA . -28.30 22.24 -11.91
C3 MC3 PA . -27.12 23.19 -11.68
C11 MC3 PA . -25.24 24.05 -12.80
C12 MC3 PA . -23.99 23.32 -13.28
C13 MC3 PA . -23.62 23.77 -14.68
C14 MC3 PA . -22.74 22.69 -15.31
C15 MC3 PA . -21.76 23.32 -16.29
C16 MC3 PA . -21.20 22.22 -17.20
C17 MC3 PA . -22.09 22.08 -18.42
C18 MC3 PA . -21.62 20.91 -19.30
C19 MC3 PA . -20.31 21.28 -19.98
C20 MC3 PA . -19.21 20.37 -19.47
C21 MC3 PA . -17.87 20.84 -20.02
C22 MC3 PA . -17.25 19.72 -20.86
C23 MC3 PA . -15.99 20.24 -21.54
C24 MC3 PA . -16.38 21.10 -22.75
C31 MC3 PA . -27.60 20.76 -13.62
C32 MC3 PA . -27.29 19.37 -14.14
C33 MC3 PA . -26.40 19.47 -15.36
C34 MC3 PA . -25.73 18.12 -15.62
C35 MC3 PA . -25.10 18.11 -17.01
C36 MC3 PA . -26.04 17.41 -17.99
C37 MC3 PA . -25.91 15.89 -17.86
C38 MC3 PA . -24.63 15.42 -18.55
C39 MC3 PA . -24.99 14.52 -19.73
C40 MC3 PA . -23.76 14.30 -20.61
C41 MC3 PA . -23.54 15.49 -21.55
C42 MC3 PA . -24.65 15.57 -22.59
C43 MC3 PA . -25.51 16.81 -22.35
C44 MC3 PA . -24.80 18.05 -22.90
O2 MC3 PA . -27.81 20.98 -12.25
O3 MC3 PA . -26.49 23.42 -12.90
O11 MC3 PA . -25.16 25.15 -12.35
O31 MC3 PA . -27.64 21.67 -14.38
C1 MC3 QA . -31.06 -18.43 -12.13
C2 MC3 QA . -30.97 -17.40 -13.25
C3 MC3 QA . -31.45 -16.04 -12.74
C11 MC3 QA . -31.74 -13.82 -13.46
C12 MC3 QA . -30.66 -12.80 -13.83
C13 MC3 QA . -31.05 -12.05 -15.10
C14 MC3 QA . -29.79 -11.45 -15.72
C15 MC3 QA . -30.13 -10.17 -16.46
C16 MC3 QA . -28.96 -9.83 -17.40
C17 MC3 QA . -29.20 -10.49 -18.75
C18 MC3 QA . -28.01 -10.26 -19.66
C19 MC3 QA . -27.97 -8.80 -20.11
C20 MC3 QA . -26.72 -8.14 -19.55
C21 MC3 QA . -26.76 -6.65 -19.84
C22 MC3 QA . -25.56 -6.27 -20.69
C23 MC3 QA . -25.68 -4.81 -21.13
C24 MC3 QA . -26.71 -4.69 -22.27
C31 MC3 QA . -29.46 -16.89 -15.00
C32 MC3 QA . -28.07 -16.95 -15.63
C33 MC3 QA . -27.95 -15.87 -16.69
C34 MC3 QA . -26.48 -15.62 -17.00
C35 MC3 QA . -26.35 -14.79 -18.27
C36 MC3 QA . -26.07 -15.70 -19.45
C37 MC3 QA . -24.58 -16.08 -19.49
C38 MC3 QA . -23.77 -14.91 -20.04
C39 MC3 QA . -23.11 -15.31 -21.35
C40 MC3 QA . -22.56 -14.08 -22.06
C41 MC3 QA . -23.66 -13.33 -22.81
C42 MC3 QA . -24.17 -14.16 -23.98
C43 MC3 QA . -25.61 -14.61 -23.73
C44 MC3 QA . -26.57 -13.46 -24.02
O2 MC3 QA . -29.63 -17.28 -13.66
O3 MC3 QA . -31.55 -15.15 -13.82
O11 MC3 QA . -32.71 -13.48 -12.87
O31 MC3 QA . -30.37 -16.52 -15.64
CA CA RA . -21.60 10.02 -0.82
C32 MC3 SA . -37.66 6.90 -9.76
C33 MC3 SA . -37.25 7.54 -11.09
C34 MC3 SA . -37.22 6.49 -12.18
C35 MC3 SA . -36.85 7.15 -13.51
C36 MC3 SA . -36.23 6.13 -14.45
C1 MC3 TA . -36.24 -1.79 -4.33
C2 MC3 TA . -37.27 -1.71 -5.46
C3 MC3 TA . -37.66 -0.25 -5.70
C11 MC3 TA . -38.18 1.26 -7.44
C12 MC3 TA . -38.50 1.59 -8.90
C13 MC3 TA . -37.65 0.71 -9.82
C14 MC3 TA . -36.82 1.56 -10.77
C15 MC3 TA . -37.66 1.95 -11.98
C16 MC3 TA . -37.42 0.96 -13.12
C17 MC3 TA . -36.13 1.29 -13.86
C18 MC3 TA . -36.34 2.48 -14.79
C19 MC3 TA . -35.24 2.55 -15.84
C20 MC3 TA . -33.94 3.02 -15.20
C21 MC3 TA . -33.47 4.33 -15.83
C22 MC3 TA . -32.81 4.06 -17.18
C23 MC3 TA . -31.34 3.71 -16.97
C24 MC3 TA . -30.93 2.67 -18.01
C31 MC3 TA . -37.26 -3.44 -7.07
C32 MC3 TA . -36.34 -4.55 -7.57
C33 MC3 TA . -35.28 -3.92 -8.45
C34 MC3 TA . -35.80 -3.83 -9.89
C35 MC3 TA . -34.86 -2.98 -10.72
C36 MC3 TA . -34.57 -3.69 -12.04
C37 MC3 TA . -34.06 -2.68 -13.06
C38 MC3 TA . -33.26 -3.42 -14.12
C39 MC3 TA . -33.37 -2.69 -15.46
C40 MC3 TA . -33.07 -1.21 -15.26
C41 MC3 TA . -32.58 -0.60 -16.58
C42 MC3 TA . -33.69 -0.66 -17.62
O2 MC3 TA . -36.71 -2.24 -6.62
O3 MC3 TA . -37.93 -0.07 -7.06
O11 MC3 TA . -38.14 2.12 -6.64
O31 MC3 TA . -38.42 -3.60 -7.06
O1P MC3 TA . -32.51 -2.63 -4.81
O2P MC3 TA . -34.28 -4.28 -5.20
O3P MC3 TA . -34.94 -1.80 -4.84
O4P MC3 TA . -33.99 -3.32 -2.83
P MC3 TA . -33.91 -3.03 -4.45
C31 MC3 UA . -25.73 26.01 -40.63
C32 MC3 UA . -24.84 24.78 -40.85
C33 MC3 UA . -23.81 24.72 -39.73
C34 MC3 UA . -23.88 23.37 -39.00
C35 MC3 UA . -25.14 23.29 -38.13
C36 MC3 UA . -24.91 24.03 -36.81
C37 MC3 UA . -24.23 23.12 -35.80
C38 MC3 UA . -25.22 22.13 -35.19
C39 MC3 UA . -24.99 22.03 -33.68
C40 MC3 UA . -23.55 21.60 -33.42
C41 MC3 UA . -23.47 20.74 -32.16
C42 MC3 UA . -23.65 21.61 -30.91
C43 MC3 UA . -23.86 20.72 -29.68
C44 MC3 UA . -22.53 20.18 -29.18
C33 MC3 VA . -32.41 19.81 -10.28
C34 MC3 VA . -33.42 18.99 -11.06
C35 MC3 VA . -33.95 19.79 -12.25
C36 MC3 VA . -32.82 20.06 -13.25
C37 MC3 VA . -33.24 19.55 -14.62
C38 MC3 VA . -32.09 19.77 -15.60
C39 MC3 VA . -32.65 19.97 -17.02
C40 MC3 VA . -31.50 19.94 -18.01
C41 MC3 VA . -31.80 20.87 -19.19
C42 MC3 VA . -30.97 20.45 -20.40
C43 MC3 VA . -29.91 21.51 -20.10
C44 MC3 VA . -28.69 21.24 -20.97
C31 MC3 WA . -37.10 8.78 -38.43
C32 MC3 WA . -37.70 9.64 -37.31
C33 MC3 WA . -38.37 8.73 -36.29
C34 MC3 WA . -37.32 8.10 -35.38
C35 MC3 WA . -37.05 8.99 -34.17
C36 MC3 WA . -37.56 8.29 -32.90
C37 MC3 WA . -37.10 9.04 -31.67
C38 MC3 WA . -37.39 8.21 -30.43
C39 MC3 WA . -36.09 7.60 -29.90
C40 MC3 WA . -36.33 6.85 -28.60
C41 MC3 WA . -35.11 6.00 -28.28
C42 MC3 WA . -35.09 5.64 -26.80
C43 MC3 WA . -33.98 4.63 -26.53
C44 MC3 WA . -33.77 4.46 -25.03
C33 MC3 XA . -35.87 1.74 -37.07
C34 MC3 XA . -35.37 0.30 -37.06
C35 MC3 XA . -34.17 0.17 -36.12
C36 MC3 XA . -34.61 0.39 -34.68
C37 MC3 XA . -34.04 -0.71 -33.79
C38 MC3 XA . -33.99 -0.23 -32.35
C39 MC3 XA . -33.73 -1.43 -31.43
C40 MC3 XA . -32.92 -1.00 -30.21
C41 MC3 XA . -33.83 -0.30 -29.20
C42 MC3 XA . -34.64 -1.33 -28.42
C31 MC3 YA . -23.70 -22.76 -11.05
C32 MC3 YA . -24.97 -22.41 -10.28
C33 MC3 YA . -25.92 -23.61 -10.32
C34 MC3 YA . -26.72 -23.61 -11.63
C35 MC3 YA . -26.49 -24.91 -12.39
C36 MC3 YA . -25.19 -24.84 -13.18
C37 MC3 YA . -25.19 -25.86 -14.31
C38 MC3 YA . -26.02 -25.34 -15.48
C39 MC3 YA . -25.08 -24.75 -16.54
C40 MC3 YA . -25.89 -24.22 -17.71
C41 MC3 YA . -26.52 -25.39 -18.47
C42 MC3 YA . -26.37 -25.18 -19.97
C43 MC3 YA . -27.23 -24.00 -20.42
C44 MC3 YA . -27.26 -23.96 -21.94
#